data_5FJW
#
_entry.id   5FJW
#
_cell.length_a   68.406
_cell.length_b   79.298
_cell.length_c   163.346
_cell.angle_alpha   79.71
_cell.angle_beta   87.50
_cell.angle_gamma   83.60
#
_symmetry.space_group_name_H-M   'P 1'
#
loop_
_entity.id
_entity.type
_entity.pdbx_description
1 polymer 'COATOMER SUBUNIT DELTA'
2 polymer 'PROTEIN TRANSPORT PROTEIN DSL1'
3 water water
#
loop_
_entity_poly.entity_id
_entity_poly.type
_entity_poly.pdbx_seq_one_letter_code
_entity_poly.pdbx_strand_id
1 'polypeptide(L)'
;GPLGSEEDVPENNGILISIKEVINAEFSRDGTIHSSELKGVLELRINDHDLSHSNLKLADSIDVRDKSFQFKTHPNIDKQ
SFLSTKLISLRDKSKAFPANDQSLGVLRWRKVAPAEDDSLIPLTLTTAVSPSESQQGFDVIIEYESVLETELADVIFTIP
VFPQEPVDINTESSTCSDAEVVN(MSE)DQE(MSE)GTSIKISKIAANDAGALAFTIEAPYEDALYP(MSE)TVSFQEST
RDKLAKSFTG(MSE)AIQSVV(MSE)ANDHDQELPYDVITSLKSDEYLVQ
;
A,B,C,D,E,F,G,H
2 'polypeptide(L)' DDWNWE(MSE)ED L,M,N,O,P,Q,R,S
#
# COMPACT_ATOMS: atom_id res chain seq x y z
N ASP A 8 -12.75 -31.20 57.84
CA ASP A 8 -12.20 -32.47 58.41
C ASP A 8 -12.65 -32.74 59.86
N VAL A 9 -12.42 -34.00 60.28
CA VAL A 9 -12.42 -34.46 61.68
C VAL A 9 -11.26 -35.49 61.73
N PRO A 10 -10.01 -35.01 61.60
CA PRO A 10 -8.90 -35.77 60.99
C PRO A 10 -8.68 -37.18 61.52
N GLU A 11 -7.98 -37.98 60.73
CA GLU A 11 -7.95 -39.41 60.96
C GLU A 11 -7.03 -39.69 62.14
N ASN A 12 -7.40 -40.66 62.98
CA ASN A 12 -6.54 -41.13 64.08
C ASN A 12 -6.12 -42.60 63.89
N ASN A 13 -4.80 -42.84 63.85
CA ASN A 13 -4.25 -44.20 63.78
C ASN A 13 -3.79 -44.73 65.14
N GLY A 14 -4.45 -44.34 66.22
CA GLY A 14 -4.05 -44.77 67.57
C GLY A 14 -4.05 -43.61 68.54
N ILE A 15 -2.92 -42.91 68.58
CA ILE A 15 -2.71 -41.73 69.40
C ILE A 15 -2.54 -40.57 68.43
N LEU A 16 -3.35 -39.52 68.58
CA LEU A 16 -3.18 -38.28 67.82
C LEU A 16 -3.10 -37.07 68.73
N ILE A 17 -2.07 -36.27 68.55
CA ILE A 17 -1.84 -35.10 69.39
C ILE A 17 -2.11 -33.85 68.57
N SER A 18 -2.86 -32.92 69.11
CA SER A 18 -3.20 -31.70 68.38
C SER A 18 -2.76 -30.51 69.17
N ILE A 19 -2.06 -29.58 68.52
CA ILE A 19 -1.57 -28.36 69.16
C ILE A 19 -2.18 -27.16 68.47
N LYS A 20 -3.22 -26.61 69.08
CA LYS A 20 -4.01 -25.57 68.45
C LYS A 20 -3.73 -24.24 69.10
N GLU A 21 -3.34 -23.28 68.30
CA GLU A 21 -3.11 -21.96 68.76
C GLU A 21 -4.01 -21.04 67.94
N VAL A 22 -4.48 -19.99 68.62
CA VAL A 22 -5.35 -18.97 68.06
C VAL A 22 -4.79 -17.61 68.42
N ILE A 23 -4.77 -16.69 67.47
CA ILE A 23 -4.11 -15.41 67.66
C ILE A 23 -5.08 -14.25 67.39
N ASN A 24 -5.26 -13.38 68.38
CA ASN A 24 -5.91 -12.09 68.28
C ASN A 24 -4.83 -11.00 68.18
N ALA A 25 -5.12 -9.93 67.46
CA ALA A 25 -4.14 -8.88 67.25
C ALA A 25 -4.84 -7.64 66.73
N GLU A 26 -4.66 -6.51 67.40
CA GLU A 26 -5.20 -5.24 66.93
C GLU A 26 -4.05 -4.29 66.62
N PHE A 27 -4.06 -3.69 65.43
CA PHE A 27 -3.11 -2.67 65.02
C PHE A 27 -3.82 -1.33 64.78
N SER A 28 -3.12 -0.23 65.00
CA SER A 28 -3.47 1.08 64.48
C SER A 28 -3.39 1.03 62.98
N ARG A 29 -3.96 2.05 62.34
CA ARG A 29 -3.99 2.09 60.90
C ARG A 29 -2.59 2.09 60.30
N ASP A 30 -1.72 2.94 60.87
CA ASP A 30 -0.30 3.05 60.46
C ASP A 30 0.55 1.79 60.65
N GLY A 31 0.14 0.90 61.54
CA GLY A 31 0.80 -0.39 61.78
C GLY A 31 1.31 -0.65 63.21
N THR A 32 1.10 0.29 64.12
CA THR A 32 1.57 0.14 65.48
C THR A 32 0.69 -0.89 66.16
N ILE A 33 1.29 -1.95 66.69
CA ILE A 33 0.55 -2.98 67.42
C ILE A 33 -0.06 -2.36 68.68
N HIS A 34 -1.36 -2.53 68.89
CA HIS A 34 -2.04 -2.02 70.05
C HIS A 34 -2.16 -3.12 71.12
N SER A 35 -2.32 -4.36 70.67
CA SER A 35 -2.59 -5.51 71.56
C SER A 35 -2.47 -6.80 70.81
N SER A 36 -2.34 -7.90 71.53
CA SER A 36 -2.32 -9.24 70.91
C SER A 36 -2.43 -10.25 71.98
N GLU A 37 -3.13 -11.32 71.69
CA GLU A 37 -3.37 -12.35 72.66
C GLU A 37 -3.30 -13.65 71.92
N LEU A 38 -2.68 -14.64 72.52
CA LEU A 38 -2.49 -15.90 71.87
C LEU A 38 -3.00 -16.94 72.83
N LYS A 39 -3.94 -17.78 72.42
CA LYS A 39 -4.41 -18.85 73.25
C LYS A 39 -4.04 -20.16 72.57
N GLY A 40 -3.53 -21.10 73.36
CA GLY A 40 -3.15 -22.41 72.93
C GLY A 40 -3.76 -23.53 73.77
N VAL A 41 -3.83 -24.71 73.15
CA VAL A 41 -4.18 -25.92 73.84
C VAL A 41 -3.44 -27.08 73.16
N LEU A 42 -3.22 -28.13 73.94
CA LEU A 42 -2.67 -29.38 73.48
C LEU A 42 -3.73 -30.38 73.91
N GLU A 43 -4.21 -31.14 72.91
CA GLU A 43 -5.22 -32.16 73.11
C GLU A 43 -4.70 -33.49 72.63
N LEU A 44 -5.25 -34.54 73.21
CA LEU A 44 -4.81 -35.90 73.04
C LEU A 44 -6.07 -36.70 72.69
N ARG A 45 -6.08 -37.31 71.51
CA ARG A 45 -7.07 -38.31 71.11
C ARG A 45 -6.41 -39.70 71.01
N ILE A 46 -7.02 -40.68 71.69
CA ILE A 46 -6.54 -42.08 71.70
C ILE A 46 -7.68 -43.02 71.33
N ASN A 47 -7.48 -43.91 70.34
CA ASN A 47 -8.54 -44.88 69.94
C ASN A 47 -8.09 -46.35 69.97
N ASP A 48 -7.23 -46.68 70.91
CA ASP A 48 -6.58 -47.97 70.96
C ASP A 48 -6.33 -48.22 72.43
N HIS A 49 -7.02 -49.21 73.02
CA HIS A 49 -6.84 -49.49 74.43
C HIS A 49 -5.36 -49.88 74.78
N ASP A 50 -4.58 -50.36 73.81
CA ASP A 50 -3.15 -50.64 74.06
C ASP A 50 -2.31 -49.37 74.31
N LEU A 51 -2.80 -48.21 73.85
CA LEU A 51 -2.09 -46.94 74.02
C LEU A 51 -2.61 -46.06 75.17
N SER A 52 -3.70 -46.49 75.80
CA SER A 52 -4.23 -45.89 77.04
C SER A 52 -3.21 -45.46 78.10
N HIS A 53 -2.13 -46.22 78.29
CA HIS A 53 -1.17 -45.93 79.38
C HIS A 53 0.04 -45.18 78.85
N SER A 54 -0.20 -44.15 78.04
CA SER A 54 0.85 -43.33 77.46
C SER A 54 1.11 -42.04 78.26
N ASN A 55 2.23 -41.41 77.95
CA ASN A 55 2.72 -40.20 78.60
C ASN A 55 3.40 -39.41 77.47
N LEU A 56 3.02 -38.16 77.30
CA LEU A 56 3.63 -37.36 76.25
C LEU A 56 4.82 -36.73 76.89
N LYS A 57 5.87 -36.47 76.14
CA LYS A 57 6.84 -35.56 76.68
C LYS A 57 7.21 -34.42 75.78
N LEU A 58 7.16 -33.22 76.32
CA LEU A 58 7.26 -32.05 75.51
C LEU A 58 8.68 -31.78 75.16
N ALA A 59 8.87 -30.98 74.11
CA ALA A 59 10.20 -30.65 73.60
C ALA A 59 11.05 -30.07 74.68
N ASP A 60 12.29 -30.51 74.77
CA ASP A 60 13.20 -29.93 75.78
C ASP A 60 13.44 -28.40 75.61
N SER A 61 13.06 -27.82 74.48
CA SER A 61 13.25 -26.39 74.24
C SER A 61 12.20 -25.41 74.82
N ILE A 62 11.23 -25.89 75.59
CA ILE A 62 10.12 -25.06 76.06
C ILE A 62 10.41 -24.75 77.50
N ASP A 63 10.20 -23.51 77.92
CA ASP A 63 10.32 -23.19 79.34
C ASP A 63 8.94 -23.41 79.91
N VAL A 64 8.74 -24.54 80.61
CA VAL A 64 7.42 -24.78 81.19
C VAL A 64 7.11 -24.00 82.45
N ARG A 65 8.10 -23.27 82.98
CA ARG A 65 7.89 -22.44 84.15
C ARG A 65 7.72 -20.97 83.81
N ASP A 66 7.88 -20.62 82.54
CA ASP A 66 7.75 -19.24 82.09
C ASP A 66 6.34 -18.78 82.36
N LYS A 67 6.19 -17.81 83.23
CA LYS A 67 4.87 -17.45 83.70
C LYS A 67 4.09 -16.69 82.61
N SER A 68 4.76 -16.13 81.61
CA SER A 68 4.07 -15.38 80.58
C SER A 68 3.14 -16.21 79.71
N PHE A 69 3.40 -17.52 79.63
CA PHE A 69 2.51 -18.46 78.94
C PHE A 69 1.33 -18.91 79.78
N GLN A 70 1.28 -18.58 81.07
CA GLN A 70 0.17 -18.99 81.95
C GLN A 70 -0.22 -20.45 81.72
N PHE A 71 0.76 -21.33 81.86
CA PHE A 71 0.51 -22.74 81.57
C PHE A 71 -0.48 -23.26 82.58
N LYS A 72 -1.42 -24.09 82.14
CA LYS A 72 -2.43 -24.63 83.03
C LYS A 72 -2.71 -26.08 82.60
N THR A 73 -2.27 -27.03 83.43
CA THR A 73 -2.49 -28.43 83.13
C THR A 73 -3.90 -28.75 83.54
N HIS A 74 -4.58 -29.58 82.78
CA HIS A 74 -5.88 -30.11 83.18
C HIS A 74 -5.78 -30.85 84.53
N PRO A 75 -6.89 -30.95 85.31
CA PRO A 75 -6.72 -31.40 86.69
C PRO A 75 -6.29 -32.87 86.86
N ASN A 76 -6.84 -33.74 86.03
CA ASN A 76 -6.35 -35.11 85.90
C ASN A 76 -4.86 -35.26 85.61
N ILE A 77 -4.21 -34.26 85.01
CA ILE A 77 -2.76 -34.33 84.75
C ILE A 77 -1.93 -33.93 85.98
N ASP A 78 -0.73 -34.54 86.11
CA ASP A 78 0.19 -34.27 87.24
C ASP A 78 1.03 -33.01 87.01
N LYS A 79 0.66 -31.93 87.69
CA LYS A 79 1.28 -30.62 87.50
C LYS A 79 2.77 -30.59 87.80
N GLN A 80 3.23 -31.39 88.74
CA GLN A 80 4.63 -31.29 89.16
C GLN A 80 5.59 -32.02 88.26
N SER A 81 5.21 -33.15 87.67
CA SER A 81 6.11 -33.75 86.69
C SER A 81 6.12 -32.90 85.43
N PHE A 82 4.99 -32.35 85.02
CA PHE A 82 5.01 -31.33 83.96
C PHE A 82 6.02 -30.18 84.23
N LEU A 83 5.90 -29.55 85.40
CA LEU A 83 6.77 -28.43 85.69
C LEU A 83 8.27 -28.78 85.77
N SER A 84 8.62 -29.93 86.33
CA SER A 84 10.03 -30.28 86.52
C SER A 84 10.62 -31.08 85.36
N THR A 85 9.81 -31.96 84.75
CA THR A 85 10.26 -32.93 83.73
C THR A 85 9.79 -32.63 82.33
N LYS A 86 8.79 -31.78 82.14
CA LYS A 86 8.15 -31.47 80.84
C LYS A 86 7.35 -32.64 80.26
N LEU A 87 6.67 -33.35 81.15
CA LEU A 87 6.08 -34.64 80.91
C LEU A 87 4.60 -34.57 81.24
N ILE A 88 3.71 -34.81 80.29
CA ILE A 88 2.27 -34.87 80.58
C ILE A 88 1.95 -36.29 81.02
N SER A 89 1.46 -36.43 82.24
CA SER A 89 1.17 -37.74 82.80
C SER A 89 0.00 -37.63 83.74
N LEU A 90 -0.57 -38.79 84.07
CA LEU A 90 -1.74 -38.81 84.94
C LEU A 90 -1.39 -38.59 86.39
N ARG A 91 -2.28 -37.89 87.05
CA ARG A 91 -2.23 -37.60 88.46
C ARG A 91 -2.13 -38.88 89.31
N ASP A 92 -2.85 -39.92 88.87
CA ASP A 92 -2.87 -41.24 89.49
C ASP A 92 -2.19 -42.23 88.53
N LYS A 93 -1.00 -42.71 88.95
CA LYS A 93 -0.16 -43.59 88.10
C LYS A 93 -0.84 -44.86 87.65
N SER A 94 -1.76 -45.36 88.48
CA SER A 94 -2.54 -46.56 88.18
C SER A 94 -3.70 -46.41 87.17
N LYS A 95 -4.05 -45.19 86.76
CA LYS A 95 -5.19 -44.99 85.83
C LYS A 95 -4.75 -44.85 84.37
N ALA A 96 -5.68 -44.47 83.48
CA ALA A 96 -5.40 -44.40 82.05
C ALA A 96 -6.24 -43.35 81.32
N PHE A 97 -5.71 -42.84 80.20
CA PHE A 97 -6.51 -41.95 79.34
C PHE A 97 -7.66 -42.75 78.73
N PRO A 98 -8.84 -42.15 78.61
CA PRO A 98 -9.88 -42.69 77.78
C PRO A 98 -9.39 -43.06 76.39
N ALA A 99 -9.74 -44.25 75.96
CA ALA A 99 -9.35 -44.81 74.68
C ALA A 99 -10.51 -44.73 73.70
N ASN A 100 -11.43 -43.79 73.93
CA ASN A 100 -12.69 -43.68 73.18
C ASN A 100 -12.63 -42.68 72.00
N ASP A 101 -11.41 -42.30 71.57
CA ASP A 101 -11.18 -41.26 70.58
C ASP A 101 -11.81 -39.88 70.86
N GLN A 102 -12.02 -39.54 72.13
CA GLN A 102 -12.45 -38.19 72.48
C GLN A 102 -11.23 -37.26 72.64
N SER A 103 -11.40 -35.98 72.30
CA SER A 103 -10.36 -34.96 72.57
C SER A 103 -10.22 -34.65 74.06
N LEU A 104 -9.06 -35.02 74.60
CA LEU A 104 -8.70 -34.80 75.98
C LEU A 104 -7.82 -33.54 76.04
N GLY A 105 -8.29 -32.51 76.73
CA GLY A 105 -7.51 -31.30 76.89
C GLY A 105 -6.53 -31.56 78.01
N VAL A 106 -5.23 -31.45 77.76
CA VAL A 106 -4.26 -31.73 78.81
C VAL A 106 -3.44 -30.57 79.26
N LEU A 107 -3.42 -29.50 78.46
CA LEU A 107 -2.61 -28.34 78.74
C LEU A 107 -3.08 -27.15 77.97
N ARG A 108 -3.20 -26.01 78.64
CA ARG A 108 -3.56 -24.73 78.01
C ARG A 108 -2.47 -23.71 78.20
N TRP A 109 -2.46 -22.68 77.35
CA TRP A 109 -1.61 -21.49 77.56
C TRP A 109 -2.25 -20.27 76.99
N ARG A 110 -1.77 -19.12 77.47
CA ARG A 110 -2.31 -17.80 77.11
CA ARG A 110 -2.30 -17.81 77.12
C ARG A 110 -1.19 -16.81 77.32
N LYS A 111 -0.83 -16.10 76.27
CA LYS A 111 0.25 -15.16 76.32
C LYS A 111 -0.33 -13.81 75.87
N VAL A 112 0.13 -12.73 76.46
CA VAL A 112 -0.41 -11.40 76.14
C VAL A 112 0.68 -10.38 76.01
N ALA A 113 0.67 -9.66 74.91
CA ALA A 113 1.65 -8.64 74.68
C ALA A 113 1.02 -7.23 74.79
N PRO A 114 1.79 -6.29 75.38
CA PRO A 114 1.32 -4.94 75.46
C PRO A 114 1.54 -4.20 74.15
N ALA A 115 1.15 -2.96 74.16
CA ALA A 115 1.34 -2.10 73.01
C ALA A 115 2.79 -2.06 72.53
N GLU A 116 2.91 -2.00 71.22
CA GLU A 116 4.16 -1.96 70.47
C GLU A 116 4.99 -3.27 70.51
N ASP A 117 4.47 -4.32 71.14
CA ASP A 117 5.19 -5.60 71.26
C ASP A 117 4.72 -6.63 70.20
N ASP A 118 5.60 -6.92 69.24
CA ASP A 118 5.26 -7.77 68.11
C ASP A 118 5.69 -9.24 68.21
N SER A 119 5.95 -9.71 69.42
CA SER A 119 6.39 -11.10 69.65
C SER A 119 5.32 -12.19 69.38
N LEU A 120 4.03 -11.86 69.50
CA LEU A 120 2.95 -12.82 69.20
C LEU A 120 2.30 -12.64 67.82
N ILE A 121 2.86 -11.76 66.99
CA ILE A 121 2.28 -11.45 65.69
C ILE A 121 2.88 -12.33 64.59
N PRO A 122 2.10 -13.24 64.00
CA PRO A 122 2.63 -13.99 62.87
C PRO A 122 2.59 -13.26 61.56
N LEU A 123 1.81 -12.19 61.45
CA LEU A 123 1.62 -11.43 60.20
C LEU A 123 1.36 -9.96 60.54
N THR A 124 2.31 -9.10 60.22
CA THR A 124 2.17 -7.70 60.56
C THR A 124 1.42 -7.05 59.45
N LEU A 125 0.80 -5.90 59.74
CA LEU A 125 -0.04 -5.17 58.80
C LEU A 125 0.15 -3.71 58.95
N THR A 126 0.17 -3.04 57.82
CA THR A 126 0.06 -1.59 57.75
C THR A 126 -0.97 -1.20 56.68
N THR A 127 -1.63 -0.07 56.87
CA THR A 127 -2.53 0.43 55.86
C THR A 127 -2.24 1.87 55.58
N ALA A 128 -2.40 2.22 54.32
CA ALA A 128 -2.39 3.60 53.86
C ALA A 128 -3.53 3.84 52.86
N VAL A 129 -4.11 5.03 52.98
CA VAL A 129 -5.25 5.43 52.20
C VAL A 129 -4.98 6.81 51.64
N SER A 130 -5.35 7.02 50.39
CA SER A 130 -5.35 8.36 49.81
C SER A 130 -6.50 8.46 48.80
N PRO A 131 -7.16 9.64 48.72
CA PRO A 131 -8.31 9.79 47.82
C PRO A 131 -7.96 9.48 46.37
N SER A 132 -8.86 8.87 45.60
CA SER A 132 -8.50 8.46 44.24
C SER A 132 -9.08 9.32 43.10
N GLU A 133 -8.45 9.16 41.93
CA GLU A 133 -8.84 9.83 40.70
C GLU A 133 -9.94 9.01 40.01
N SER A 134 -9.66 7.70 39.87
CA SER A 134 -10.46 6.75 39.07
C SER A 134 -11.76 6.24 39.71
N GLN A 135 -11.93 6.37 41.02
CA GLN A 135 -13.21 6.04 41.67
C GLN A 135 -13.60 7.09 42.70
N GLN A 136 -14.87 7.08 43.09
CA GLN A 136 -15.33 7.97 44.14
C GLN A 136 -15.00 7.37 45.50
N GLY A 137 -13.73 7.47 45.89
CA GLY A 137 -13.26 6.71 47.02
C GLY A 137 -11.77 6.80 47.28
N PHE A 138 -11.16 5.67 47.57
CA PHE A 138 -9.79 5.65 48.06
C PHE A 138 -8.96 4.58 47.41
N ASP A 139 -7.69 4.91 47.28
CA ASP A 139 -6.69 3.95 46.91
C ASP A 139 -6.10 3.50 48.20
N VAL A 140 -6.19 2.19 48.41
CA VAL A 140 -5.79 1.54 49.62
C VAL A 140 -4.58 0.67 49.31
N ILE A 141 -3.60 0.68 50.21
CA ILE A 141 -2.49 -0.29 50.19
C ILE A 141 -2.42 -0.99 51.55
N ILE A 142 -2.46 -2.31 51.55
CA ILE A 142 -2.28 -3.07 52.78
C ILE A 142 -0.92 -3.77 52.65
N GLU A 143 0.05 -3.37 53.47
CA GLU A 143 1.37 -4.02 53.49
C GLU A 143 1.43 -5.03 54.59
N TYR A 144 1.76 -6.26 54.24
CA TYR A 144 1.85 -7.38 55.20
C TYR A 144 3.21 -8.07 55.14
N GLU A 145 3.73 -8.47 56.29
CA GLU A 145 4.98 -9.23 56.38
C GLU A 145 4.72 -10.45 57.24
N SER A 146 5.05 -11.64 56.72
CA SER A 146 4.93 -12.88 57.51
C SER A 146 6.25 -13.20 58.23
N VAL A 147 6.15 -13.80 59.40
CA VAL A 147 7.31 -14.27 60.14
C VAL A 147 7.13 -15.76 60.39
N LEU A 148 6.40 -16.43 59.51
CA LEU A 148 6.08 -17.83 59.72
C LEU A 148 7.07 -18.65 58.92
N GLU A 149 7.28 -19.87 59.39
CA GLU A 149 8.21 -20.77 58.74
C GLU A 149 7.52 -21.34 57.52
N THR A 150 6.22 -21.63 57.62
CA THR A 150 5.42 -22.10 56.47
C THR A 150 4.67 -20.96 55.75
N GLU A 151 4.05 -21.30 54.63
CA GLU A 151 3.23 -20.37 53.87
C GLU A 151 1.83 -20.32 54.44
N LEU A 152 1.15 -19.22 54.09
CA LEU A 152 -0.28 -19.05 54.34
C LEU A 152 -0.97 -19.07 52.99
N ALA A 153 -2.05 -19.84 52.95
CA ALA A 153 -2.85 -20.02 51.77
C ALA A 153 -4.23 -19.44 51.98
N ASP A 154 -4.68 -18.62 51.05
CA ASP A 154 -6.06 -18.12 50.99
C ASP A 154 -6.33 -17.21 52.20
N VAL A 155 -5.48 -16.21 52.33
CA VAL A 155 -5.58 -15.22 53.38
C VAL A 155 -6.63 -14.25 52.96
N ILE A 156 -7.54 -13.90 53.87
CA ILE A 156 -8.69 -13.07 53.50
C ILE A 156 -8.76 -11.73 54.23
N PHE A 157 -8.49 -10.68 53.47
CA PHE A 157 -8.69 -9.33 53.92
C PHE A 157 -10.12 -8.95 53.59
N THR A 158 -10.71 -8.11 54.45
CA THR A 158 -12.11 -7.80 54.34
C THR A 158 -12.35 -6.37 54.83
N ILE A 159 -12.95 -5.54 53.96
CA ILE A 159 -13.12 -4.12 54.11
C ILE A 159 -14.59 -3.86 54.25
N PRO A 160 -15.02 -3.20 55.31
CA PRO A 160 -16.47 -3.14 55.59
C PRO A 160 -17.30 -2.16 54.70
N VAL A 161 -17.18 -2.26 53.38
CA VAL A 161 -18.06 -1.51 52.50
C VAL A 161 -18.49 -2.40 51.35
N PHE A 162 -19.65 -2.10 50.80
CA PHE A 162 -20.30 -2.93 49.78
C PHE A 162 -20.50 -2.01 48.60
N PRO A 163 -19.41 -1.69 47.92
CA PRO A 163 -19.51 -0.65 46.92
C PRO A 163 -20.38 -1.05 45.72
N GLN A 164 -20.89 -0.03 45.02
CA GLN A 164 -21.61 -0.23 43.78
C GLN A 164 -20.65 -0.55 42.62
N GLU A 165 -19.68 0.33 42.42
CA GLU A 165 -18.58 0.12 41.46
C GLU A 165 -17.71 -1.03 41.98
N PRO A 166 -17.37 -2.02 41.14
CA PRO A 166 -16.44 -3.06 41.60
C PRO A 166 -15.08 -2.56 42.08
N VAL A 167 -14.53 -3.33 42.99
CA VAL A 167 -13.21 -3.09 43.53
C VAL A 167 -12.24 -3.39 42.40
N ASP A 168 -11.26 -2.50 42.28
CA ASP A 168 -10.29 -2.51 41.22
C ASP A 168 -8.95 -2.83 41.86
N ILE A 169 -8.54 -4.08 41.72
CA ILE A 169 -7.32 -4.52 42.37
C ILE A 169 -6.13 -4.16 41.50
N ASN A 170 -5.39 -3.14 41.94
CA ASN A 170 -4.15 -2.71 41.29
CA ASN A 170 -4.18 -2.70 41.25
C ASN A 170 -3.21 -3.91 41.19
N THR A 171 -2.96 -4.36 39.98
CA THR A 171 -2.55 -5.75 39.70
C THR A 171 -1.02 -6.05 39.56
N GLU A 172 -0.24 -5.12 39.02
CA GLU A 172 1.24 -5.24 39.00
C GLU A 172 1.91 -4.51 40.20
N SER A 173 1.14 -3.69 40.91
CA SER A 173 1.51 -3.14 42.24
C SER A 173 1.29 -4.13 43.42
N SER A 174 0.40 -5.11 43.25
CA SER A 174 0.15 -6.18 44.23
C SER A 174 1.12 -7.38 44.05
N THR A 175 1.42 -8.09 45.15
CA THR A 175 2.38 -9.22 45.14
C THR A 175 1.78 -10.52 44.56
N CYS A 176 0.54 -10.83 44.98
CA CYS A 176 -0.24 -11.96 44.45
C CYS A 176 -1.21 -11.48 43.35
N SER A 177 -0.89 -11.85 42.11
CA SER A 177 -1.56 -11.29 40.92
C SER A 177 -2.90 -11.96 40.61
N ASP A 178 -3.21 -13.06 41.28
CA ASP A 178 -4.57 -13.60 41.25
C ASP A 178 -5.43 -13.13 42.44
N ALA A 179 -4.89 -12.22 43.28
CA ALA A 179 -5.68 -11.46 44.28
C ALA A 179 -7.04 -11.04 43.71
N GLU A 180 -8.13 -11.52 44.31
CA GLU A 180 -9.46 -11.37 43.73
C GLU A 180 -10.53 -11.14 44.81
N VAL A 181 -11.54 -10.30 44.51
CA VAL A 181 -12.69 -10.21 45.40
C VAL A 181 -13.46 -11.52 45.34
N VAL A 182 -13.81 -12.04 46.51
CA VAL A 182 -14.50 -13.34 46.64
C VAL A 182 -15.83 -13.32 47.39
N ASN A 183 -16.22 -12.15 47.92
CA ASN A 183 -17.44 -12.06 48.70
C ASN A 183 -17.75 -10.63 48.87
N ASP A 185 -20.95 -8.37 50.70
CA ASP A 185 -22.13 -8.50 51.53
C ASP A 185 -22.45 -7.13 52.09
N GLN A 186 -23.73 -6.84 52.21
CA GLN A 186 -24.20 -5.58 52.78
C GLN A 186 -23.78 -5.47 54.25
N GLU A 187 -24.01 -6.54 55.02
CA GLU A 187 -23.59 -6.63 56.42
C GLU A 187 -22.08 -6.62 56.55
N GLY A 189 -19.36 -6.51 54.38
CA GLY A 189 -18.43 -5.74 53.54
C GLY A 189 -17.89 -6.61 52.41
N THR A 190 -16.73 -6.22 51.93
CA THR A 190 -16.12 -6.83 50.78
C THR A 190 -14.89 -7.60 51.22
N SER A 191 -14.74 -8.85 50.77
CA SER A 191 -13.60 -9.71 51.10
C SER A 191 -12.73 -9.98 49.89
N ILE A 192 -11.43 -9.69 50.00
CA ILE A 192 -10.46 -9.99 48.96
C ILE A 192 -9.54 -11.11 49.40
N LYS A 193 -9.47 -12.17 48.60
CA LYS A 193 -8.61 -13.35 48.85
CA LYS A 193 -8.61 -13.34 48.87
C LYS A 193 -7.22 -13.09 48.27
N ILE A 194 -6.23 -13.70 48.92
CA ILE A 194 -4.85 -13.69 48.46
C ILE A 194 -4.41 -15.14 48.52
N SER A 195 -3.84 -15.63 47.42
CA SER A 195 -3.69 -17.07 47.28
C SER A 195 -2.56 -17.53 48.16
N LYS A 196 -1.39 -16.92 48.02
CA LYS A 196 -0.23 -17.25 48.87
C LYS A 196 0.32 -16.00 49.55
N ILE A 197 0.67 -16.15 50.83
CA ILE A 197 1.71 -15.35 51.45
C ILE A 197 2.77 -16.35 51.88
N ALA A 198 3.91 -16.39 51.17
CA ALA A 198 4.98 -17.32 51.51
C ALA A 198 5.78 -16.92 52.78
N ALA A 199 6.39 -17.94 53.35
CA ALA A 199 7.17 -17.83 54.59
C ALA A 199 8.11 -16.67 54.55
N ASN A 200 8.19 -15.96 55.66
CA ASN A 200 9.13 -14.85 55.84
C ASN A 200 9.20 -13.75 54.76
N ASP A 201 8.16 -13.60 53.93
CA ASP A 201 8.18 -12.57 52.87
C ASP A 201 7.17 -11.45 53.10
N ALA A 202 7.59 -10.26 52.63
CA ALA A 202 6.78 -9.05 52.54
C ALA A 202 5.83 -9.08 51.33
N GLY A 203 4.84 -8.19 51.39
CA GLY A 203 3.83 -8.10 50.37
C GLY A 203 2.91 -6.92 50.54
N ALA A 204 2.33 -6.49 49.43
CA ALA A 204 1.29 -5.45 49.41
C ALA A 204 0.05 -5.94 48.63
N LEU A 205 -1.13 -5.73 49.19
CA LEU A 205 -2.38 -5.80 48.45
C LEU A 205 -2.77 -4.35 48.25
N ALA A 206 -2.92 -3.93 47.00
CA ALA A 206 -3.30 -2.54 46.68
C ALA A 206 -4.53 -2.55 45.77
N PHE A 207 -5.50 -1.68 46.08
CA PHE A 207 -6.78 -1.70 45.36
C PHE A 207 -7.48 -0.40 45.53
N THR A 208 -8.49 -0.19 44.71
CA THR A 208 -9.32 1.00 44.78
C THR A 208 -10.74 0.61 45.07
N ILE A 209 -11.39 1.38 45.93
CA ILE A 209 -12.70 1.04 46.42
C ILE A 209 -13.49 2.30 46.65
N GLU A 210 -14.77 2.24 46.31
CA GLU A 210 -15.66 3.37 46.53
C GLU A 210 -15.95 3.49 48.01
N ALA A 211 -15.79 4.69 48.54
CA ALA A 211 -16.21 4.97 49.91
C ALA A 211 -16.43 6.45 50.15
N PRO A 212 -17.33 6.77 51.08
CA PRO A 212 -17.60 8.14 51.46
C PRO A 212 -16.45 8.85 52.14
N TYR A 213 -15.77 8.19 53.07
CA TYR A 213 -14.67 8.80 53.85
C TYR A 213 -13.85 7.69 54.47
N GLU A 214 -12.61 8.00 54.79
CA GLU A 214 -11.65 7.01 55.31
C GLU A 214 -12.21 6.12 56.43
N ASP A 215 -12.86 6.72 57.40
CA ASP A 215 -13.39 5.96 58.52
C ASP A 215 -14.27 4.79 58.08
N ALA A 216 -14.99 4.96 56.98
CA ALA A 216 -15.79 3.88 56.44
C ALA A 216 -15.03 2.61 56.11
N LEU A 217 -13.73 2.73 55.86
CA LEU A 217 -12.91 1.61 55.46
C LEU A 217 -12.41 0.81 56.64
N TYR A 218 -12.82 1.14 57.87
CA TYR A 218 -12.26 0.44 59.04
C TYR A 218 -13.38 0.02 59.98
N PRO A 219 -13.18 -1.07 60.68
CA PRO A 219 -11.93 -1.79 60.72
C PRO A 219 -11.77 -2.80 59.64
N THR A 221 -9.96 -6.30 58.42
CA THR A 221 -9.96 -7.55 59.15
C THR A 221 -9.24 -8.51 58.28
N VAL A 222 -8.56 -9.46 58.86
CA VAL A 222 -7.85 -10.40 58.07
C VAL A 222 -8.08 -11.73 58.71
N SER A 223 -7.94 -12.77 57.92
CA SER A 223 -8.28 -14.09 58.37
C SER A 223 -7.34 -15.03 57.74
N PHE A 224 -6.56 -15.72 58.56
CA PHE A 224 -5.66 -16.72 58.07
C PHE A 224 -5.67 -17.88 59.03
N GLN A 225 -5.04 -18.96 58.61
CA GLN A 225 -5.24 -20.26 59.20
C GLN A 225 -4.16 -21.12 58.57
N GLU A 226 -3.64 -22.06 59.32
CA GLU A 226 -2.47 -22.82 58.87
C GLU A 226 -2.41 -24.14 59.62
N SER A 227 -1.86 -25.16 58.98
CA SER A 227 -1.84 -26.48 59.59
C SER A 227 -0.66 -27.28 59.14
N THR A 228 -0.42 -28.38 59.84
CA THR A 228 0.69 -29.22 59.48
C THR A 228 0.63 -30.49 60.27
N ARG A 229 0.67 -31.61 59.58
CA ARG A 229 0.66 -32.92 60.20
C ARG A 229 2.07 -33.48 60.40
N ASP A 230 3.10 -32.72 60.09
CA ASP A 230 4.50 -33.08 60.38
C ASP A 230 4.76 -33.38 61.87
N LYS A 231 5.55 -34.41 62.14
CA LYS A 231 5.87 -34.85 63.51
C LYS A 231 7.00 -34.02 64.21
N LEU A 232 7.79 -33.27 63.45
CA LEU A 232 8.78 -32.37 64.02
C LEU A 232 8.35 -30.90 63.99
N ALA A 233 7.04 -30.64 63.92
CA ALA A 233 6.58 -29.26 63.74
C ALA A 233 6.37 -28.56 65.09
N LYS A 234 7.00 -27.41 65.23
CA LYS A 234 6.76 -26.58 66.40
C LYS A 234 5.63 -25.63 66.05
N SER A 235 4.75 -25.40 67.02
CA SER A 235 3.72 -24.35 66.97
C SER A 235 4.39 -23.02 66.82
N PHE A 236 3.59 -21.98 66.60
CA PHE A 236 4.08 -20.60 66.49
C PHE A 236 4.87 -20.15 67.73
N THR A 237 4.39 -20.49 68.92
CA THR A 237 5.09 -20.11 70.17
C THR A 237 6.25 -21.02 70.57
N GLY A 238 6.35 -22.20 69.93
CA GLY A 238 7.40 -23.18 70.20
C GLY A 238 6.96 -24.53 70.73
N ALA A 240 5.83 -28.22 71.20
CA ALA A 240 6.07 -29.41 70.37
C ALA A 240 6.19 -30.66 71.23
N ILE A 241 6.02 -31.83 70.62
CA ILE A 241 6.09 -33.10 71.34
C ILE A 241 7.40 -33.78 70.99
N GLN A 242 8.27 -34.03 71.99
CA GLN A 242 9.53 -34.75 71.76
C GLN A 242 9.30 -36.23 71.53
N SER A 243 8.47 -36.85 72.36
CA SER A 243 8.04 -38.23 72.13
C SER A 243 6.84 -38.64 72.98
N VAL A 244 6.27 -39.78 72.61
CA VAL A 244 5.24 -40.43 73.40
C VAL A 244 5.81 -41.76 73.87
N VAL A 245 5.39 -42.16 75.06
CA VAL A 245 6.13 -43.09 75.87
C VAL A 245 5.18 -43.85 76.78
N ALA A 247 3.70 -45.22 80.13
CA ALA A 247 3.66 -44.85 81.56
C ALA A 247 4.57 -45.69 82.45
N ASN A 248 4.64 -47.00 82.19
CA ASN A 248 5.38 -47.98 83.01
C ASN A 248 6.86 -47.96 82.67
N ASP A 249 7.17 -48.01 81.38
CA ASP A 249 8.56 -47.97 80.89
C ASP A 249 8.85 -46.74 80.02
N HIS A 250 9.46 -45.71 80.60
CA HIS A 250 9.74 -44.43 79.88
C HIS A 250 10.69 -44.57 78.68
N ASP A 251 11.31 -45.74 78.53
CA ASP A 251 12.20 -46.03 77.40
C ASP A 251 11.44 -46.57 76.19
N GLN A 252 10.26 -47.16 76.42
CA GLN A 252 9.44 -47.74 75.36
C GLN A 252 8.70 -46.64 74.60
N GLU A 253 9.15 -46.30 73.39
CA GLU A 253 8.48 -45.29 72.54
C GLU A 253 7.14 -45.85 72.04
N LEU A 254 6.23 -44.95 71.66
CA LEU A 254 4.92 -45.34 71.13
C LEU A 254 4.61 -44.57 69.87
N PRO A 255 3.86 -45.20 68.95
CA PRO A 255 3.50 -44.59 67.66
C PRO A 255 2.48 -43.44 67.76
N TYR A 256 2.63 -42.40 66.94
CA TYR A 256 1.75 -41.24 66.94
C TYR A 256 1.95 -40.28 65.76
N ASP A 257 0.86 -39.59 65.39
CA ASP A 257 0.93 -38.37 64.59
C ASP A 257 0.60 -37.17 65.49
N VAL A 258 1.02 -35.99 65.04
CA VAL A 258 0.76 -34.72 65.70
C VAL A 258 0.34 -33.69 64.67
N ILE A 259 -0.71 -32.94 64.98
CA ILE A 259 -1.11 -31.80 64.16
C ILE A 259 -0.89 -30.51 64.91
N THR A 260 -0.09 -29.64 64.33
CA THR A 260 0.17 -28.32 64.87
C THR A 260 -0.62 -27.31 63.99
N SER A 261 -1.53 -26.54 64.58
CA SER A 261 -2.24 -25.49 63.84
C SER A 261 -2.15 -24.09 64.48
N LEU A 262 -2.46 -23.08 63.68
CA LEU A 262 -2.58 -21.66 64.09
C LEU A 262 -3.71 -20.96 63.33
N LYS A 263 -4.70 -20.40 64.03
CA LYS A 263 -5.71 -19.56 63.38
C LYS A 263 -5.67 -18.15 63.93
N SER A 264 -5.93 -17.19 63.06
CA SER A 264 -6.42 -15.88 63.48
C SER A 264 -7.80 -16.00 64.10
N ASP A 265 -8.12 -15.15 65.07
CA ASP A 265 -9.50 -14.92 65.46
C ASP A 265 -9.74 -13.40 65.20
N GLU A 266 -9.64 -12.54 66.19
CA GLU A 266 -9.89 -11.15 65.96
C GLU A 266 -8.60 -10.47 65.56
N TYR A 267 -8.38 -10.34 64.27
CA TYR A 267 -7.13 -9.85 63.76
C TYR A 267 -7.49 -8.67 62.89
N LEU A 268 -7.27 -7.46 63.39
CA LEU A 268 -7.81 -6.27 62.73
C LEU A 268 -6.97 -5.01 62.83
N VAL A 269 -7.16 -4.13 61.86
CA VAL A 269 -6.58 -2.80 61.82
C VAL A 269 -7.69 -1.79 62.08
N GLN A 270 -7.43 -0.79 62.91
CA GLN A 270 -8.51 0.01 63.51
C GLN A 270 -8.22 1.50 63.58
N ASP B 8 -0.78 -29.25 -0.47
CA ASP B 8 -0.45 -29.24 -1.94
C ASP B 8 -0.58 -27.85 -2.59
N VAL B 9 0.13 -27.69 -3.71
CA VAL B 9 -0.14 -26.69 -4.74
C VAL B 9 -0.02 -27.52 -6.02
N PRO B 10 -1.13 -28.13 -6.47
CA PRO B 10 -0.98 -29.26 -7.41
C PRO B 10 -0.24 -28.98 -8.73
N GLU B 11 0.46 -30.00 -9.24
CA GLU B 11 1.20 -29.92 -10.48
C GLU B 11 0.25 -29.73 -11.66
N ASN B 12 0.69 -28.90 -12.61
CA ASN B 12 -0.03 -28.59 -13.83
C ASN B 12 0.75 -29.05 -15.06
N ASN B 13 0.14 -29.96 -15.81
CA ASN B 13 0.68 -30.49 -17.05
C ASN B 13 0.19 -29.73 -18.29
N GLY B 14 -0.04 -28.42 -18.18
CA GLY B 14 -0.62 -27.64 -19.26
C GLY B 14 -1.82 -26.85 -18.83
N ILE B 15 -2.99 -27.48 -18.88
CA ILE B 15 -4.26 -26.91 -18.45
C ILE B 15 -4.69 -27.67 -17.23
N LEU B 16 -4.77 -26.98 -16.09
CA LEU B 16 -5.32 -27.58 -14.87
C LEU B 16 -6.57 -26.88 -14.46
N ILE B 17 -7.68 -27.62 -14.41
CA ILE B 17 -8.97 -27.06 -14.03
C ILE B 17 -9.33 -27.44 -12.60
N SER B 18 -9.72 -26.47 -11.79
CA SER B 18 -10.15 -26.74 -10.42
C SER B 18 -11.58 -26.29 -10.23
N ILE B 19 -12.43 -27.20 -9.77
CA ILE B 19 -13.76 -26.87 -9.34
C ILE B 19 -13.78 -27.00 -7.84
N LYS B 20 -14.11 -25.92 -7.13
CA LYS B 20 -13.95 -25.86 -5.67
C LYS B 20 -15.22 -25.39 -4.96
N GLU B 21 -15.85 -26.32 -4.26
CA GLU B 21 -17.06 -26.03 -3.49
C GLU B 21 -16.76 -26.01 -2.00
N VAL B 22 -17.36 -25.06 -1.29
CA VAL B 22 -17.24 -24.93 0.15
C VAL B 22 -18.65 -24.88 0.68
N ILE B 23 -18.92 -25.64 1.74
CA ILE B 23 -20.29 -25.76 2.26
C ILE B 23 -20.36 -25.30 3.69
N ASN B 24 -21.35 -24.47 4.00
CA ASN B 24 -21.73 -24.07 5.37
C ASN B 24 -23.07 -24.66 5.78
N ALA B 25 -23.25 -24.84 7.07
CA ALA B 25 -24.46 -25.50 7.55
C ALA B 25 -24.54 -25.29 9.00
N GLU B 26 -25.75 -25.03 9.49
CA GLU B 26 -26.02 -24.92 10.88
C GLU B 26 -27.18 -25.84 11.18
N PHE B 27 -26.98 -26.74 12.13
CA PHE B 27 -28.02 -27.63 12.61
C PHE B 27 -28.42 -27.29 14.05
N SER B 28 -29.62 -27.72 14.43
CA SER B 28 -30.08 -27.74 15.80
C SER B 28 -29.49 -28.92 16.52
N ARG B 29 -29.57 -28.89 17.83
CA ARG B 29 -28.97 -29.96 18.58
C ARG B 29 -29.55 -31.27 18.16
N ASP B 30 -30.88 -31.28 17.99
CA ASP B 30 -31.63 -32.47 17.53
C ASP B 30 -31.42 -32.85 16.06
N GLY B 31 -30.75 -32.03 15.27
CA GLY B 31 -30.42 -32.36 13.89
C GLY B 31 -31.20 -31.61 12.84
N THR B 32 -32.11 -30.74 13.24
CA THR B 32 -32.95 -30.01 12.33
C THR B 32 -32.13 -28.97 11.56
N ILE B 33 -32.11 -29.07 10.24
CA ILE B 33 -31.28 -28.19 9.45
C ILE B 33 -31.88 -26.79 9.65
N HIS B 34 -31.04 -25.81 9.91
CA HIS B 34 -31.51 -24.46 10.13
C HIS B 34 -31.17 -23.59 8.92
N SER B 35 -29.94 -23.69 8.43
CA SER B 35 -29.51 -22.96 7.23
C SER B 35 -28.41 -23.75 6.55
N SER B 36 -28.10 -23.37 5.31
CA SER B 36 -26.94 -23.92 4.59
C SER B 36 -26.63 -23.08 3.39
N GLU B 37 -25.36 -22.95 3.05
CA GLU B 37 -24.92 -22.11 1.95
C GLU B 37 -23.72 -22.77 1.31
N LEU B 38 -23.76 -22.97 0.02
CA LEU B 38 -22.69 -23.57 -0.70
C LEU B 38 -22.12 -22.56 -1.65
N LYS B 39 -20.91 -22.04 -1.39
CA LYS B 39 -20.18 -21.26 -2.40
C LYS B 39 -19.32 -22.17 -3.29
N GLY B 40 -19.24 -21.89 -4.60
CA GLY B 40 -18.43 -22.65 -5.56
C GLY B 40 -17.80 -21.79 -6.64
N VAL B 41 -16.59 -22.16 -7.08
CA VAL B 41 -15.80 -21.40 -8.08
C VAL B 41 -15.16 -22.36 -9.06
N LEU B 42 -14.93 -21.90 -10.30
CA LEU B 42 -14.24 -22.66 -11.36
C LEU B 42 -13.01 -21.94 -11.77
N GLU B 43 -11.87 -22.53 -11.44
CA GLU B 43 -10.55 -21.97 -11.72
C GLU B 43 -9.85 -22.68 -12.88
N LEU B 44 -8.91 -21.96 -13.46
CA LEU B 44 -8.22 -22.35 -14.67
C LEU B 44 -6.76 -21.99 -14.51
N ARG B 45 -5.91 -23.01 -14.57
CA ARG B 45 -4.49 -22.77 -14.50
C ARG B 45 -3.86 -23.32 -15.77
N ILE B 46 -3.07 -22.45 -16.42
CA ILE B 46 -2.46 -22.70 -17.72
C ILE B 46 -0.98 -22.33 -17.68
N ASN B 47 -0.09 -23.26 -18.05
CA ASN B 47 1.37 -22.97 -18.18
C ASN B 47 1.98 -23.30 -19.56
N ASP B 48 1.15 -23.41 -20.60
CA ASP B 48 1.64 -23.65 -21.95
C ASP B 48 1.02 -22.66 -22.94
N HIS B 49 1.82 -21.77 -23.52
CA HIS B 49 1.27 -20.73 -24.40
C HIS B 49 0.44 -21.31 -25.55
N ASP B 50 0.74 -22.54 -25.96
CA ASP B 50 -0.05 -23.15 -27.06
C ASP B 50 -1.48 -23.54 -26.61
N LEU B 51 -1.76 -23.35 -25.31
CA LEU B 51 -3.07 -23.64 -24.68
C LEU B 51 -3.83 -22.41 -24.12
N SER B 52 -3.29 -21.20 -24.32
CA SER B 52 -3.97 -19.96 -23.99
C SER B 52 -5.23 -19.71 -24.81
N HIS B 53 -5.32 -20.27 -26.00
CA HIS B 53 -6.46 -20.01 -26.89
C HIS B 53 -7.49 -21.12 -26.72
N SER B 54 -7.77 -21.44 -25.46
CA SER B 54 -8.65 -22.55 -25.13
C SER B 54 -10.05 -22.04 -24.75
N ASN B 55 -10.98 -22.98 -24.64
CA ASN B 55 -12.35 -22.76 -24.22
C ASN B 55 -12.80 -23.99 -23.42
N LEU B 56 -13.39 -23.79 -22.26
CA LEU B 56 -13.92 -24.91 -21.50
C LEU B 56 -15.39 -24.98 -21.89
N LYS B 57 -15.84 -26.15 -22.32
CA LYS B 57 -17.29 -26.39 -22.36
C LYS B 57 -17.71 -27.28 -21.19
N LEU B 58 -18.77 -26.85 -20.52
CA LEU B 58 -19.23 -27.49 -19.30
C LEU B 58 -20.09 -28.66 -19.64
N ALA B 59 -20.39 -29.44 -18.61
CA ALA B 59 -21.20 -30.61 -18.76
C ALA B 59 -22.60 -30.24 -19.30
N ASP B 60 -23.08 -31.02 -20.26
CA ASP B 60 -24.41 -30.80 -20.76
C ASP B 60 -25.48 -31.08 -19.70
N SER B 61 -25.13 -31.68 -18.55
CA SER B 61 -26.10 -31.90 -17.46
C SER B 61 -26.43 -30.65 -16.61
N ILE B 62 -25.83 -29.50 -16.89
CA ILE B 62 -25.95 -28.30 -16.04
C ILE B 62 -26.87 -27.22 -16.62
N ASP B 63 -27.90 -26.84 -15.88
CA ASP B 63 -28.73 -25.72 -16.29
C ASP B 63 -28.00 -24.44 -15.90
N VAL B 64 -27.50 -23.72 -16.90
CA VAL B 64 -26.79 -22.45 -16.66
C VAL B 64 -27.72 -21.24 -16.50
N ARG B 65 -29.01 -21.45 -16.76
CA ARG B 65 -30.03 -20.42 -16.56
C ARG B 65 -30.76 -20.54 -15.24
N ASP B 66 -30.27 -21.43 -14.38
CA ASP B 66 -30.83 -21.67 -13.07
C ASP B 66 -30.42 -20.52 -12.13
N LYS B 67 -31.42 -19.79 -11.65
CA LYS B 67 -31.21 -18.58 -10.85
C LYS B 67 -30.72 -18.92 -9.45
N SER B 68 -30.92 -20.19 -9.06
CA SER B 68 -30.64 -20.64 -7.69
C SER B 68 -29.17 -21.00 -7.52
N PHE B 69 -28.45 -21.19 -8.62
CA PHE B 69 -27.01 -21.24 -8.60
C PHE B 69 -26.37 -19.86 -8.56
N GLN B 70 -27.12 -18.80 -8.91
CA GLN B 70 -26.58 -17.45 -9.00
C GLN B 70 -25.25 -17.41 -9.72
N PHE B 71 -25.18 -18.00 -10.91
CA PHE B 71 -23.92 -18.06 -11.63
C PHE B 71 -23.44 -16.65 -11.92
N LYS B 72 -22.17 -16.39 -11.69
CA LYS B 72 -21.58 -15.09 -11.97
C LYS B 72 -20.24 -15.36 -12.69
N THR B 73 -20.21 -15.08 -14.00
CA THR B 73 -18.99 -15.24 -14.79
C THR B 73 -18.11 -14.07 -14.49
N HIS B 74 -16.82 -14.25 -14.70
CA HIS B 74 -15.84 -13.21 -14.53
C HIS B 74 -16.01 -12.14 -15.64
N PRO B 75 -15.62 -10.89 -15.37
CA PRO B 75 -15.82 -9.87 -16.41
C PRO B 75 -15.20 -10.13 -17.79
N ASN B 76 -13.97 -10.59 -17.83
CA ASN B 76 -13.37 -11.19 -19.04
C ASN B 76 -14.16 -12.23 -19.82
N ILE B 77 -15.06 -12.97 -19.19
CA ILE B 77 -15.76 -14.09 -19.85
C ILE B 77 -17.01 -13.60 -20.58
N ASP B 78 -17.28 -14.22 -21.73
CA ASP B 78 -18.44 -13.88 -22.57
C ASP B 78 -19.71 -14.45 -21.95
N LYS B 79 -20.38 -13.63 -21.16
CA LYS B 79 -21.60 -14.04 -20.47
C LYS B 79 -22.66 -14.68 -21.39
N GLN B 80 -22.74 -14.26 -22.64
CA GLN B 80 -23.84 -14.73 -23.46
C GLN B 80 -23.64 -16.11 -24.04
N SER B 81 -22.42 -16.43 -24.46
CA SER B 81 -22.10 -17.80 -24.89
C SER B 81 -22.00 -18.77 -23.69
N PHE B 82 -21.76 -18.25 -22.49
CA PHE B 82 -21.93 -19.07 -21.30
C PHE B 82 -23.40 -19.48 -21.12
N LEU B 83 -24.32 -18.53 -21.22
CA LEU B 83 -25.73 -18.86 -21.03
C LEU B 83 -26.35 -19.70 -22.15
N SER B 84 -25.90 -19.53 -23.39
CA SER B 84 -26.50 -20.24 -24.51
C SER B 84 -25.76 -21.52 -24.92
N THR B 85 -24.44 -21.51 -24.93
CA THR B 85 -23.62 -22.66 -25.35
C THR B 85 -23.05 -23.48 -24.18
N LYS B 86 -23.14 -23.00 -22.95
CA LYS B 86 -22.41 -23.59 -21.81
C LYS B 86 -20.90 -23.54 -21.99
N LEU B 87 -20.45 -22.52 -22.71
CA LEU B 87 -19.07 -22.38 -23.08
C LEU B 87 -18.45 -21.35 -22.18
N ILE B 88 -17.20 -21.59 -21.74
CA ILE B 88 -16.40 -20.57 -21.05
C ILE B 88 -15.32 -20.08 -22.02
N SER B 89 -15.41 -18.81 -22.37
CA SER B 89 -14.63 -18.27 -23.46
C SER B 89 -14.52 -16.80 -23.28
N LEU B 90 -13.48 -16.20 -23.82
CA LEU B 90 -13.21 -14.81 -23.53
C LEU B 90 -14.14 -13.94 -24.32
N ARG B 91 -14.27 -12.72 -23.83
CA ARG B 91 -15.21 -11.72 -24.31
C ARG B 91 -14.70 -11.12 -25.64
N ASP B 92 -13.37 -10.95 -25.73
CA ASP B 92 -12.67 -10.56 -26.97
C ASP B 92 -12.07 -11.80 -27.61
N LYS B 93 -12.65 -12.22 -28.74
CA LYS B 93 -12.28 -13.50 -29.38
C LYS B 93 -10.83 -13.60 -29.88
N SER B 94 -10.20 -12.46 -30.20
CA SER B 94 -8.78 -12.42 -30.62
C SER B 94 -7.76 -12.75 -29.51
N LYS B 95 -8.14 -12.51 -28.24
CA LYS B 95 -7.21 -12.61 -27.11
C LYS B 95 -7.17 -13.99 -26.45
N ALA B 96 -6.29 -14.12 -25.45
CA ALA B 96 -6.04 -15.39 -24.74
C ALA B 96 -5.86 -15.29 -23.20
N PHE B 97 -5.96 -16.43 -22.51
CA PHE B 97 -5.83 -16.49 -21.05
C PHE B 97 -4.35 -16.33 -20.69
N PRO B 98 -4.01 -15.63 -19.58
CA PRO B 98 -2.63 -15.65 -19.11
C PRO B 98 -2.11 -17.06 -18.92
N ALA B 99 -0.95 -17.37 -19.51
CA ALA B 99 -0.34 -18.70 -19.42
C ALA B 99 0.79 -18.66 -18.40
N ASN B 100 0.51 -18.17 -17.20
CA ASN B 100 1.55 -18.02 -16.16
C ASN B 100 1.30 -18.92 -14.92
N ASP B 101 0.61 -20.03 -15.14
CA ASP B 101 0.14 -20.93 -14.08
C ASP B 101 -0.57 -20.24 -12.89
N GLN B 102 -1.13 -19.04 -13.11
CA GLN B 102 -1.94 -18.35 -12.10
C GLN B 102 -3.35 -18.92 -12.09
N SER B 103 -3.95 -18.92 -10.91
CA SER B 103 -5.32 -19.40 -10.79
C SER B 103 -6.22 -18.29 -11.28
N LEU B 104 -6.97 -18.57 -12.34
CA LEU B 104 -7.86 -17.62 -12.95
C LEU B 104 -9.31 -18.04 -12.72
N GLY B 105 -10.04 -17.26 -11.95
CA GLY B 105 -11.44 -17.53 -11.70
C GLY B 105 -12.22 -17.18 -12.94
N VAL B 106 -13.12 -18.06 -13.35
CA VAL B 106 -13.93 -17.77 -14.52
C VAL B 106 -15.42 -17.87 -14.27
N LEU B 107 -15.83 -18.49 -13.16
CA LEU B 107 -17.24 -18.67 -12.89
C LEU B 107 -17.43 -18.94 -11.41
N ARG B 108 -18.36 -18.22 -10.81
CA ARG B 108 -18.74 -18.45 -9.42
C ARG B 108 -20.17 -18.84 -9.33
N TRP B 109 -20.48 -19.55 -8.25
CA TRP B 109 -21.85 -19.90 -7.91
C TRP B 109 -22.10 -19.94 -6.40
N ARG B 110 -23.33 -19.66 -6.00
CA ARG B 110 -23.72 -19.64 -4.61
C ARG B 110 -25.08 -20.27 -4.58
N LYS B 111 -25.31 -21.17 -3.65
CA LYS B 111 -26.55 -21.90 -3.54
C LYS B 111 -26.92 -21.85 -2.06
N VAL B 112 -28.18 -21.52 -1.78
CA VAL B 112 -28.64 -21.28 -0.41
C VAL B 112 -29.89 -22.10 -0.21
N ALA B 113 -30.02 -22.71 0.95
CA ALA B 113 -31.24 -23.43 1.29
C ALA B 113 -31.81 -22.93 2.65
N PRO B 114 -33.16 -22.89 2.72
CA PRO B 114 -33.84 -22.45 3.92
C PRO B 114 -33.93 -23.55 4.98
N ALA B 115 -34.55 -23.22 6.10
CA ALA B 115 -34.64 -24.18 7.17
C ALA B 115 -35.37 -25.46 6.76
N GLU B 116 -34.94 -26.57 7.35
CA GLU B 116 -35.46 -27.91 7.05
C GLU B 116 -35.10 -28.49 5.66
N ASP B 117 -34.56 -27.67 4.75
CA ASP B 117 -34.08 -28.15 3.45
C ASP B 117 -32.68 -28.74 3.61
N ASP B 118 -32.47 -29.98 3.18
CA ASP B 118 -31.21 -30.71 3.32
C ASP B 118 -30.46 -30.96 2.00
N SER B 119 -30.90 -30.29 0.94
CA SER B 119 -30.40 -30.53 -0.39
C SER B 119 -28.90 -30.19 -0.58
N LEU B 120 -28.40 -29.20 0.17
CA LEU B 120 -26.98 -28.90 0.17
C LEU B 120 -26.12 -29.61 1.23
N ILE B 121 -26.70 -30.55 1.98
CA ILE B 121 -26.00 -31.12 3.10
C ILE B 121 -25.32 -32.42 2.73
N PRO B 122 -23.98 -32.44 2.69
CA PRO B 122 -23.25 -33.68 2.49
C PRO B 122 -23.18 -34.62 3.67
N LEU B 123 -23.28 -34.09 4.88
CA LEU B 123 -23.06 -34.86 6.11
C LEU B 123 -24.06 -34.33 7.10
N THR B 124 -25.02 -35.15 7.46
CA THR B 124 -26.04 -34.71 8.37
C THR B 124 -25.50 -35.04 9.72
N LEU B 125 -25.98 -34.31 10.73
CA LEU B 125 -25.53 -34.44 12.10
C LEU B 125 -26.71 -34.36 13.06
N THR B 126 -26.74 -35.26 14.03
CA THR B 126 -27.66 -35.21 15.17
C THR B 126 -26.81 -35.32 16.43
N THR B 127 -27.17 -34.60 17.50
CA THR B 127 -26.53 -34.81 18.79
C THR B 127 -27.57 -35.09 19.83
N ALA B 128 -27.25 -36.08 20.68
CA ALA B 128 -27.93 -36.33 21.96
C ALA B 128 -26.93 -36.30 23.12
N VAL B 129 -27.32 -35.62 24.20
CA VAL B 129 -26.49 -35.47 25.38
C VAL B 129 -27.32 -35.99 26.54
N SER B 130 -26.67 -36.69 27.46
CA SER B 130 -27.26 -37.05 28.73
C SER B 130 -26.18 -36.93 29.85
N PRO B 131 -26.60 -36.82 31.12
CA PRO B 131 -25.60 -36.83 32.19
C PRO B 131 -25.01 -38.23 32.37
N SER B 132 -23.83 -38.33 32.98
CA SER B 132 -23.11 -39.62 33.08
C SER B 132 -22.88 -40.07 34.50
N GLU B 133 -22.68 -41.38 34.64
CA GLU B 133 -22.22 -41.97 35.90
C GLU B 133 -20.68 -41.81 36.01
N SER B 134 -20.01 -42.03 34.88
CA SER B 134 -18.55 -42.20 34.83
C SER B 134 -17.74 -40.94 35.12
N GLN B 135 -18.24 -39.78 34.71
CA GLN B 135 -17.53 -38.50 34.85
C GLN B 135 -18.47 -37.38 35.31
N GLN B 136 -17.90 -36.31 35.82
CA GLN B 136 -18.64 -35.09 36.19
C GLN B 136 -19.02 -34.30 34.91
N GLY B 137 -20.01 -34.82 34.18
CA GLY B 137 -20.33 -34.30 32.86
C GLY B 137 -21.30 -35.17 32.08
N PHE B 138 -21.03 -35.32 30.79
CA PHE B 138 -22.04 -35.81 29.88
C PHE B 138 -21.54 -36.88 28.96
N ASP B 139 -22.41 -37.88 28.74
CA ASP B 139 -22.28 -38.81 27.63
C ASP B 139 -22.92 -38.15 26.42
N VAL B 140 -22.13 -37.99 25.37
CA VAL B 140 -22.56 -37.40 24.11
C VAL B 140 -22.65 -38.50 23.03
N ILE B 141 -23.64 -38.37 22.15
CA ILE B 141 -23.70 -39.16 20.94
C ILE B 141 -23.80 -38.15 19.82
N ILE B 142 -22.93 -38.29 18.81
CA ILE B 142 -23.07 -37.57 17.57
C ILE B 142 -23.31 -38.56 16.45
N GLU B 143 -24.54 -38.62 15.93
CA GLU B 143 -24.91 -39.48 14.80
C GLU B 143 -24.77 -38.74 13.52
N TYR B 144 -24.20 -39.37 12.50
CA TYR B 144 -23.89 -38.72 11.23
C TYR B 144 -24.18 -39.60 10.03
N GLU B 145 -24.66 -39.00 8.94
CA GLU B 145 -24.85 -39.72 7.67
C GLU B 145 -24.15 -38.97 6.53
N SER B 146 -23.27 -39.64 5.80
CA SER B 146 -22.73 -39.10 4.55
C SER B 146 -23.72 -39.37 3.47
N VAL B 147 -23.82 -38.43 2.54
CA VAL B 147 -24.54 -38.64 1.27
C VAL B 147 -23.59 -38.53 0.09
N LEU B 148 -22.30 -38.44 0.35
CA LEU B 148 -21.34 -38.36 -0.72
C LEU B 148 -21.10 -39.74 -1.37
N GLU B 149 -20.49 -39.68 -2.55
CA GLU B 149 -20.22 -40.88 -3.33
C GLU B 149 -18.86 -41.46 -2.95
N THR B 150 -17.87 -40.58 -2.72
CA THR B 150 -16.58 -41.00 -2.14
C THR B 150 -16.69 -41.07 -0.62
N GLU B 151 -15.65 -41.60 0.00
CA GLU B 151 -15.57 -41.58 1.45
C GLU B 151 -14.89 -40.28 1.89
N LEU B 152 -15.17 -39.90 3.13
CA LEU B 152 -14.50 -38.79 3.79
C LEU B 152 -13.41 -39.39 4.70
N ALA B 153 -12.23 -38.77 4.70
CA ALA B 153 -11.13 -39.15 5.59
C ALA B 153 -10.75 -38.08 6.62
N ASP B 154 -10.47 -38.53 7.86
CA ASP B 154 -9.90 -37.68 8.90
C ASP B 154 -10.78 -36.48 9.14
N VAL B 155 -12.03 -36.81 9.46
CA VAL B 155 -13.07 -35.85 9.77
C VAL B 155 -12.91 -35.46 11.23
N ILE B 156 -13.12 -34.19 11.55
CA ILE B 156 -12.85 -33.74 12.90
C ILE B 156 -14.01 -33.07 13.59
N PHE B 157 -14.46 -33.67 14.68
CA PHE B 157 -15.45 -33.07 15.58
C PHE B 157 -14.77 -32.28 16.70
N THR B 158 -15.36 -31.15 17.07
CA THR B 158 -14.74 -30.31 18.08
C THR B 158 -15.76 -29.86 19.11
N ILE B 159 -15.53 -30.22 20.38
CA ILE B 159 -16.42 -29.88 21.44
C ILE B 159 -15.74 -28.75 22.13
N PRO B 160 -16.44 -27.66 22.42
CA PRO B 160 -15.72 -26.46 22.90
C PRO B 160 -15.47 -26.43 24.42
N VAL B 161 -14.96 -27.54 24.97
CA VAL B 161 -14.49 -27.62 26.36
C VAL B 161 -13.10 -28.29 26.41
N PHE B 162 -12.33 -27.98 27.47
CA PHE B 162 -10.92 -28.40 27.66
C PHE B 162 -10.86 -28.97 29.07
N PRO B 163 -11.23 -30.26 29.19
CA PRO B 163 -11.47 -30.91 30.47
C PRO B 163 -10.21 -31.48 31.13
N GLN B 164 -10.28 -31.68 32.46
CA GLN B 164 -9.16 -32.17 33.26
C GLN B 164 -9.08 -33.65 33.11
N GLU B 165 -10.16 -34.34 33.44
CA GLU B 165 -10.28 -35.75 33.12
C GLU B 165 -10.26 -35.85 31.60
N PRO B 166 -9.57 -36.84 31.03
CA PRO B 166 -9.61 -37.05 29.56
C PRO B 166 -10.87 -37.74 29.00
N VAL B 167 -11.18 -37.43 27.74
CA VAL B 167 -12.39 -37.89 27.05
C VAL B 167 -12.42 -39.40 26.94
N ASP B 168 -13.45 -40.05 27.45
CA ASP B 168 -13.58 -41.51 27.34
C ASP B 168 -14.42 -41.84 26.05
N ILE B 169 -13.72 -42.20 24.97
CA ILE B 169 -14.40 -42.52 23.69
C ILE B 169 -15.01 -43.92 23.77
N ASN B 170 -16.33 -43.98 23.70
CA ASN B 170 -17.04 -45.27 23.79
CA ASN B 170 -17.01 -45.26 23.84
C ASN B 170 -16.80 -46.07 22.54
N THR B 171 -16.23 -47.26 22.72
CA THR B 171 -15.47 -47.93 21.68
C THR B 171 -16.25 -48.80 20.71
N GLU B 172 -17.09 -49.69 21.23
CA GLU B 172 -17.94 -50.53 20.38
C GLU B 172 -19.27 -49.82 20.08
N SER B 173 -19.62 -48.83 20.93
CA SER B 173 -20.72 -47.86 20.70
C SER B 173 -20.39 -46.71 19.70
N SER B 174 -19.17 -46.67 19.19
CA SER B 174 -18.81 -45.84 18.02
C SER B 174 -18.53 -46.75 16.80
N THR B 175 -18.76 -46.20 15.61
CA THR B 175 -18.62 -46.94 14.35
C THR B 175 -17.13 -47.09 13.99
N CYS B 176 -16.37 -45.99 14.12
CA CYS B 176 -14.92 -46.05 13.99
C CYS B 176 -14.30 -46.49 15.32
N SER B 177 -13.59 -47.62 15.29
CA SER B 177 -12.89 -48.16 16.46
C SER B 177 -11.64 -47.35 16.77
N ASP B 178 -11.16 -46.60 15.78
CA ASP B 178 -9.98 -45.73 15.94
C ASP B 178 -10.39 -44.23 15.91
N ALA B 179 -11.51 -43.92 16.55
CA ALA B 179 -11.87 -42.53 16.84
C ALA B 179 -11.04 -42.14 18.02
N GLU B 180 -10.30 -41.04 17.92
CA GLU B 180 -9.37 -40.64 18.97
C GLU B 180 -9.22 -39.13 19.13
N VAL B 181 -9.15 -38.66 20.39
CA VAL B 181 -8.76 -37.24 20.59
C VAL B 181 -7.39 -36.94 20.01
N VAL B 182 -7.29 -35.82 19.28
CA VAL B 182 -6.06 -35.39 18.59
C VAL B 182 -5.61 -33.95 18.88
N ASN B 183 -6.42 -33.17 19.57
CA ASN B 183 -6.04 -31.84 19.97
C ASN B 183 -6.84 -31.45 21.16
N ASP B 185 -7.19 -27.65 23.06
CA ASP B 185 -6.71 -26.29 23.24
C ASP B 185 -7.69 -25.60 24.20
N GLN B 186 -7.15 -24.78 25.08
CA GLN B 186 -7.94 -24.10 26.07
C GLN B 186 -8.88 -23.14 25.39
N GLU B 187 -8.36 -22.42 24.40
CA GLU B 187 -9.19 -21.62 23.49
C GLU B 187 -10.19 -22.45 22.66
N GLY B 189 -11.04 -25.81 22.46
CA GLY B 189 -11.72 -26.99 23.00
C GLY B 189 -11.02 -28.24 22.52
N THR B 190 -11.75 -29.34 22.49
CA THR B 190 -11.24 -30.67 22.24
C THR B 190 -11.68 -31.23 20.90
N SER B 191 -10.72 -31.64 20.08
CA SER B 191 -11.00 -32.17 18.75
C SER B 191 -10.82 -33.67 18.68
N ILE B 192 -11.86 -34.38 18.30
CA ILE B 192 -11.80 -35.82 18.10
C ILE B 192 -11.73 -36.08 16.62
N LYS B 193 -10.76 -36.85 16.17
CA LYS B 193 -10.65 -37.24 14.75
C LYS B 193 -11.31 -38.56 14.54
N ILE B 194 -11.94 -38.71 13.38
CA ILE B 194 -12.51 -39.98 12.88
C ILE B 194 -11.86 -40.38 11.55
N SER B 195 -11.37 -41.60 11.48
CA SER B 195 -10.45 -41.97 10.39
C SER B 195 -11.11 -41.98 9.03
N LYS B 196 -12.28 -42.61 8.98
CA LYS B 196 -13.02 -42.74 7.75
C LYS B 196 -14.49 -42.61 8.04
N ILE B 197 -15.22 -41.95 7.15
CA ILE B 197 -16.67 -42.02 7.11
C ILE B 197 -16.95 -42.52 5.74
N ALA B 198 -17.41 -43.76 5.67
CA ALA B 198 -17.72 -44.41 4.40
C ALA B 198 -18.78 -43.63 3.65
N ALA B 199 -18.67 -43.66 2.31
CA ALA B 199 -19.73 -43.21 1.39
C ALA B 199 -21.10 -43.80 1.76
N ASN B 200 -22.10 -42.96 1.70
CA ASN B 200 -23.48 -43.36 1.87
C ASN B 200 -23.78 -44.24 3.09
N ASP B 201 -23.05 -44.02 4.16
CA ASP B 201 -23.21 -44.82 5.35
C ASP B 201 -23.41 -43.92 6.59
N ALA B 202 -24.33 -44.33 7.45
CA ALA B 202 -24.53 -43.76 8.77
C ALA B 202 -23.40 -44.11 9.73
N GLY B 203 -23.44 -43.49 10.90
CA GLY B 203 -22.38 -43.67 11.88
C GLY B 203 -22.62 -42.88 13.15
N ALA B 204 -21.94 -43.26 14.21
CA ALA B 204 -22.00 -42.52 15.45
C ALA B 204 -20.62 -42.36 16.04
N LEU B 205 -20.45 -41.27 16.76
CA LEU B 205 -19.30 -41.03 17.61
C LEU B 205 -19.93 -40.83 18.98
N ALA B 206 -19.51 -41.64 19.93
CA ALA B 206 -20.07 -41.65 21.27
C ALA B 206 -18.93 -41.45 22.23
N PHE B 207 -19.10 -40.55 23.20
CA PHE B 207 -18.04 -40.30 24.17
C PHE B 207 -18.58 -39.63 25.42
N THR B 208 -17.77 -39.64 26.47
CA THR B 208 -18.07 -38.99 27.72
C THR B 208 -17.02 -37.91 27.94
N ILE B 209 -17.45 -36.77 28.47
CA ILE B 209 -16.64 -35.58 28.58
C ILE B 209 -17.10 -34.76 29.78
N GLU B 210 -16.13 -34.23 30.54
CA GLU B 210 -16.43 -33.36 31.69
C GLU B 210 -16.92 -32.04 31.18
N ALA B 211 -18.00 -31.55 31.78
CA ALA B 211 -18.51 -30.22 31.51
C ALA B 211 -19.53 -29.83 32.54
N PRO B 212 -19.63 -28.53 32.85
CA PRO B 212 -20.56 -28.18 33.93
C PRO B 212 -22.03 -28.30 33.53
N TYR B 213 -22.33 -27.99 32.27
CA TYR B 213 -23.69 -27.96 31.74
C TYR B 213 -23.71 -28.38 30.31
N GLU B 214 -24.91 -28.73 29.87
CA GLU B 214 -25.17 -29.09 28.49
C GLU B 214 -24.83 -27.94 27.53
N ASP B 215 -25.15 -26.71 27.85
CA ASP B 215 -24.90 -25.60 26.93
C ASP B 215 -23.42 -25.45 26.64
N ALA B 216 -22.55 -25.83 27.58
CA ALA B 216 -21.12 -25.64 27.36
C ALA B 216 -20.55 -26.56 26.28
N LEU B 217 -21.26 -27.63 25.98
CA LEU B 217 -20.93 -28.50 24.89
C LEU B 217 -21.24 -27.95 23.49
N TYR B 218 -21.65 -26.70 23.33
CA TYR B 218 -21.99 -26.21 22.00
C TYR B 218 -21.43 -24.79 21.77
N PRO B 219 -21.19 -24.44 20.52
CA PRO B 219 -21.44 -25.27 19.36
C PRO B 219 -20.38 -26.31 19.07
N THR B 221 -18.52 -28.58 16.25
CA THR B 221 -18.00 -28.18 14.97
C THR B 221 -17.37 -29.37 14.34
N VAL B 222 -17.71 -29.58 13.09
CA VAL B 222 -17.16 -30.66 12.34
C VAL B 222 -16.40 -30.04 11.21
N SER B 223 -15.38 -30.74 10.77
CA SER B 223 -14.47 -30.24 9.75
C SER B 223 -14.08 -31.41 8.86
N PHE B 224 -14.25 -31.19 7.56
CA PHE B 224 -14.06 -32.26 6.57
C PHE B 224 -13.74 -31.66 5.24
N GLN B 225 -13.27 -32.52 4.36
CA GLN B 225 -12.59 -32.15 3.14
C GLN B 225 -12.68 -33.30 2.18
N GLU B 226 -12.66 -33.03 0.90
CA GLU B 226 -12.73 -34.12 -0.04
C GLU B 226 -12.08 -33.62 -1.32
N SER B 227 -11.51 -34.52 -2.09
CA SER B 227 -10.74 -34.14 -3.27
C SER B 227 -10.68 -35.29 -4.21
N THR B 228 -10.64 -34.99 -5.49
CA THR B 228 -10.56 -36.05 -6.50
C THR B 228 -10.00 -35.53 -7.82
N ARG B 229 -9.05 -36.26 -8.38
CA ARG B 229 -8.38 -35.86 -9.63
C ARG B 229 -9.04 -36.48 -10.88
N ASP B 230 -10.09 -37.28 -10.68
CA ASP B 230 -10.90 -37.94 -11.72
C ASP B 230 -11.54 -37.02 -12.76
N LYS B 231 -11.08 -37.14 -14.00
CA LYS B 231 -11.63 -36.39 -15.16
C LYS B 231 -13.17 -36.47 -15.36
N LEU B 232 -13.81 -37.55 -14.91
CA LEU B 232 -15.27 -37.74 -15.00
C LEU B 232 -16.01 -37.38 -13.72
N ALA B 233 -15.32 -36.79 -12.74
CA ALA B 233 -15.98 -36.41 -11.49
C ALA B 233 -16.87 -35.16 -11.67
N LYS B 234 -18.02 -35.20 -11.02
CA LYS B 234 -18.85 -34.03 -10.81
C LYS B 234 -18.60 -33.45 -9.40
N SER B 235 -18.85 -32.16 -9.26
CA SER B 235 -18.88 -31.51 -7.96
C SER B 235 -20.11 -31.99 -7.22
N PHE B 236 -20.25 -31.56 -5.97
CA PHE B 236 -21.41 -31.90 -5.14
C PHE B 236 -22.73 -31.41 -5.72
N THR B 237 -22.70 -30.24 -6.35
CA THR B 237 -23.87 -29.63 -7.00
C THR B 237 -24.05 -29.99 -8.48
N GLY B 238 -23.20 -30.88 -9.01
CA GLY B 238 -23.26 -31.34 -10.41
C GLY B 238 -22.33 -30.67 -11.41
N ALA B 240 -19.30 -29.94 -13.66
CA ALA B 240 -18.25 -30.74 -14.28
C ALA B 240 -17.88 -30.14 -15.61
N ILE B 241 -16.72 -30.51 -16.11
CA ILE B 241 -16.26 -30.11 -17.42
C ILE B 241 -16.54 -31.27 -18.37
N GLN B 242 -17.16 -31.00 -19.52
CA GLN B 242 -17.20 -32.00 -20.60
C GLN B 242 -15.85 -32.12 -21.31
N SER B 243 -15.34 -30.97 -21.79
CA SER B 243 -14.05 -30.92 -22.46
C SER B 243 -13.48 -29.50 -22.57
N VAL B 244 -12.20 -29.45 -22.89
CA VAL B 244 -11.51 -28.22 -23.24
C VAL B 244 -11.21 -28.33 -24.73
N VAL B 245 -11.09 -27.19 -25.38
CA VAL B 245 -11.23 -27.07 -26.82
C VAL B 245 -10.51 -25.82 -27.35
N ALA B 247 -10.30 -22.37 -29.25
CA ALA B 247 -11.24 -21.29 -29.56
C ALA B 247 -11.55 -21.23 -31.07
N ASN B 248 -10.52 -21.41 -31.89
CA ASN B 248 -10.63 -21.33 -33.35
C ASN B 248 -11.41 -22.55 -33.83
N ASP B 249 -10.83 -23.73 -33.62
CA ASP B 249 -11.41 -25.01 -34.05
C ASP B 249 -12.14 -25.68 -32.86
N HIS B 250 -13.47 -25.58 -32.84
CA HIS B 250 -14.27 -26.17 -31.76
C HIS B 250 -14.32 -27.71 -31.72
N ASP B 251 -13.91 -28.36 -32.80
CA ASP B 251 -13.70 -29.80 -32.80
C ASP B 251 -12.42 -30.13 -32.06
N GLN B 252 -11.38 -29.32 -32.28
CA GLN B 252 -10.04 -29.64 -31.78
C GLN B 252 -9.98 -29.75 -30.24
N GLU B 253 -9.95 -30.97 -29.73
CA GLU B 253 -9.87 -31.26 -28.28
C GLU B 253 -8.52 -30.81 -27.71
N LEU B 254 -8.34 -30.93 -26.40
CA LEU B 254 -7.10 -30.49 -25.74
C LEU B 254 -6.89 -31.32 -24.48
N PRO B 255 -5.63 -31.53 -24.09
CA PRO B 255 -5.40 -32.28 -22.86
C PRO B 255 -5.57 -31.39 -21.61
N TYR B 256 -6.17 -31.95 -20.55
CA TYR B 256 -6.46 -31.22 -19.31
C TYR B 256 -6.68 -32.15 -18.16
N ASP B 257 -6.17 -31.75 -17.01
CA ASP B 257 -6.43 -32.42 -15.74
C ASP B 257 -7.45 -31.58 -14.99
N VAL B 258 -8.42 -32.23 -14.36
CA VAL B 258 -9.43 -31.50 -13.58
C VAL B 258 -9.44 -32.01 -12.13
N ILE B 259 -9.37 -31.09 -11.16
CA ILE B 259 -9.53 -31.39 -9.75
C ILE B 259 -10.86 -30.86 -9.19
N THR B 260 -11.64 -31.73 -8.59
CA THR B 260 -12.94 -31.41 -7.99
C THR B 260 -12.80 -31.50 -6.45
N SER B 261 -13.18 -30.45 -5.70
CA SER B 261 -13.10 -30.50 -4.22
C SER B 261 -14.29 -29.92 -3.44
N LEU B 262 -14.57 -30.50 -2.27
CA LEU B 262 -15.58 -30.00 -1.34
C LEU B 262 -14.98 -29.83 0.04
N LYS B 263 -15.08 -28.66 0.65
CA LYS B 263 -14.72 -28.45 2.06
C LYS B 263 -15.89 -27.90 2.86
N SER B 264 -16.02 -28.33 4.09
CA SER B 264 -16.83 -27.60 5.07
C SER B 264 -16.14 -26.25 5.41
N ASP B 265 -16.92 -25.21 5.75
CA ASP B 265 -16.39 -24.01 6.43
C ASP B 265 -17.08 -23.80 7.82
N GLU B 266 -18.19 -23.07 7.91
CA GLU B 266 -18.96 -23.00 9.15
C GLU B 266 -19.99 -24.10 9.12
N TYR B 267 -19.65 -25.23 9.73
CA TYR B 267 -20.44 -26.46 9.70
C TYR B 267 -20.60 -26.88 11.16
N LEU B 268 -21.77 -26.61 11.76
CA LEU B 268 -21.91 -26.71 13.22
C LEU B 268 -23.28 -27.08 13.75
N VAL B 269 -23.30 -27.50 15.01
CA VAL B 269 -24.50 -27.85 15.71
C VAL B 269 -24.64 -26.89 16.88
N GLN B 270 -25.84 -26.36 17.07
CA GLN B 270 -26.07 -25.31 18.04
C GLN B 270 -27.42 -25.39 18.75
N ASP C 8 -34.81 -14.06 67.41
CA ASP C 8 -35.51 -14.19 68.72
C ASP C 8 -35.81 -15.66 69.08
N VAL C 9 -35.78 -15.94 70.38
CA VAL C 9 -36.38 -17.15 70.94
C VAL C 9 -37.56 -16.58 71.73
N PRO C 10 -38.74 -16.47 71.08
CA PRO C 10 -39.73 -15.43 71.40
C PRO C 10 -40.30 -15.51 72.83
N GLU C 11 -40.68 -14.37 73.41
CA GLU C 11 -41.09 -14.32 74.81
C GLU C 11 -42.43 -15.04 75.03
N ASN C 12 -42.45 -15.89 76.07
CA ASN C 12 -43.67 -16.57 76.57
C ASN C 12 -44.22 -15.91 77.82
N ASN C 13 -45.53 -15.66 77.82
CA ASN C 13 -46.24 -15.08 78.96
C ASN C 13 -47.15 -16.10 79.63
N GLY C 14 -46.76 -17.37 79.60
CA GLY C 14 -47.62 -18.46 80.07
C GLY C 14 -47.69 -19.63 79.11
N ILE C 15 -48.59 -19.53 78.12
CA ILE C 15 -48.70 -20.49 77.03
C ILE C 15 -48.29 -19.79 75.72
N LEU C 16 -47.46 -20.47 74.94
CA LEU C 16 -47.08 -20.01 73.62
C LEU C 16 -47.26 -21.13 72.62
N ILE C 17 -48.37 -21.07 71.91
CA ILE C 17 -48.58 -21.99 70.81
C ILE C 17 -47.84 -21.49 69.56
N SER C 18 -47.18 -22.39 68.84
CA SER C 18 -46.54 -22.03 67.58
C SER C 18 -46.96 -22.98 66.47
N ILE C 19 -47.44 -22.44 65.35
CA ILE C 19 -47.73 -23.24 64.18
C ILE C 19 -46.72 -22.98 63.07
N LYS C 20 -45.95 -23.99 62.69
CA LYS C 20 -44.78 -23.77 61.86
C LYS C 20 -44.81 -24.64 60.62
N GLU C 21 -45.03 -24.02 59.48
CA GLU C 21 -45.11 -24.71 58.21
C GLU C 21 -43.83 -24.40 57.45
N VAL C 22 -43.24 -25.43 56.82
CA VAL C 22 -42.12 -25.23 55.89
C VAL C 22 -42.43 -25.83 54.53
N ILE C 23 -42.15 -25.08 53.46
CA ILE C 23 -42.65 -25.40 52.09
C ILE C 23 -41.51 -25.61 51.12
N ASN C 24 -41.63 -26.66 50.33
CA ASN C 24 -40.64 -27.03 49.30
C ASN C 24 -41.33 -27.08 47.94
N ALA C 25 -40.65 -26.60 46.91
CA ALA C 25 -41.28 -26.44 45.62
C ALA C 25 -40.23 -26.34 44.55
N GLU C 26 -40.39 -27.12 43.48
CA GLU C 26 -39.51 -27.04 42.33
C GLU C 26 -40.35 -26.80 41.08
N PHE C 27 -39.94 -25.78 40.33
CA PHE C 27 -40.57 -25.36 39.09
C PHE C 27 -39.63 -25.61 37.89
N SER C 28 -40.17 -25.79 36.68
CA SER C 28 -39.36 -25.74 35.43
C SER C 28 -39.06 -24.33 35.17
N ARG C 29 -38.29 -24.05 34.15
CA ARG C 29 -37.98 -22.66 33.93
C ARG C 29 -39.18 -21.89 33.41
N ASP C 30 -39.99 -22.55 32.56
CA ASP C 30 -41.25 -21.99 32.03
C ASP C 30 -42.28 -21.69 33.13
N GLY C 31 -42.14 -22.33 34.29
CA GLY C 31 -43.01 -22.07 35.40
C GLY C 31 -43.87 -23.26 35.81
N THR C 32 -43.72 -24.38 35.13
CA THR C 32 -44.53 -25.57 35.44
C THR C 32 -44.13 -26.18 36.76
N ILE C 33 -45.09 -26.52 37.59
CA ILE C 33 -44.76 -27.01 38.92
C ILE C 33 -44.34 -28.46 38.76
N HIS C 34 -43.11 -28.77 39.17
CA HIS C 34 -42.59 -30.14 39.16
C HIS C 34 -42.96 -30.96 40.40
N SER C 35 -42.95 -30.32 41.55
CA SER C 35 -43.15 -31.02 42.82
C SER C 35 -43.28 -29.99 43.92
N SER C 36 -43.90 -30.39 45.02
CA SER C 36 -43.95 -29.53 46.17
C SER C 36 -44.29 -30.37 47.36
N GLU C 37 -44.02 -29.84 48.56
CA GLU C 37 -44.11 -30.59 49.80
C GLU C 37 -44.12 -29.67 51.00
N LEU C 38 -45.20 -29.73 51.76
CA LEU C 38 -45.35 -28.85 52.88
C LEU C 38 -45.38 -29.67 54.13
N LYS C 39 -44.33 -29.61 54.92
CA LYS C 39 -44.29 -30.22 56.25
C LYS C 39 -44.76 -29.18 57.23
N GLY C 40 -45.60 -29.55 58.18
CA GLY C 40 -46.00 -28.65 59.30
C GLY C 40 -45.96 -29.25 60.73
N VAL C 41 -46.03 -28.37 61.74
CA VAL C 41 -45.96 -28.80 63.13
C VAL C 41 -46.62 -27.80 64.08
N LEU C 42 -47.22 -28.33 65.16
CA LEU C 42 -47.82 -27.54 66.25
C LEU C 42 -47.03 -27.72 67.56
N GLU C 43 -46.34 -26.68 68.01
CA GLU C 43 -45.55 -26.72 69.25
C GLU C 43 -46.27 -25.99 70.37
N LEU C 44 -45.99 -26.40 71.61
CA LEU C 44 -46.68 -25.90 72.81
C LEU C 44 -45.62 -25.58 73.84
N ARG C 45 -45.61 -24.36 74.34
CA ARG C 45 -44.61 -23.97 75.35
C ARG C 45 -45.29 -23.37 76.57
N ILE C 46 -45.00 -23.92 77.76
CA ILE C 46 -45.64 -23.47 79.02
C ILE C 46 -44.59 -23.16 80.09
N ASN C 47 -44.67 -22.00 80.74
CA ASN C 47 -43.72 -21.62 81.83
C ASN C 47 -44.44 -21.26 83.13
N ASP C 48 -45.40 -22.10 83.50
CA ASP C 48 -46.32 -21.81 84.60
C ASP C 48 -47.10 -23.09 84.92
N HIS C 49 -46.79 -23.71 86.06
CA HIS C 49 -47.45 -24.98 86.43
C HIS C 49 -48.98 -24.83 86.66
N ASP C 50 -49.45 -23.61 86.94
CA ASP C 50 -50.89 -23.32 86.96
C ASP C 50 -51.57 -23.76 85.64
N LEU C 51 -50.86 -23.59 84.52
CA LEU C 51 -51.41 -23.77 83.18
C LEU C 51 -51.09 -25.13 82.55
N SER C 52 -50.52 -26.05 83.32
CA SER C 52 -50.11 -27.36 82.78
C SER C 52 -51.25 -28.30 82.44
N HIS C 53 -52.43 -28.09 83.02
CA HIS C 53 -53.55 -29.03 82.83
C HIS C 53 -54.49 -28.49 81.76
N SER C 54 -53.86 -28.02 80.68
CA SER C 54 -54.53 -27.27 79.64
C SER C 54 -54.72 -28.12 78.39
N ASN C 55 -55.80 -27.87 77.67
CA ASN C 55 -56.08 -28.49 76.39
C ASN C 55 -56.22 -27.42 75.30
N LEU C 56 -55.78 -27.76 74.09
CA LEU C 56 -55.92 -26.89 72.93
C LEU C 56 -57.08 -27.40 72.16
N LYS C 57 -57.98 -26.53 71.70
CA LYS C 57 -58.86 -26.95 70.60
C LYS C 57 -58.66 -26.12 69.36
N LEU C 58 -58.59 -26.85 68.25
CA LEU C 58 -58.21 -26.33 66.97
C LEU C 58 -59.40 -25.63 66.36
N ALA C 59 -59.14 -24.67 65.49
CA ALA C 59 -60.21 -23.97 64.78
C ALA C 59 -61.10 -24.99 64.07
N ASP C 60 -62.41 -24.79 64.17
CA ASP C 60 -63.37 -25.77 63.62
C ASP C 60 -63.49 -25.75 62.09
N SER C 61 -62.84 -24.79 61.43
CA SER C 61 -62.68 -24.83 59.99
C SER C 61 -61.87 -26.05 59.49
N ILE C 62 -61.05 -26.66 60.35
CA ILE C 62 -60.18 -27.76 59.94
C ILE C 62 -60.93 -29.08 59.98
N ASP C 63 -60.77 -29.85 58.91
CA ASP C 63 -61.11 -31.27 58.93
C ASP C 63 -59.84 -32.07 59.30
N VAL C 64 -59.87 -32.66 60.48
CA VAL C 64 -58.73 -33.42 61.03
C VAL C 64 -58.66 -34.87 60.49
N ARG C 65 -59.74 -35.25 59.81
CA ARG C 65 -59.86 -36.53 59.14
C ARG C 65 -59.28 -36.55 57.71
N ASP C 66 -58.82 -35.39 57.22
CA ASP C 66 -58.32 -35.28 55.86
C ASP C 66 -57.04 -36.09 55.74
N LYS C 67 -57.07 -37.14 54.91
CA LYS C 67 -55.98 -38.10 54.85
C LYS C 67 -54.72 -37.58 54.15
N SER C 68 -54.88 -36.52 53.36
CA SER C 68 -53.77 -35.89 52.60
C SER C 68 -52.82 -35.05 53.49
N PHE C 69 -53.39 -34.31 54.44
CA PHE C 69 -52.63 -33.69 55.52
C PHE C 69 -51.60 -34.62 56.24
N GLN C 70 -51.86 -35.94 56.27
CA GLN C 70 -51.03 -36.95 56.99
C GLN C 70 -50.72 -36.53 58.43
N PHE C 71 -51.78 -36.31 59.20
CA PHE C 71 -51.63 -36.01 60.62
C PHE C 71 -50.97 -37.11 61.46
N LYS C 72 -50.35 -36.68 62.54
CA LYS C 72 -49.55 -37.54 63.37
C LYS C 72 -49.44 -36.80 64.72
N THR C 73 -50.47 -37.02 65.54
CA THR C 73 -50.53 -36.64 66.96
C THR C 73 -49.34 -37.23 67.66
N HIS C 74 -48.82 -36.52 68.65
CA HIS C 74 -47.65 -37.02 69.33
C HIS C 74 -48.10 -38.25 70.15
N PRO C 75 -47.22 -39.27 70.30
CA PRO C 75 -47.49 -40.41 71.19
C PRO C 75 -48.26 -40.09 72.51
N ASN C 76 -47.71 -39.25 73.40
CA ASN C 76 -48.42 -38.66 74.56
C ASN C 76 -49.79 -38.02 74.31
N ILE C 77 -50.36 -38.08 73.10
CA ILE C 77 -51.61 -37.34 72.80
C ILE C 77 -52.71 -38.32 72.45
N ASP C 78 -53.92 -38.03 72.95
CA ASP C 78 -55.07 -38.91 72.80
C ASP C 78 -55.61 -38.85 71.38
N LYS C 79 -55.23 -39.82 70.54
CA LYS C 79 -55.62 -39.81 69.13
C LYS C 79 -57.12 -39.64 68.89
N GLN C 80 -57.95 -40.10 69.82
CA GLN C 80 -59.36 -40.24 69.54
C GLN C 80 -60.15 -38.97 69.83
N SER C 81 -59.83 -38.28 70.92
CA SER C 81 -60.44 -36.96 71.16
C SER C 81 -59.92 -35.92 70.16
N PHE C 82 -58.76 -36.19 69.53
CA PHE C 82 -58.26 -35.39 68.41
C PHE C 82 -59.17 -35.52 67.20
N LEU C 83 -59.36 -36.75 66.74
CA LEU C 83 -60.21 -37.03 65.55
C LEU C 83 -61.69 -36.67 65.70
N SER C 84 -62.19 -36.41 66.91
CA SER C 84 -63.61 -36.14 67.10
C SER C 84 -63.90 -34.73 67.63
N THR C 85 -63.26 -34.32 68.72
CA THR C 85 -63.46 -32.96 69.26
C THR C 85 -62.43 -31.92 68.72
N LYS C 86 -61.52 -32.37 67.83
CA LYS C 86 -60.44 -31.51 67.32
C LYS C 86 -59.75 -30.84 68.50
N LEU C 87 -59.17 -31.68 69.33
CA LEU C 87 -58.73 -31.31 70.66
C LEU C 87 -57.39 -31.98 70.93
N ILE C 88 -56.41 -31.19 71.32
CA ILE C 88 -55.12 -31.70 71.73
C ILE C 88 -55.16 -31.79 73.24
N SER C 89 -55.28 -33.02 73.74
CA SER C 89 -55.22 -33.33 75.16
C SER C 89 -54.27 -34.49 75.41
N LEU C 90 -53.94 -34.69 76.68
CA LEU C 90 -53.07 -35.79 77.07
C LEU C 90 -53.87 -37.11 77.06
N ARG C 91 -53.12 -38.16 76.76
CA ARG C 91 -53.57 -39.57 76.72
C ARG C 91 -54.03 -40.10 78.12
N ASP C 92 -53.31 -39.69 79.17
CA ASP C 92 -53.61 -39.96 80.58
C ASP C 92 -54.14 -38.68 81.26
N LYS C 93 -55.47 -38.59 81.35
CA LYS C 93 -56.15 -37.35 81.78
C LYS C 93 -55.65 -36.68 83.08
N SER C 94 -55.07 -37.47 83.99
CA SER C 94 -54.51 -36.97 85.27
C SER C 94 -53.15 -36.29 85.15
N LYS C 95 -52.50 -36.48 84.01
CA LYS C 95 -51.15 -35.95 83.81
C LYS C 95 -51.18 -34.52 83.26
N ALA C 96 -50.00 -33.96 82.99
CA ALA C 96 -49.90 -32.56 82.57
C ALA C 96 -48.74 -32.31 81.56
N PHE C 97 -48.81 -31.17 80.88
CA PHE C 97 -47.75 -30.74 79.98
C PHE C 97 -46.60 -30.20 80.82
N PRO C 98 -45.36 -30.55 80.46
CA PRO C 98 -44.21 -29.92 81.11
C PRO C 98 -44.27 -28.39 81.08
N ALA C 99 -44.04 -27.78 82.24
CA ALA C 99 -44.01 -26.33 82.38
C ALA C 99 -42.58 -25.80 82.58
N ASN C 100 -41.61 -26.56 82.09
CA ASN C 100 -40.21 -26.12 81.95
C ASN C 100 -39.97 -25.05 80.86
N ASP C 101 -41.02 -24.61 80.16
CA ASP C 101 -40.93 -23.71 79.01
C ASP C 101 -40.28 -24.38 77.78
N GLN C 102 -40.35 -25.71 77.69
CA GLN C 102 -39.78 -26.42 76.53
C GLN C 102 -40.84 -26.60 75.45
N SER C 103 -40.38 -26.63 74.22
CA SER C 103 -41.26 -26.75 73.04
C SER C 103 -41.77 -28.18 72.91
N LEU C 104 -43.06 -28.36 73.16
CA LEU C 104 -43.68 -29.68 73.10
C LEU C 104 -44.41 -29.87 71.76
N GLY C 105 -43.79 -30.63 70.88
CA GLY C 105 -44.41 -31.00 69.63
C GLY C 105 -45.56 -31.91 69.92
N VAL C 106 -46.77 -31.42 69.69
CA VAL C 106 -47.97 -32.23 69.91
C VAL C 106 -48.55 -32.81 68.65
N LEU C 107 -48.12 -32.33 67.48
CA LEU C 107 -48.83 -32.62 66.21
C LEU C 107 -48.05 -32.23 64.99
N ARG C 108 -48.04 -33.12 64.00
CA ARG C 108 -47.30 -32.93 62.76
C ARG C 108 -48.23 -33.10 61.58
N TRP C 109 -47.91 -32.42 60.47
CA TRP C 109 -48.53 -32.71 59.15
C TRP C 109 -47.52 -32.72 58.05
N ARG C 110 -47.94 -33.21 56.90
CA ARG C 110 -47.08 -33.34 55.74
C ARG C 110 -47.94 -33.57 54.54
N LYS C 111 -47.92 -32.63 53.63
CA LYS C 111 -48.81 -32.61 52.49
C LYS C 111 -47.87 -32.70 51.31
N VAL C 112 -48.19 -33.54 50.33
CA VAL C 112 -47.32 -33.64 49.15
C VAL C 112 -48.14 -33.42 47.91
N ALA C 113 -47.55 -32.75 46.92
CA ALA C 113 -48.25 -32.48 45.68
C ALA C 113 -47.45 -32.96 44.46
N PRO C 114 -48.15 -33.61 43.52
CA PRO C 114 -47.52 -34.01 42.28
C PRO C 114 -47.30 -32.86 41.30
N ALA C 115 -46.61 -33.18 40.23
CA ALA C 115 -46.41 -32.24 39.17
C ALA C 115 -47.73 -31.63 38.68
N GLU C 116 -47.62 -30.34 38.38
CA GLU C 116 -48.70 -29.55 37.86
C GLU C 116 -49.87 -29.33 38.84
N ASP C 117 -49.72 -29.73 40.11
CA ASP C 117 -50.71 -29.43 41.18
C ASP C 117 -50.16 -28.30 42.02
N ASP C 118 -50.86 -27.17 42.04
CA ASP C 118 -50.38 -25.93 42.66
C ASP C 118 -51.02 -25.56 44.03
N SER C 119 -51.55 -26.56 44.71
CA SER C 119 -52.36 -26.36 45.91
C SER C 119 -51.53 -25.98 47.15
N LEU C 120 -50.23 -26.25 47.12
CA LEU C 120 -49.34 -25.86 48.21
C LEU C 120 -48.40 -24.71 47.89
N ILE C 121 -48.53 -24.09 46.73
CA ILE C 121 -47.56 -23.07 46.32
C ILE C 121 -48.04 -21.71 46.83
N PRO C 122 -47.34 -21.08 47.79
CA PRO C 122 -47.68 -19.73 48.18
C PRO C 122 -47.27 -18.65 47.16
N LEU C 123 -46.26 -18.94 46.37
CA LEU C 123 -45.61 -17.94 45.57
C LEU C 123 -45.14 -18.63 44.34
N THR C 124 -45.85 -18.39 43.23
CA THR C 124 -45.58 -19.10 41.98
C THR C 124 -44.45 -18.40 41.26
N LEU C 125 -43.67 -19.14 40.48
CA LEU C 125 -42.55 -18.53 39.75
C LEU C 125 -42.53 -18.97 38.30
N THR C 126 -41.88 -18.14 37.48
CA THR C 126 -41.70 -18.33 36.05
C THR C 126 -40.45 -17.55 35.66
N THR C 127 -39.60 -18.10 34.81
CA THR C 127 -38.44 -17.37 34.33
C THR C 127 -38.39 -17.34 32.84
N ALA C 128 -37.94 -16.20 32.34
CA ALA C 128 -37.69 -16.00 30.93
C ALA C 128 -36.34 -15.40 30.79
N VAL C 129 -35.56 -15.93 29.86
CA VAL C 129 -34.19 -15.49 29.62
C VAL C 129 -34.00 -15.22 28.15
N SER C 130 -33.21 -14.21 27.83
CA SER C 130 -32.79 -13.91 26.46
C SER C 130 -31.49 -13.08 26.43
N PRO C 131 -30.65 -13.22 25.39
CA PRO C 131 -29.39 -12.49 25.29
C PRO C 131 -29.47 -10.99 25.43
N SER C 132 -28.43 -10.33 25.93
CA SER C 132 -28.50 -8.89 26.08
C SER C 132 -27.51 -8.20 25.19
N GLU C 133 -27.86 -6.98 24.76
CA GLU C 133 -26.93 -6.11 24.05
C GLU C 133 -25.99 -5.50 25.11
N SER C 134 -26.57 -4.98 26.19
CA SER C 134 -25.88 -4.19 27.25
C SER C 134 -24.75 -4.90 28.03
N GLN C 135 -24.81 -6.22 28.12
CA GLN C 135 -23.81 -6.99 28.85
C GLN C 135 -23.54 -8.24 28.05
N GLN C 136 -22.44 -8.90 28.39
CA GLN C 136 -22.11 -10.22 27.87
C GLN C 136 -22.92 -11.30 28.62
N GLY C 137 -24.21 -11.36 28.36
CA GLY C 137 -25.04 -12.27 29.08
C GLY C 137 -26.49 -12.12 28.72
N PHE C 138 -27.30 -12.02 29.76
CA PHE C 138 -28.70 -12.31 29.66
C PHE C 138 -29.53 -11.34 30.43
N ASP C 139 -30.62 -10.93 29.80
CA ASP C 139 -31.68 -10.18 30.44
C ASP C 139 -32.60 -11.27 30.98
N VAL C 140 -32.85 -11.18 32.28
CA VAL C 140 -33.63 -12.15 33.00
C VAL C 140 -34.91 -11.45 33.44
N ILE C 141 -35.97 -12.24 33.49
CA ILE C 141 -37.26 -11.83 34.00
C ILE C 141 -37.75 -12.97 34.88
N ILE C 142 -37.95 -12.68 36.17
CA ILE C 142 -38.59 -13.59 37.09
C ILE C 142 -39.96 -13.02 37.40
N GLU C 143 -40.98 -13.71 36.91
CA GLU C 143 -42.33 -13.32 37.16
C GLU C 143 -42.82 -14.13 38.33
N TYR C 144 -43.41 -13.47 39.34
CA TYR C 144 -43.89 -14.11 40.57
C TYR C 144 -45.30 -13.65 40.96
N GLU C 145 -46.06 -14.48 41.67
CA GLU C 145 -47.40 -14.16 42.12
C GLU C 145 -47.66 -14.71 43.52
N SER C 146 -48.03 -13.86 44.47
CA SER C 146 -48.46 -14.38 45.74
C SER C 146 -49.92 -14.84 45.75
N VAL C 147 -50.17 -15.87 46.53
CA VAL C 147 -51.51 -16.22 46.99
C VAL C 147 -51.69 -16.09 48.49
N LEU C 148 -50.74 -15.54 49.20
CA LEU C 148 -50.92 -15.35 50.63
C LEU C 148 -51.82 -14.14 50.92
N GLU C 149 -52.44 -14.14 52.09
CA GLU C 149 -53.25 -13.01 52.55
C GLU C 149 -52.38 -11.92 53.15
N THR C 150 -51.28 -12.30 53.80
CA THR C 150 -50.28 -11.34 54.30
C THR C 150 -49.22 -11.01 53.25
N GLU C 151 -48.51 -9.90 53.42
CA GLU C 151 -47.40 -9.61 52.54
C GLU C 151 -46.14 -10.40 52.95
N LEU C 152 -45.25 -10.54 51.97
CA LEU C 152 -43.91 -11.06 52.17
C LEU C 152 -42.91 -9.92 52.14
N ALA C 153 -41.99 -9.92 53.09
CA ALA C 153 -40.94 -8.91 53.18
C ALA C 153 -39.57 -9.50 52.92
N ASP C 154 -38.66 -8.69 52.43
CA ASP C 154 -37.28 -9.10 52.24
C ASP C 154 -37.19 -10.54 51.66
N VAL C 155 -37.68 -10.69 50.43
CA VAL C 155 -37.68 -11.96 49.74
C VAL C 155 -36.46 -11.97 48.89
N ILE C 156 -35.75 -13.09 48.84
CA ILE C 156 -34.45 -13.11 48.19
C ILE C 156 -34.39 -14.12 47.08
N PHE C 157 -34.06 -13.60 45.89
CA PHE C 157 -33.79 -14.38 44.68
C PHE C 157 -32.30 -14.58 44.52
N THR C 158 -31.91 -15.80 44.15
CA THR C 158 -30.48 -16.11 44.03
C THR C 158 -30.15 -16.83 42.72
N ILE C 159 -29.39 -16.12 41.88
CA ILE C 159 -28.89 -16.60 40.63
C ILE C 159 -27.49 -17.08 40.92
N PRO C 160 -27.14 -18.32 40.57
CA PRO C 160 -25.81 -18.85 40.90
C PRO C 160 -24.69 -18.45 39.96
N VAL C 161 -24.50 -17.17 39.70
CA VAL C 161 -23.28 -16.71 39.04
C VAL C 161 -22.71 -15.56 39.84
N PHE C 162 -21.38 -15.41 39.79
CA PHE C 162 -20.63 -14.35 40.48
C PHE C 162 -20.00 -13.48 39.40
N PRO C 163 -20.75 -12.50 38.87
CA PRO C 163 -20.29 -11.75 37.71
C PRO C 163 -19.30 -10.63 38.02
N GLN C 164 -18.55 -10.20 37.00
CA GLN C 164 -17.52 -9.18 37.13
C GLN C 164 -18.11 -7.80 36.99
N GLU C 165 -18.99 -7.64 35.99
CA GLU C 165 -19.79 -6.45 35.82
C GLU C 165 -20.92 -6.55 36.81
N PRO C 166 -21.25 -5.44 37.50
CA PRO C 166 -22.40 -5.52 38.41
C PRO C 166 -23.71 -5.76 37.70
N VAL C 167 -24.57 -6.54 38.35
CA VAL C 167 -25.92 -6.77 37.89
C VAL C 167 -26.57 -5.42 37.72
N ASP C 168 -27.33 -5.27 36.65
CA ASP C 168 -28.07 -4.05 36.36
C ASP C 168 -29.55 -4.38 36.52
N ILE C 169 -30.16 -3.85 37.59
CA ILE C 169 -31.57 -4.10 37.83
C ILE C 169 -32.41 -3.13 37.03
N ASN C 170 -33.40 -3.68 36.33
CA ASN C 170 -34.25 -2.90 35.46
C ASN C 170 -35.23 -2.20 36.35
N THR C 171 -35.03 -0.91 36.45
CA THR C 171 -35.50 -0.18 37.59
C THR C 171 -36.98 0.18 37.51
N GLU C 172 -37.49 0.40 36.28
CA GLU C 172 -38.93 0.67 36.04
C GLU C 172 -39.68 -0.49 35.34
N SER C 173 -38.95 -1.48 34.79
CA SER C 173 -39.51 -2.81 34.40
C SER C 173 -39.68 -3.83 35.61
N SER C 174 -39.16 -3.49 36.79
CA SER C 174 -39.38 -4.25 38.02
C SER C 174 -40.48 -3.54 38.83
N THR C 175 -41.18 -4.32 39.66
CA THR C 175 -42.30 -3.85 40.51
C THR C 175 -41.85 -3.17 41.81
N CYS C 176 -40.71 -3.61 42.36
CA CYS C 176 -40.09 -3.00 43.57
C CYS C 176 -38.89 -2.11 43.15
N SER C 177 -39.12 -0.79 43.13
CA SER C 177 -38.08 0.20 42.75
C SER C 177 -36.78 0.04 43.52
N ASP C 178 -36.87 -0.45 44.75
CA ASP C 178 -35.69 -0.73 45.58
C ASP C 178 -35.36 -2.24 45.69
N ALA C 179 -35.54 -2.97 44.58
CA ALA C 179 -34.94 -4.29 44.43
C ALA C 179 -33.46 -4.07 44.28
N GLU C 180 -32.66 -4.65 45.15
CA GLU C 180 -31.21 -4.40 45.12
C GLU C 180 -30.43 -5.67 45.36
N VAL C 181 -29.21 -5.70 44.83
CA VAL C 181 -28.26 -6.78 45.15
C VAL C 181 -27.77 -6.63 46.59
N VAL C 182 -27.95 -7.69 47.38
CA VAL C 182 -27.52 -7.74 48.77
C VAL C 182 -26.34 -8.67 49.08
N ASN C 183 -25.89 -9.47 48.14
CA ASN C 183 -24.83 -10.42 48.39
C ASN C 183 -24.25 -10.97 47.10
N ASP C 185 -21.42 -14.05 46.38
CA ASP C 185 -20.45 -14.98 46.86
C ASP C 185 -19.93 -15.73 45.64
N GLN C 186 -18.63 -15.99 45.61
CA GLN C 186 -18.02 -16.83 44.59
C GLN C 186 -18.66 -18.21 44.52
N GLU C 187 -18.96 -18.85 45.65
CA GLU C 187 -19.56 -20.17 45.62
C GLU C 187 -21.06 -20.16 45.33
N GLY C 189 -23.44 -17.50 44.62
CA GLY C 189 -23.97 -16.68 43.53
C GLY C 189 -24.37 -15.30 43.94
N THR C 190 -25.10 -14.63 43.05
CA THR C 190 -25.63 -13.29 43.29
C THR C 190 -27.02 -13.35 43.93
N SER C 191 -27.28 -12.55 44.98
CA SER C 191 -28.57 -12.51 45.66
C SER C 191 -29.18 -11.14 45.56
N ILE C 192 -30.34 -11.06 44.88
CA ILE C 192 -31.15 -9.85 44.73
C ILE C 192 -32.31 -9.94 45.72
N LYS C 193 -32.53 -8.89 46.51
CA LYS C 193 -33.59 -8.85 47.52
C LYS C 193 -34.68 -7.95 47.03
N ILE C 194 -35.90 -8.35 47.25
CA ILE C 194 -37.10 -7.56 46.99
C ILE C 194 -37.74 -7.17 48.33
N SER C 195 -37.90 -5.88 48.56
CA SER C 195 -38.33 -5.40 49.87
C SER C 195 -39.69 -5.96 50.29
N LYS C 196 -40.67 -5.90 49.39
CA LYS C 196 -42.04 -6.27 49.69
C LYS C 196 -42.62 -6.96 48.48
N ILE C 197 -43.29 -8.09 48.71
CA ILE C 197 -44.19 -8.69 47.71
C ILE C 197 -45.52 -8.70 48.41
N ALA C 198 -46.42 -7.86 47.87
CA ALA C 198 -47.78 -7.68 48.40
C ALA C 198 -48.56 -8.95 48.31
N ALA C 199 -49.48 -9.09 49.26
CA ALA C 199 -50.46 -10.19 49.31
C ALA C 199 -51.27 -10.23 48.02
N ASN C 200 -51.60 -11.44 47.61
CA ASN C 200 -52.37 -11.66 46.38
C ASN C 200 -51.98 -10.79 45.24
N ASP C 201 -50.73 -10.35 45.17
CA ASP C 201 -50.28 -9.53 44.07
C ASP C 201 -49.19 -10.23 43.25
N ALA C 202 -49.19 -9.90 41.96
CA ALA C 202 -48.25 -10.33 40.96
C ALA C 202 -47.22 -9.26 40.73
N GLY C 203 -46.11 -9.65 40.13
CA GLY C 203 -44.87 -8.88 40.18
C GLY C 203 -43.84 -9.47 39.25
N ALA C 204 -42.76 -8.72 39.04
CA ALA C 204 -41.67 -9.17 38.21
C ALA C 204 -40.36 -8.55 38.65
N LEU C 205 -39.32 -9.37 38.67
CA LEU C 205 -38.00 -8.90 38.90
C LEU C 205 -37.33 -9.11 37.57
N ALA C 206 -36.81 -8.01 37.02
CA ALA C 206 -36.09 -8.01 35.75
C ALA C 206 -34.78 -7.30 35.91
N PHE C 207 -33.73 -7.91 35.34
CA PHE C 207 -32.34 -7.47 35.51
C PHE C 207 -31.47 -8.09 34.43
N THR C 208 -30.27 -7.57 34.28
CA THR C 208 -29.30 -8.12 33.35
C THR C 208 -28.09 -8.63 34.10
N ILE C 209 -27.41 -9.64 33.57
CA ILE C 209 -26.33 -10.25 34.31
C ILE C 209 -25.35 -10.96 33.39
N GLU C 210 -24.06 -10.84 33.68
CA GLU C 210 -23.01 -11.51 32.90
C GLU C 210 -23.04 -13.01 33.16
N ALA C 211 -22.95 -13.79 32.09
CA ALA C 211 -22.98 -15.23 32.19
C ALA C 211 -22.66 -15.84 30.82
N PRO C 212 -21.92 -16.97 30.82
CA PRO C 212 -21.43 -17.54 29.56
C PRO C 212 -22.52 -18.15 28.72
N TYR C 213 -23.47 -18.84 29.38
CA TYR C 213 -24.61 -19.42 28.75
C TYR C 213 -25.74 -19.49 29.74
N GLU C 214 -26.91 -19.79 29.22
CA GLU C 214 -28.13 -19.85 29.97
C GLU C 214 -28.20 -20.89 31.08
N ASP C 215 -27.53 -22.04 30.95
CA ASP C 215 -27.65 -23.12 31.94
C ASP C 215 -26.94 -22.71 33.24
N ALA C 216 -26.05 -21.72 33.12
CA ALA C 216 -25.36 -21.09 34.26
C ALA C 216 -26.28 -20.36 35.20
N LEU C 217 -27.38 -19.84 34.66
CA LEU C 217 -28.35 -19.13 35.47
C LEU C 217 -29.24 -20.06 36.29
N TYR C 218 -28.97 -21.35 36.39
CA TYR C 218 -29.92 -22.20 37.09
C TYR C 218 -29.13 -23.16 37.92
N PRO C 219 -29.65 -23.64 39.04
CA PRO C 219 -30.98 -23.29 39.56
C PRO C 219 -31.04 -21.96 40.27
N THR C 221 -33.14 -19.57 42.99
CA THR C 221 -33.46 -19.96 44.35
C THR C 221 -34.08 -18.78 45.03
N VAL C 222 -35.11 -19.03 45.80
CA VAL C 222 -35.85 -17.96 46.39
C VAL C 222 -36.04 -18.38 47.84
N SER C 223 -35.94 -17.39 48.71
CA SER C 223 -35.97 -17.58 50.14
C SER C 223 -36.98 -16.59 50.65
N PHE C 224 -38.02 -17.06 51.29
CA PHE C 224 -38.99 -16.16 51.93
C PHE C 224 -39.41 -16.78 53.24
N GLN C 225 -40.10 -15.98 54.03
CA GLN C 225 -40.32 -16.19 55.45
C GLN C 225 -41.47 -15.29 55.80
N GLU C 226 -42.43 -15.74 56.57
CA GLU C 226 -43.50 -14.88 57.06
C GLU C 226 -43.85 -15.35 58.46
N SER C 227 -44.30 -14.42 59.30
CA SER C 227 -44.58 -14.72 60.71
C SER C 227 -45.56 -13.71 61.27
N THR C 228 -46.60 -14.18 61.90
CA THR C 228 -47.61 -13.31 62.49
C THR C 228 -47.87 -13.77 63.92
N ARG C 229 -47.97 -12.82 64.83
CA ARG C 229 -48.23 -13.13 66.24
C ARG C 229 -49.72 -13.03 66.55
N ASP C 230 -50.53 -12.51 65.64
CA ASP C 230 -52.00 -12.44 65.77
C ASP C 230 -52.66 -13.77 66.22
N LYS C 231 -53.58 -13.65 67.19
CA LYS C 231 -54.26 -14.78 67.81
C LYS C 231 -55.33 -15.36 66.89
N LEU C 232 -55.85 -14.55 65.97
CA LEU C 232 -56.88 -14.98 65.00
C LEU C 232 -56.34 -15.56 63.68
N ALA C 233 -55.02 -15.53 63.48
CA ALA C 233 -54.43 -15.88 62.17
C ALA C 233 -54.53 -17.37 61.90
N LYS C 234 -54.47 -17.69 60.60
CA LYS C 234 -54.37 -19.07 60.11
C LYS C 234 -53.01 -19.31 59.44
N SER C 235 -52.55 -20.56 59.51
CA SER C 235 -51.39 -21.02 58.74
C SER C 235 -51.75 -21.08 57.25
N PHE C 236 -50.75 -21.27 56.42
CA PHE C 236 -50.99 -21.38 55.02
C PHE C 236 -51.89 -22.56 54.64
N THR C 237 -52.01 -23.61 55.45
CA THR C 237 -53.02 -24.67 55.18
C THR C 237 -54.29 -24.56 56.02
N GLY C 238 -54.47 -23.41 56.67
CA GLY C 238 -55.66 -23.14 57.49
C GLY C 238 -55.66 -23.56 58.94
N ALA C 240 -55.11 -23.36 62.85
CA ALA C 240 -55.15 -22.31 63.88
C ALA C 240 -55.77 -22.84 65.18
N ILE C 241 -55.67 -22.04 66.21
CA ILE C 241 -56.16 -22.42 67.51
C ILE C 241 -57.43 -21.63 67.74
N GLN C 242 -58.52 -22.35 68.01
CA GLN C 242 -59.77 -21.74 68.43
C GLN C 242 -59.69 -21.24 69.85
N SER C 243 -59.18 -22.09 70.75
CA SER C 243 -59.02 -21.76 72.17
C SER C 243 -58.12 -22.73 72.96
N VAL C 244 -57.48 -22.16 73.99
CA VAL C 244 -56.86 -22.96 75.03
C VAL C 244 -57.80 -23.01 76.24
N VAL C 245 -57.82 -24.17 76.89
CA VAL C 245 -58.86 -24.50 77.85
C VAL C 245 -58.28 -25.34 79.01
N ALA C 247 -58.32 -28.89 81.28
CA ALA C 247 -58.60 -30.33 81.11
C ALA C 247 -59.85 -30.78 81.87
N ASN C 248 -59.96 -30.32 83.12
CA ASN C 248 -61.08 -30.68 84.02
C ASN C 248 -62.35 -29.96 83.60
N ASP C 249 -62.25 -28.65 83.45
CA ASP C 249 -63.38 -27.76 83.14
C ASP C 249 -63.25 -27.10 81.74
N HIS C 250 -63.79 -27.74 80.72
CA HIS C 250 -63.68 -27.23 79.34
C HIS C 250 -64.28 -25.85 79.14
N ASP C 251 -65.25 -25.45 79.96
CA ASP C 251 -65.84 -24.09 79.87
C ASP C 251 -64.88 -22.95 80.27
N GLN C 252 -63.85 -23.26 81.04
CA GLN C 252 -62.84 -22.29 81.46
C GLN C 252 -61.81 -22.02 80.36
N GLU C 253 -61.74 -20.77 79.90
CA GLU C 253 -60.71 -20.30 78.94
C GLU C 253 -59.34 -20.30 79.59
N LEU C 254 -58.30 -19.95 78.84
CA LEU C 254 -56.97 -19.68 79.42
C LEU C 254 -56.29 -18.62 78.56
N PRO C 255 -55.38 -17.82 79.15
CA PRO C 255 -54.67 -16.79 78.36
C PRO C 255 -53.55 -17.42 77.53
N TYR C 256 -53.39 -16.96 76.28
CA TYR C 256 -52.32 -17.47 75.38
C TYR C 256 -51.94 -16.58 74.20
N ASP C 257 -50.79 -16.91 73.63
CA ASP C 257 -50.30 -16.32 72.39
C ASP C 257 -49.94 -17.43 71.42
N VAL C 258 -50.11 -17.13 70.14
CA VAL C 258 -49.82 -18.06 69.05
C VAL C 258 -49.03 -17.35 67.95
N ILE C 259 -48.00 -18.00 67.46
CA ILE C 259 -47.18 -17.49 66.37
C ILE C 259 -47.40 -18.43 65.24
N THR C 260 -47.92 -17.90 64.14
CA THR C 260 -48.00 -18.68 62.91
C THR C 260 -46.78 -18.30 62.08
N SER C 261 -46.22 -19.24 61.35
CA SER C 261 -45.09 -18.92 60.47
C SER C 261 -44.96 -19.87 59.30
N LEU C 262 -44.37 -19.36 58.21
CA LEU C 262 -44.10 -20.11 56.97
C LEU C 262 -42.69 -19.79 56.50
N LYS C 263 -41.86 -20.78 56.25
CA LYS C 263 -40.54 -20.53 55.66
C LYS C 263 -40.38 -21.42 54.43
N SER C 264 -39.65 -20.95 53.44
CA SER C 264 -39.31 -21.81 52.31
C SER C 264 -38.10 -22.55 52.76
N ASP C 265 -37.90 -23.74 52.20
CA ASP C 265 -36.65 -24.49 52.32
C ASP C 265 -36.03 -24.59 50.91
N GLU C 266 -36.29 -25.65 50.16
CA GLU C 266 -35.77 -25.78 48.81
C GLU C 266 -36.86 -25.29 47.89
N TYR C 267 -36.70 -24.07 47.39
CA TYR C 267 -37.74 -23.40 46.59
C TYR C 267 -37.05 -22.86 45.38
N LEU C 268 -37.21 -23.55 44.25
CA LEU C 268 -36.30 -23.33 43.17
C LEU C 268 -36.88 -23.61 41.82
N VAL C 269 -36.20 -23.02 40.84
CA VAL C 269 -36.55 -23.02 39.46
C VAL C 269 -35.36 -23.60 38.75
N GLN C 270 -35.59 -24.67 38.02
CA GLN C 270 -34.53 -25.50 37.52
C GLN C 270 -34.81 -26.01 36.13
N ASP D 8 -0.90 -6.45 17.10
CA ASP D 8 -0.70 -4.99 16.81
C ASP D 8 -0.04 -4.73 15.43
N VAL D 9 -0.20 -3.49 14.95
CA VAL D 9 0.67 -2.85 13.94
C VAL D 9 0.72 -1.39 14.42
N PRO D 10 1.62 -1.10 15.38
CA PRO D 10 1.49 -0.01 16.37
C PRO D 10 1.45 1.42 15.82
N GLU D 11 0.89 2.31 16.64
CA GLU D 11 0.49 3.63 16.21
C GLU D 11 1.67 4.60 16.22
N ASN D 12 1.80 5.36 15.14
CA ASN D 12 2.86 6.31 14.95
C ASN D 12 2.31 7.73 15.05
N ASN D 13 3.05 8.57 15.77
CA ASN D 13 2.72 9.98 15.97
C ASN D 13 3.79 10.89 15.37
N GLY D 14 4.31 10.51 14.20
CA GLY D 14 5.42 11.23 13.58
C GLY D 14 6.55 10.28 13.29
N ILE D 15 7.41 10.08 14.30
CA ILE D 15 8.60 9.21 14.29
C ILE D 15 8.39 8.10 15.30
N LEU D 16 8.34 6.85 14.82
CA LEU D 16 8.31 5.68 15.69
C LEU D 16 9.51 4.79 15.47
N ILE D 17 10.43 4.81 16.43
CA ILE D 17 11.60 3.93 16.42
C ILE D 17 11.34 2.55 17.04
N SER D 18 11.79 1.48 16.40
CA SER D 18 11.68 0.12 16.96
C SER D 18 13.02 -0.59 17.08
N ILE D 19 13.39 -0.98 18.29
CA ILE D 19 14.55 -1.83 18.50
C ILE D 19 14.04 -3.25 18.72
N LYS D 20 14.45 -4.16 17.84
CA LYS D 20 13.90 -5.52 17.80
C LYS D 20 14.99 -6.57 17.86
N GLU D 21 15.08 -7.24 18.98
CA GLU D 21 16.07 -8.25 19.18
C GLU D 21 15.39 -9.62 19.31
N VAL D 22 16.08 -10.63 18.79
CA VAL D 22 15.59 -11.99 18.79
C VAL D 22 16.68 -12.89 19.26
N ILE D 23 16.39 -13.78 20.21
CA ILE D 23 17.39 -14.58 20.90
C ILE D 23 17.20 -16.05 20.61
N ASN D 24 18.28 -16.73 20.23
CA ASN D 24 18.32 -18.18 20.09
C ASN D 24 19.27 -18.75 21.13
N ALA D 25 18.94 -19.94 21.64
CA ALA D 25 19.77 -20.55 22.68
C ALA D 25 19.49 -21.99 22.74
N GLU D 26 20.56 -22.78 22.80
CA GLU D 26 20.46 -24.22 22.98
C GLU D 26 21.18 -24.61 24.24
N PHE D 27 20.49 -25.26 25.15
CA PHE D 27 21.08 -25.80 26.37
C PHE D 27 21.16 -27.34 26.39
N SER D 28 22.13 -27.87 27.12
CA SER D 28 22.20 -29.28 27.41
C SER D 28 21.17 -29.57 28.45
N ARG D 29 20.93 -30.87 28.68
CA ARG D 29 19.87 -31.26 29.62
C ARG D 29 20.10 -30.77 31.02
N ASP D 30 21.36 -30.89 31.46
CA ASP D 30 21.84 -30.30 32.75
C ASP D 30 21.79 -28.77 32.84
N GLY D 31 21.77 -28.08 31.71
CA GLY D 31 21.68 -26.64 31.68
C GLY D 31 22.97 -25.92 31.32
N THR D 32 23.92 -26.68 30.79
CA THR D 32 25.14 -26.13 30.24
C THR D 32 24.82 -25.51 28.90
N ILE D 33 25.07 -24.22 28.72
CA ILE D 33 24.73 -23.50 27.48
C ILE D 33 25.59 -24.06 26.37
N HIS D 34 25.00 -24.54 25.30
CA HIS D 34 25.72 -25.08 24.14
C HIS D 34 26.09 -23.97 23.15
N SER D 35 25.23 -22.96 23.04
CA SER D 35 25.35 -21.88 22.05
C SER D 35 24.22 -20.88 22.26
N SER D 36 24.41 -19.67 21.77
CA SER D 36 23.33 -18.72 21.68
C SER D 36 23.67 -17.71 20.63
N GLU D 37 22.64 -17.15 20.01
CA GLU D 37 22.78 -16.14 18.99
C GLU D 37 21.66 -15.14 19.15
N LEU D 38 22.00 -13.88 18.92
CA LEU D 38 21.06 -12.79 19.06
C LEU D 38 21.16 -11.92 17.85
N LYS D 39 20.06 -11.82 17.11
CA LYS D 39 19.95 -10.90 15.99
C LYS D 39 19.12 -9.75 16.50
N GLY D 40 19.63 -8.54 16.25
CA GLY D 40 18.89 -7.29 16.40
C GLY D 40 18.87 -6.40 15.16
N VAL D 41 17.96 -5.43 15.22
CA VAL D 41 17.72 -4.47 14.16
C VAL D 41 17.04 -3.21 14.73
N LEU D 42 17.37 -2.06 14.13
CA LEU D 42 16.78 -0.78 14.50
C LEU D 42 15.96 -0.26 13.32
N GLU D 43 14.65 -0.27 13.46
CA GLU D 43 13.73 0.19 12.41
C GLU D 43 13.13 1.56 12.79
N LEU D 44 12.81 2.34 11.77
CA LEU D 44 12.37 3.73 11.89
C LEU D 44 11.11 3.92 11.06
N ARG D 45 10.02 4.38 11.67
CA ARG D 45 8.83 4.76 10.90
C ARG D 45 8.59 6.26 10.96
N ILE D 46 8.29 6.86 9.79
CA ILE D 46 7.96 8.29 9.64
C ILE D 46 6.66 8.46 8.80
N ASN D 47 5.67 9.21 9.33
CA ASN D 47 4.37 9.48 8.63
C ASN D 47 4.09 10.98 8.39
N ASP D 48 5.11 11.81 8.58
CA ASP D 48 4.99 13.26 8.67
C ASP D 48 6.24 13.87 8.03
N HIS D 49 6.06 14.42 6.82
CA HIS D 49 7.19 14.89 5.99
C HIS D 49 8.08 15.95 6.67
N ASP D 50 7.54 16.75 7.58
CA ASP D 50 8.38 17.71 8.32
C ASP D 50 9.45 17.07 9.23
N LEU D 51 9.31 15.76 9.48
CA LEU D 51 10.26 14.98 10.28
C LEU D 51 11.22 14.08 9.46
N SER D 52 11.02 13.99 8.14
CA SER D 52 11.88 13.23 7.21
C SER D 52 13.35 13.62 7.24
N HIS D 53 13.63 14.90 7.46
CA HIS D 53 15.00 15.41 7.43
CA HIS D 53 15.02 15.41 7.42
C HIS D 53 15.63 15.33 8.84
N SER D 54 15.61 14.12 9.40
CA SER D 54 16.05 13.83 10.77
C SER D 54 17.29 12.91 10.90
N ASN D 55 17.78 12.82 12.14
CA ASN D 55 18.87 11.94 12.56
C ASN D 55 18.46 11.18 13.83
N LEU D 56 19.09 10.03 14.11
CA LEU D 56 18.98 9.39 15.43
C LEU D 56 20.36 9.44 16.04
N LYS D 57 20.45 9.71 17.34
CA LYS D 57 21.72 9.47 18.05
C LYS D 57 21.53 8.51 19.18
N LEU D 58 22.45 7.56 19.23
CA LEU D 58 22.32 6.40 20.06
C LEU D 58 22.88 6.71 21.43
N ALA D 59 22.45 5.91 22.41
CA ALA D 59 22.97 6.00 23.76
C ALA D 59 24.47 6.07 23.77
N ASP D 60 25.01 6.99 24.58
CA ASP D 60 26.45 7.07 24.77
C ASP D 60 27.01 5.79 25.39
N SER D 61 26.16 5.01 26.08
CA SER D 61 26.59 3.72 26.61
C SER D 61 27.04 2.70 25.54
N ILE D 62 26.55 2.81 24.29
CA ILE D 62 26.84 1.79 23.27
C ILE D 62 28.24 1.92 22.70
N ASP D 63 28.86 0.79 22.40
CA ASP D 63 30.15 0.77 21.74
C ASP D 63 29.99 0.30 20.29
N VAL D 64 29.93 1.24 19.37
CA VAL D 64 29.61 0.94 17.97
C VAL D 64 30.77 0.27 17.20
N ARG D 65 31.91 0.14 17.88
CA ARG D 65 33.12 -0.48 17.34
C ARG D 65 33.40 -1.87 17.91
N ASP D 66 32.71 -2.20 18.99
CA ASP D 66 32.61 -3.58 19.47
C ASP D 66 32.29 -4.54 18.32
N LYS D 67 33.28 -5.28 17.88
CA LYS D 67 33.14 -6.10 16.69
C LYS D 67 32.26 -7.34 16.90
N SER D 68 32.05 -7.71 18.16
CA SER D 68 31.18 -8.82 18.48
C SER D 68 29.72 -8.58 18.11
N PHE D 69 29.28 -7.33 18.15
CA PHE D 69 27.93 -6.97 17.69
C PHE D 69 27.68 -7.17 16.16
N GLN D 70 28.75 -7.27 15.36
CA GLN D 70 28.65 -7.30 13.91
C GLN D 70 27.65 -6.24 13.40
N PHE D 71 27.85 -4.98 13.84
CA PHE D 71 26.98 -3.86 13.46
C PHE D 71 27.03 -3.67 11.98
N LYS D 72 25.89 -3.36 11.40
CA LYS D 72 25.81 -3.22 9.97
C LYS D 72 24.74 -2.15 9.69
N THR D 73 25.22 -0.98 9.26
CA THR D 73 24.33 0.10 8.85
C THR D 73 23.75 -0.20 7.47
N HIS D 74 22.51 0.19 7.25
CA HIS D 74 21.87 0.04 5.94
C HIS D 74 22.66 0.83 4.89
N PRO D 75 22.83 0.31 3.65
CA PRO D 75 23.66 1.01 2.65
C PRO D 75 23.39 2.53 2.47
N ASN D 76 22.12 2.94 2.40
CA ASN D 76 21.70 4.36 2.54
C ASN D 76 22.24 5.18 3.73
N ILE D 77 22.78 4.54 4.78
CA ILE D 77 23.20 5.24 6.01
C ILE D 77 24.69 5.54 5.95
N ASP D 78 25.08 6.63 6.61
CA ASP D 78 26.46 7.09 6.65
C ASP D 78 27.18 6.30 7.71
N LYS D 79 27.88 5.26 7.29
CA LYS D 79 28.66 4.45 8.21
C LYS D 79 29.68 5.26 9.03
N GLN D 80 30.26 6.32 8.48
CA GLN D 80 31.35 6.98 9.18
C GLN D 80 30.87 7.84 10.37
N SER D 81 29.75 8.53 10.20
CA SER D 81 29.18 9.29 11.28
C SER D 81 28.59 8.32 12.35
N PHE D 82 28.11 7.15 11.90
CA PHE D 82 27.67 6.10 12.85
C PHE D 82 28.83 5.64 13.71
N LEU D 83 29.99 5.39 13.12
CA LEU D 83 31.15 4.93 13.88
C LEU D 83 31.70 6.00 14.84
N SER D 84 31.83 7.25 14.39
CA SER D 84 32.44 8.31 15.23
C SER D 84 31.48 8.98 16.22
N THR D 85 30.36 9.51 15.72
CA THR D 85 29.40 10.24 16.58
C THR D 85 28.20 9.40 17.10
N LYS D 86 28.08 8.15 16.67
CA LYS D 86 26.94 7.26 17.01
C LYS D 86 25.65 7.83 16.46
N LEU D 87 25.72 8.30 15.23
CA LEU D 87 24.61 8.96 14.58
C LEU D 87 24.09 8.13 13.42
N ILE D 88 22.80 7.81 13.43
CA ILE D 88 22.13 7.29 12.23
C ILE D 88 21.81 8.49 11.36
N SER D 89 22.57 8.70 10.29
CA SER D 89 22.29 9.78 9.34
C SER D 89 22.43 9.31 7.91
N LEU D 90 21.93 10.09 6.97
CA LEU D 90 21.98 9.68 5.57
C LEU D 90 23.36 9.93 4.92
N ARG D 91 23.67 8.99 4.03
CA ARG D 91 24.81 9.02 3.11
C ARG D 91 24.83 10.33 2.31
N ASP D 92 23.67 10.71 1.76
CA ASP D 92 23.50 11.98 1.04
C ASP D 92 22.82 13.05 1.91
N LYS D 93 23.60 14.05 2.32
CA LYS D 93 23.16 15.08 3.27
C LYS D 93 21.88 15.87 2.85
N SER D 94 21.72 16.12 1.56
CA SER D 94 20.56 16.85 1.04
C SER D 94 19.21 16.13 1.21
N LYS D 95 19.23 14.79 1.28
CA LYS D 95 18.03 13.94 1.12
C LYS D 95 17.35 13.54 2.45
N ALA D 96 16.32 12.70 2.38
CA ALA D 96 15.51 12.41 3.56
C ALA D 96 14.86 11.03 3.58
N PHE D 97 14.57 10.54 4.79
CA PHE D 97 13.89 9.24 4.98
C PHE D 97 12.48 9.34 4.43
N PRO D 98 12.02 8.30 3.70
CA PRO D 98 10.62 8.20 3.23
C PRO D 98 9.58 8.44 4.31
N ALA D 99 8.54 9.23 3.98
CA ALA D 99 7.53 9.72 4.95
C ALA D 99 6.22 8.94 4.89
N ASN D 100 6.29 7.67 4.56
CA ASN D 100 5.13 6.87 4.17
C ASN D 100 4.70 5.82 5.23
N ASP D 101 5.22 5.96 6.46
CA ASP D 101 4.93 5.02 7.57
C ASP D 101 5.35 3.55 7.30
N GLN D 102 6.39 3.39 6.47
CA GLN D 102 6.94 2.09 6.14
C GLN D 102 8.17 1.90 6.97
N SER D 103 8.40 0.67 7.40
CA SER D 103 9.51 0.33 8.30
C SER D 103 10.84 0.38 7.56
N LEU D 104 11.76 1.20 8.06
CA LEU D 104 13.04 1.42 7.39
C LEU D 104 14.23 0.91 8.21
N GLY D 105 14.79 -0.23 7.80
CA GLY D 105 15.94 -0.79 8.50
C GLY D 105 17.12 0.13 8.39
N VAL D 106 17.64 0.61 9.50
CA VAL D 106 18.83 1.45 9.42
C VAL D 106 20.05 0.83 10.06
N LEU D 107 19.85 -0.26 10.78
CA LEU D 107 20.93 -0.86 11.56
C LEU D 107 20.61 -2.29 11.98
N ARG D 108 21.63 -3.13 11.87
CA ARG D 108 21.54 -4.55 12.17
C ARG D 108 22.69 -4.95 13.08
N TRP D 109 22.42 -5.87 14.00
CA TRP D 109 23.48 -6.54 14.74
C TRP D 109 23.20 -8.01 14.87
N ARG D 110 24.29 -8.75 15.10
CA ARG D 110 24.25 -10.19 15.37
C ARG D 110 25.32 -10.45 16.40
N LYS D 111 24.98 -10.97 17.57
CA LYS D 111 26.02 -11.37 18.54
C LYS D 111 25.98 -12.89 18.68
N VAL D 112 27.15 -13.54 18.68
CA VAL D 112 27.17 -15.02 18.81
C VAL D 112 28.10 -15.48 19.91
N ALA D 113 27.54 -16.19 20.86
CA ALA D 113 28.23 -16.65 22.04
C ALA D 113 28.50 -18.16 21.99
N PRO D 114 29.73 -18.60 22.33
CA PRO D 114 30.07 -20.02 22.26
C PRO D 114 29.54 -20.81 23.47
N ALA D 115 29.90 -22.08 23.57
CA ALA D 115 29.52 -22.92 24.70
C ALA D 115 29.93 -22.32 26.03
N GLU D 116 29.08 -22.51 27.02
CA GLU D 116 29.27 -22.05 28.38
C GLU D 116 29.31 -20.54 28.61
N ASP D 117 29.11 -19.74 27.55
CA ASP D 117 29.00 -18.27 27.65
C ASP D 117 27.52 -17.96 27.78
N ASP D 118 27.15 -17.23 28.83
CA ASP D 118 25.76 -16.95 29.16
C ASP D 118 25.39 -15.48 29.04
N SER D 119 26.31 -14.64 28.53
CA SER D 119 26.03 -13.20 28.23
C SER D 119 24.76 -12.86 27.40
N LEU D 120 24.36 -13.71 26.47
CA LEU D 120 23.16 -13.43 25.68
C LEU D 120 21.84 -14.05 26.19
N ILE D 121 21.89 -14.80 27.29
CA ILE D 121 20.79 -15.64 27.74
C ILE D 121 19.93 -14.85 28.74
N PRO D 122 18.73 -14.42 28.35
CA PRO D 122 17.89 -13.75 29.31
C PRO D 122 17.16 -14.72 30.25
N LEU D 123 17.18 -16.02 29.99
CA LEU D 123 16.46 -17.00 30.83
C LEU D 123 17.26 -18.28 30.84
N THR D 124 17.91 -18.59 31.95
CA THR D 124 18.71 -19.83 32.02
C THR D 124 17.77 -20.98 32.31
N LEU D 125 18.09 -22.16 31.79
CA LEU D 125 17.23 -23.33 31.92
C LEU D 125 18.05 -24.55 32.27
N THR D 126 17.52 -25.33 33.20
CA THR D 126 18.08 -26.61 33.63
C THR D 126 16.95 -27.66 33.74
N THR D 127 17.19 -28.89 33.32
CA THR D 127 16.16 -29.92 33.49
C THR D 127 16.67 -31.07 34.32
N ALA D 128 15.74 -31.77 34.96
CA ALA D 128 16.03 -33.04 35.60
C ALA D 128 14.85 -33.98 35.55
N VAL D 129 15.16 -35.23 35.32
CA VAL D 129 14.20 -36.24 34.99
C VAL D 129 14.57 -37.51 35.78
N SER D 130 13.63 -38.00 36.55
CA SER D 130 13.80 -39.30 37.19
C SER D 130 12.48 -40.04 37.06
N PRO D 131 12.53 -41.38 36.95
CA PRO D 131 11.28 -42.13 36.81
C PRO D 131 10.38 -42.01 38.04
N SER D 132 9.06 -42.07 37.82
CA SER D 132 8.07 -41.74 38.86
C SER D 132 7.28 -42.95 39.32
N GLU D 133 6.91 -42.94 40.61
CA GLU D 133 5.99 -43.91 41.20
CA GLU D 133 6.00 -43.95 41.17
C GLU D 133 4.57 -43.72 40.64
N SER D 134 4.13 -42.45 40.59
CA SER D 134 2.74 -42.04 40.23
C SER D 134 2.23 -42.29 38.78
N GLN D 135 3.13 -42.26 37.80
CA GLN D 135 2.75 -42.43 36.38
C GLN D 135 3.70 -43.37 35.72
N GLN D 136 3.39 -43.72 34.47
CA GLN D 136 4.28 -44.50 33.66
C GLN D 136 5.15 -43.54 32.83
N GLY D 137 5.98 -42.82 33.56
CA GLY D 137 6.77 -41.80 32.93
C GLY D 137 7.75 -41.21 33.90
N PHE D 138 7.80 -39.89 33.93
CA PHE D 138 8.89 -39.19 34.55
C PHE D 138 8.37 -37.99 35.30
N ASP D 139 8.91 -37.80 36.50
CA ASP D 139 8.80 -36.56 37.21
C ASP D 139 9.87 -35.73 36.57
N VAL D 140 9.52 -34.48 36.25
CA VAL D 140 10.37 -33.59 35.50
C VAL D 140 10.46 -32.33 36.29
N ILE D 141 11.68 -31.77 36.38
CA ILE D 141 11.90 -30.43 36.96
C ILE D 141 12.66 -29.51 35.99
N ILE D 142 12.01 -28.40 35.63
CA ILE D 142 12.58 -27.35 34.79
C ILE D 142 12.88 -26.17 35.69
N GLU D 143 14.16 -25.86 35.85
CA GLU D 143 14.64 -24.81 36.72
C GLU D 143 15.05 -23.64 35.87
N TYR D 144 14.24 -22.59 35.92
CA TYR D 144 14.49 -21.38 35.14
C TYR D 144 14.89 -20.20 36.00
N GLU D 145 15.77 -19.34 35.47
CA GLU D 145 16.19 -18.10 36.17
C GLU D 145 16.30 -16.93 35.21
N SER D 146 15.52 -15.88 35.45
CA SER D 146 15.57 -14.66 34.62
C SER D 146 16.72 -13.75 35.03
N VAL D 147 17.26 -13.04 34.06
CA VAL D 147 18.17 -11.95 34.31
C VAL D 147 17.66 -10.70 33.61
N LEU D 148 16.36 -10.64 33.35
CA LEU D 148 15.78 -9.47 32.76
C LEU D 148 15.42 -8.50 33.87
N GLU D 149 15.33 -7.22 33.49
CA GLU D 149 14.93 -6.14 34.39
C GLU D 149 13.41 -6.11 34.50
N THR D 150 12.72 -6.23 33.38
CA THR D 150 11.27 -6.36 33.39
C THR D 150 10.85 -7.83 33.62
N GLU D 151 9.54 -8.03 33.79
CA GLU D 151 8.93 -9.36 33.97
C GLU D 151 8.51 -9.93 32.63
N LEU D 152 8.41 -11.27 32.58
CA LEU D 152 7.85 -12.01 31.43
C LEU D 152 6.45 -12.55 31.74
N ALA D 153 5.49 -12.31 30.86
CA ALA D 153 4.14 -12.91 30.92
C ALA D 153 4.03 -14.17 30.07
N ASP D 154 3.22 -15.11 30.54
CA ASP D 154 2.69 -16.17 29.68
C ASP D 154 3.81 -16.93 28.91
N VAL D 155 4.87 -17.27 29.63
CA VAL D 155 5.97 -18.02 29.06
C VAL D 155 5.48 -19.42 28.86
N ILE D 156 5.85 -20.05 27.76
CA ILE D 156 5.27 -21.35 27.45
C ILE D 156 6.34 -22.36 27.24
N PHE D 157 6.28 -23.42 28.03
CA PHE D 157 7.22 -24.51 27.93
C PHE D 157 6.52 -25.63 27.24
N THR D 158 7.21 -26.25 26.26
CA THR D 158 6.65 -27.32 25.47
C THR D 158 7.48 -28.60 25.52
N ILE D 159 6.84 -29.70 25.97
CA ILE D 159 7.39 -31.03 26.02
C ILE D 159 6.74 -31.77 24.85
N PRO D 160 7.52 -32.45 23.99
CA PRO D 160 6.95 -33.06 22.81
C PRO D 160 6.38 -34.43 23.04
N VAL D 161 5.41 -34.55 23.98
CA VAL D 161 4.60 -35.79 24.11
C VAL D 161 3.09 -35.51 24.30
N PHE D 162 2.29 -36.48 23.90
CA PHE D 162 0.83 -36.38 23.93
C PHE D 162 0.35 -37.47 24.85
N PRO D 163 0.49 -37.24 26.16
CA PRO D 163 0.19 -38.29 27.11
C PRO D 163 -1.29 -38.50 27.27
N GLN D 164 -1.67 -39.74 27.60
CA GLN D 164 -3.04 -40.10 27.86
C GLN D 164 -3.51 -39.66 29.25
N GLU D 165 -2.79 -40.06 30.30
CA GLU D 165 -3.05 -39.51 31.64
C GLU D 165 -2.60 -38.06 31.58
N PRO D 166 -3.37 -37.15 32.18
CA PRO D 166 -2.91 -35.76 32.15
C PRO D 166 -1.64 -35.49 32.98
N VAL D 167 -0.95 -34.45 32.58
CA VAL D 167 0.28 -34.02 33.23
C VAL D 167 -0.15 -33.63 34.65
N ASP D 168 0.57 -34.12 35.65
CA ASP D 168 0.34 -33.75 37.04
C ASP D 168 1.33 -32.67 37.33
N ILE D 169 0.88 -31.42 37.48
CA ILE D 169 1.78 -30.32 37.74
C ILE D 169 1.89 -30.31 39.24
N ASN D 170 3.09 -30.63 39.73
CA ASN D 170 3.44 -30.50 41.13
C ASN D 170 3.32 -29.04 41.51
N THR D 171 2.66 -28.82 42.63
CA THR D 171 1.81 -27.66 42.80
C THR D 171 2.34 -26.61 43.80
N GLU D 172 2.87 -27.03 44.94
CA GLU D 172 3.65 -26.13 45.85
C GLU D 172 5.15 -26.11 45.51
N SER D 173 5.58 -27.15 44.79
CA SER D 173 6.95 -27.30 44.26
C SER D 173 7.21 -26.53 42.94
N SER D 174 6.25 -25.69 42.54
CA SER D 174 6.47 -24.65 41.56
C SER D 174 6.49 -23.29 42.30
N THR D 175 6.97 -22.25 41.62
CA THR D 175 6.87 -20.86 42.11
C THR D 175 5.45 -20.33 41.92
N CYS D 176 4.92 -20.57 40.71
CA CYS D 176 3.67 -20.01 40.18
C CYS D 176 2.59 -21.09 40.08
N SER D 177 1.58 -21.01 40.93
CA SER D 177 0.55 -22.05 41.07
C SER D 177 -0.63 -21.93 40.08
N ASP D 178 -0.48 -21.12 39.04
CA ASP D 178 -1.27 -21.30 37.82
C ASP D 178 -0.32 -21.46 36.62
N ALA D 179 0.66 -22.34 36.81
CA ALA D 179 1.20 -23.10 35.70
C ALA D 179 0.11 -24.08 35.32
N GLU D 180 -0.31 -24.06 34.07
CA GLU D 180 -1.35 -24.96 33.57
C GLU D 180 -1.01 -25.46 32.16
N VAL D 181 -1.36 -26.70 31.87
CA VAL D 181 -1.35 -27.13 30.47
C VAL D 181 -2.32 -26.23 29.71
N VAL D 182 -1.90 -25.64 28.61
CA VAL D 182 -2.81 -24.86 27.78
C VAL D 182 -2.97 -25.39 26.36
N ASN D 183 -2.40 -26.56 26.03
CA ASN D 183 -2.47 -27.13 24.69
C ASN D 183 -1.92 -28.52 24.70
N ASP D 185 -1.22 -31.29 21.59
CA ASP D 185 -1.37 -31.66 20.21
C ASP D 185 -0.61 -32.94 19.95
N GLN D 186 -1.09 -33.72 18.99
CA GLN D 186 -0.45 -34.98 18.61
C GLN D 186 0.90 -34.72 17.97
N GLU D 187 0.94 -33.80 17.02
CA GLU D 187 2.18 -33.35 16.33
CA GLU D 187 2.21 -33.49 16.38
C GLU D 187 3.14 -32.61 17.26
N GLY D 189 3.05 -31.82 20.74
CA GLY D 189 3.24 -32.15 22.15
C GLY D 189 2.46 -31.24 23.08
N THR D 190 2.73 -31.39 24.37
CA THR D 190 2.04 -30.71 25.44
C THR D 190 2.74 -29.40 25.84
N SER D 191 1.99 -28.29 25.90
CA SER D 191 2.49 -26.95 26.26
C SER D 191 1.97 -26.43 27.60
N ILE D 192 2.88 -26.01 28.49
CA ILE D 192 2.52 -25.51 29.81
C ILE D 192 2.91 -24.05 29.91
N LYS D 193 1.94 -23.24 30.36
CA LYS D 193 2.02 -21.79 30.41
C LYS D 193 2.34 -21.35 31.80
N ILE D 194 3.41 -20.59 31.97
CA ILE D 194 3.73 -19.96 33.24
C ILE D 194 3.26 -18.52 33.16
N SER D 195 2.24 -18.20 33.96
CA SER D 195 1.58 -16.90 33.92
C SER D 195 2.50 -15.71 34.12
N LYS D 196 3.54 -15.87 34.96
CA LYS D 196 4.52 -14.79 35.19
C LYS D 196 5.88 -15.25 35.74
N ILE D 197 6.94 -14.73 35.16
CA ILE D 197 8.30 -14.97 35.64
C ILE D 197 8.89 -13.63 36.04
N ALA D 198 9.21 -13.53 37.33
CA ALA D 198 9.57 -12.26 37.95
C ALA D 198 10.95 -11.80 37.52
N ALA D 199 11.07 -10.50 37.28
CA ALA D 199 12.33 -9.84 36.99
C ALA D 199 13.41 -10.35 37.92
N ASN D 200 14.60 -10.53 37.37
CA ASN D 200 15.73 -11.06 38.12
C ASN D 200 15.46 -12.21 39.11
N ASP D 201 14.32 -12.90 39.00
CA ASP D 201 13.96 -13.98 39.93
C ASP D 201 14.05 -15.41 39.31
N ALA D 202 14.80 -16.27 40.01
CA ALA D 202 14.76 -17.72 39.86
C ALA D 202 13.36 -18.41 40.09
N GLY D 203 13.30 -19.70 39.81
CA GLY D 203 12.03 -20.38 39.64
C GLY D 203 12.16 -21.81 39.13
N ALA D 204 11.08 -22.57 39.27
CA ALA D 204 11.08 -23.97 38.89
C ALA D 204 9.66 -24.40 38.54
N LEU D 205 9.57 -25.28 37.53
CA LEU D 205 8.32 -25.91 37.11
C LEU D 205 8.54 -27.42 37.29
N ALA D 206 7.64 -28.06 38.01
CA ALA D 206 7.79 -29.47 38.31
C ALA D 206 6.49 -30.17 37.96
N PHE D 207 6.61 -31.32 37.30
CA PHE D 207 5.45 -32.05 36.84
C PHE D 207 5.78 -33.47 36.48
N THR D 208 4.73 -34.25 36.33
CA THR D 208 4.87 -35.64 36.00
C THR D 208 4.18 -35.86 34.68
N ILE D 209 4.74 -36.72 33.84
CA ILE D 209 4.23 -36.88 32.48
C ILE D 209 4.50 -38.26 31.99
N GLU D 210 3.49 -38.89 31.37
CA GLU D 210 3.66 -40.24 30.83
C GLU D 210 4.58 -40.13 29.68
N ALA D 211 5.48 -41.08 29.57
CA ALA D 211 6.33 -41.19 28.38
C ALA D 211 7.15 -42.48 28.47
N PRO D 212 7.54 -43.00 27.32
CA PRO D 212 8.20 -44.30 27.32
C PRO D 212 9.68 -44.31 27.73
N TYR D 213 10.46 -43.31 27.30
CA TYR D 213 11.89 -43.21 27.57
C TYR D 213 12.23 -41.75 27.84
N GLU D 214 13.40 -41.46 28.39
CA GLU D 214 13.77 -40.08 28.72
C GLU D 214 13.99 -39.18 27.50
N ASP D 215 14.74 -39.68 26.54
CA ASP D 215 14.86 -39.06 25.22
C ASP D 215 13.55 -38.54 24.55
N ALA D 216 12.43 -39.20 24.87
CA ALA D 216 11.13 -38.73 24.41
C ALA D 216 10.71 -37.35 24.96
N LEU D 217 11.28 -36.91 26.06
CA LEU D 217 10.90 -35.60 26.62
C LEU D 217 11.69 -34.44 25.98
N TYR D 218 12.55 -34.73 24.99
CA TYR D 218 13.43 -33.68 24.46
C TYR D 218 13.27 -33.66 22.95
N PRO D 219 13.37 -32.48 22.30
CA PRO D 219 13.82 -31.22 22.91
C PRO D 219 12.70 -30.50 23.59
N THR D 221 11.15 -26.90 24.70
CA THR D 221 11.17 -25.58 24.08
C THR D 221 10.50 -24.56 24.96
N VAL D 222 11.16 -23.45 25.20
CA VAL D 222 10.48 -22.34 25.80
C VAL D 222 10.23 -21.28 24.75
N SER D 223 9.15 -20.53 24.94
CA SER D 223 8.82 -19.38 24.10
C SER D 223 8.40 -18.25 25.03
N PHE D 224 9.13 -17.14 24.98
CA PHE D 224 8.83 -15.95 25.76
C PHE D 224 8.96 -14.75 24.88
N GLN D 225 8.59 -13.59 25.37
CA GLN D 225 8.33 -12.43 24.54
C GLN D 225 8.04 -11.24 25.46
N GLU D 226 8.42 -10.07 25.01
CA GLU D 226 8.47 -8.92 25.90
C GLU D 226 8.48 -7.69 25.01
N SER D 227 7.80 -6.63 25.45
CA SER D 227 7.75 -5.36 24.72
C SER D 227 7.63 -4.18 25.72
N THR D 228 7.96 -2.97 25.26
CA THR D 228 7.98 -1.80 26.16
C THR D 228 8.08 -0.50 25.41
N ARG D 229 7.02 0.31 25.53
CA ARG D 229 6.92 1.64 24.86
C ARG D 229 7.55 2.79 25.67
N ASP D 230 8.02 2.50 26.88
CA ASP D 230 8.93 3.35 27.63
C ASP D 230 10.02 3.93 26.70
N LYS D 231 10.27 5.22 26.83
CA LYS D 231 11.14 5.96 25.93
C LYS D 231 12.60 5.98 26.42
N LEU D 232 12.85 5.55 27.65
CA LEU D 232 14.23 5.35 28.12
C LEU D 232 14.53 3.86 28.20
N ALA D 233 13.90 3.08 27.32
CA ALA D 233 14.04 1.64 27.33
C ALA D 233 15.30 1.19 26.62
N LYS D 234 16.22 0.60 27.36
CA LYS D 234 17.31 -0.15 26.75
C LYS D 234 16.79 -1.52 26.23
N SER D 235 17.44 -2.04 25.19
CA SER D 235 17.19 -3.42 24.76
C SER D 235 17.90 -4.35 25.74
N PHE D 236 17.82 -5.64 25.44
CA PHE D 236 18.49 -6.62 26.23
C PHE D 236 20.00 -6.43 26.18
N THR D 237 20.52 -6.07 25.01
CA THR D 237 21.96 -5.88 24.84
C THR D 237 22.44 -4.49 25.20
N GLY D 238 21.52 -3.53 25.31
CA GLY D 238 21.86 -2.14 25.66
C GLY D 238 21.57 -1.07 24.60
N ALA D 240 19.73 1.67 22.58
CA ALA D 240 18.79 2.68 23.02
C ALA D 240 19.00 3.97 22.26
N ILE D 241 17.90 4.65 21.99
CA ILE D 241 17.96 5.94 21.35
C ILE D 241 18.27 6.92 22.45
N GLN D 242 19.02 7.95 22.14
CA GLN D 242 19.28 9.00 23.12
C GLN D 242 18.53 10.26 22.73
N SER D 243 18.55 10.62 21.45
CA SER D 243 17.61 11.60 20.94
C SER D 243 17.42 11.48 19.43
N VAL D 244 16.33 12.09 18.98
CA VAL D 244 16.09 12.31 17.56
C VAL D 244 16.14 13.81 17.39
N VAL D 245 16.59 14.25 16.22
CA VAL D 245 17.18 15.57 16.03
C VAL D 245 17.02 15.99 14.55
N ALA D 247 18.45 17.26 10.97
CA ALA D 247 19.74 17.17 10.25
C ALA D 247 20.51 18.50 10.21
N ASN D 248 19.79 19.57 9.90
CA ASN D 248 20.35 20.90 9.63
C ASN D 248 20.74 21.60 10.92
N ASP D 249 19.88 21.49 11.92
CA ASP D 249 20.16 21.93 13.28
C ASP D 249 20.25 20.70 14.21
N HIS D 250 21.48 20.30 14.57
CA HIS D 250 21.68 19.20 15.54
C HIS D 250 21.20 19.47 16.99
N ASP D 251 20.91 20.72 17.35
CA ASP D 251 20.35 21.06 18.69
C ASP D 251 18.83 20.95 18.75
N GLN D 252 18.15 21.44 17.71
CA GLN D 252 16.71 21.23 17.48
C GLN D 252 16.30 19.75 17.64
N GLU D 253 15.76 19.39 18.82
CA GLU D 253 15.24 18.03 19.12
C GLU D 253 13.96 17.76 18.33
N LEU D 254 13.46 16.55 18.40
CA LEU D 254 12.19 16.22 17.78
C LEU D 254 11.44 15.26 18.69
N PRO D 255 10.13 15.11 18.46
CA PRO D 255 9.39 14.14 19.24
C PRO D 255 9.35 12.79 18.53
N TYR D 256 9.23 11.74 19.34
CA TYR D 256 9.16 10.34 18.88
C TYR D 256 8.74 9.36 19.97
N ASP D 257 8.32 8.19 19.51
CA ASP D 257 8.08 7.07 20.37
C ASP D 257 9.08 5.96 20.02
N VAL D 258 9.50 5.22 21.05
CA VAL D 258 10.38 4.04 20.87
C VAL D 258 9.75 2.79 21.50
N ILE D 259 9.57 1.76 20.68
CA ILE D 259 9.21 0.43 21.17
C ILE D 259 10.49 -0.42 21.24
N THR D 260 10.66 -1.17 22.30
CA THR D 260 11.82 -2.03 22.43
C THR D 260 11.34 -3.44 22.76
N SER D 261 11.76 -4.43 21.97
CA SER D 261 11.23 -5.80 22.09
C SER D 261 12.31 -6.88 22.10
N LEU D 262 11.98 -8.02 22.71
CA LEU D 262 12.83 -9.22 22.77
C LEU D 262 11.96 -10.48 22.63
N LYS D 263 12.36 -11.41 21.75
CA LYS D 263 11.61 -12.64 21.52
C LYS D 263 12.53 -13.83 21.42
N SER D 264 12.17 -14.92 22.05
CA SER D 264 12.85 -16.16 21.85
C SER D 264 12.46 -16.66 20.49
N ASP D 265 13.37 -17.26 19.74
CA ASP D 265 13.03 -18.03 18.50
C ASP D 265 13.29 -19.54 18.71
N GLU D 266 14.48 -20.05 18.41
CA GLU D 266 14.85 -21.43 18.72
C GLU D 266 15.56 -21.40 20.08
N TYR D 267 14.79 -21.70 21.10
CA TYR D 267 15.22 -21.64 22.51
C TYR D 267 14.86 -22.98 23.11
N LEU D 268 15.84 -23.79 23.44
CA LEU D 268 15.52 -25.17 23.77
C LEU D 268 16.60 -25.89 24.55
N VAL D 269 16.16 -26.87 25.32
CA VAL D 269 17.00 -27.82 26.02
C VAL D 269 17.00 -29.11 25.21
N GLN D 270 18.10 -29.85 25.18
CA GLN D 270 18.28 -30.93 24.19
C GLN D 270 19.31 -32.02 24.48
N ASP E 8 60.11 6.71 -52.68
CA ASP E 8 60.10 7.69 -53.81
C ASP E 8 59.40 9.00 -53.40
N VAL E 9 59.64 10.03 -54.21
CA VAL E 9 58.78 11.23 -54.32
C VAL E 9 58.77 11.51 -55.82
N PRO E 10 57.60 11.38 -56.47
CA PRO E 10 57.54 11.10 -57.91
C PRO E 10 58.02 12.26 -58.79
N GLU E 11 58.49 11.91 -59.98
CA GLU E 11 59.12 12.88 -60.87
C GLU E 11 58.05 13.77 -61.52
N ASN E 12 58.37 15.06 -61.62
CA ASN E 12 57.55 16.08 -62.32
C ASN E 12 58.25 16.57 -63.59
N ASN E 13 57.54 16.66 -64.72
CA ASN E 13 58.11 17.28 -65.96
C ASN E 13 57.55 18.65 -66.31
N GLY E 14 57.01 19.36 -65.33
CA GLY E 14 56.41 20.67 -65.54
C GLY E 14 55.34 20.90 -64.51
N ILE E 15 54.17 20.35 -64.83
CA ILE E 15 53.00 20.38 -63.99
C ILE E 15 52.76 18.92 -63.57
N LEU E 16 52.59 18.69 -62.27
CA LEU E 16 52.12 17.41 -61.76
C LEU E 16 51.01 17.64 -60.76
N ILE E 17 49.85 17.08 -61.10
CA ILE E 17 48.68 17.21 -60.28
C ILE E 17 48.53 15.92 -59.55
N SER E 18 48.41 16.00 -58.22
CA SER E 18 48.12 14.83 -57.40
C SER E 18 46.75 14.91 -56.73
N ILE E 19 45.96 13.84 -56.87
CA ILE E 19 44.68 13.68 -56.22
C ILE E 19 44.84 12.57 -55.19
N LYS E 20 44.90 12.94 -53.91
CA LYS E 20 45.22 12.02 -52.85
C LYS E 20 44.06 11.88 -51.89
N GLU E 21 43.42 10.73 -51.92
CA GLU E 21 42.34 10.44 -51.00
C GLU E 21 42.78 9.39 -49.97
N VAL E 22 42.18 9.49 -48.79
CA VAL E 22 42.54 8.71 -47.61
C VAL E 22 41.27 8.21 -46.92
N ILE E 23 41.14 6.90 -46.79
CA ILE E 23 39.89 6.28 -46.39
C ILE E 23 40.00 5.71 -44.99
N ASN E 24 39.19 6.22 -44.05
CA ASN E 24 38.92 5.56 -42.73
C ASN E 24 37.70 4.63 -42.73
N ALA E 25 37.79 3.49 -42.06
CA ALA E 25 36.68 2.57 -41.99
C ALA E 25 36.75 1.71 -40.75
N GLU E 26 35.60 1.50 -40.10
CA GLU E 26 35.48 0.62 -38.92
C GLU E 26 34.44 -0.47 -39.22
N PHE E 27 34.81 -1.70 -38.89
CA PHE E 27 33.95 -2.85 -39.09
C PHE E 27 33.72 -3.54 -37.77
N SER E 28 32.53 -4.11 -37.63
CA SER E 28 32.23 -5.07 -36.57
C SER E 28 32.86 -6.39 -36.93
N ARG E 29 33.07 -7.26 -35.96
CA ARG E 29 33.86 -8.50 -36.15
C ARG E 29 33.24 -9.38 -37.22
N ASP E 30 31.94 -9.59 -37.10
CA ASP E 30 31.17 -10.34 -38.08
C ASP E 30 31.34 -9.81 -39.51
N GLY E 31 31.52 -8.50 -39.63
CA GLY E 31 31.67 -7.84 -40.92
C GLY E 31 30.82 -6.60 -41.13
N THR E 32 30.01 -6.20 -40.15
CA THR E 32 29.08 -5.11 -40.36
C THR E 32 29.82 -3.77 -40.37
N ILE E 33 29.43 -2.91 -41.32
CA ILE E 33 30.03 -1.60 -41.48
C ILE E 33 29.49 -0.68 -40.39
N HIS E 34 30.41 -0.12 -39.60
CA HIS E 34 30.06 0.81 -38.54
C HIS E 34 29.98 2.19 -39.10
N SER E 35 31.03 2.58 -39.82
CA SER E 35 31.14 3.91 -40.38
C SER E 35 32.29 3.98 -41.37
N SER E 36 32.35 5.09 -42.09
CA SER E 36 33.55 5.44 -42.86
C SER E 36 33.68 6.93 -43.12
N GLU E 37 34.92 7.34 -43.41
CA GLU E 37 35.28 8.73 -43.71
C GLU E 37 36.31 8.71 -44.86
N LEU E 38 36.15 9.64 -45.79
CA LEU E 38 37.10 9.82 -46.86
C LEU E 38 37.55 11.25 -46.84
N LYS E 39 38.86 11.47 -46.76
CA LYS E 39 39.43 12.81 -46.85
C LYS E 39 40.19 12.89 -48.17
N GLY E 40 40.11 14.04 -48.84
CA GLY E 40 40.70 14.18 -50.17
C GLY E 40 41.52 15.44 -50.26
N VAL E 41 42.41 15.50 -51.24
CA VAL E 41 43.10 16.75 -51.56
C VAL E 41 43.64 16.79 -52.97
N LEU E 42 43.58 17.96 -53.61
CA LEU E 42 44.09 18.17 -54.96
C LEU E 42 45.33 19.01 -54.81
N GLU E 43 46.41 18.54 -55.44
CA GLU E 43 47.73 19.10 -55.27
C GLU E 43 48.35 19.40 -56.61
N LEU E 44 48.98 20.56 -56.69
CA LEU E 44 49.61 21.05 -57.89
C LEU E 44 51.08 21.22 -57.57
N ARG E 45 51.94 20.55 -58.32
CA ARG E 45 53.39 20.77 -58.26
C ARG E 45 53.77 21.36 -59.60
N ILE E 46 54.50 22.47 -59.55
CA ILE E 46 54.97 23.13 -60.76
C ILE E 46 56.44 23.39 -60.61
N ASN E 47 57.26 22.95 -61.58
CA ASN E 47 58.72 23.18 -61.55
C ASN E 47 59.26 24.02 -62.71
N ASP E 48 58.51 25.00 -63.18
CA ASP E 48 58.85 25.70 -64.42
C ASP E 48 58.01 26.99 -64.57
N HIS E 49 58.67 28.16 -64.60
CA HIS E 49 57.98 29.47 -64.57
C HIS E 49 57.12 29.72 -65.79
N ASP E 50 57.52 29.15 -66.92
CA ASP E 50 56.68 29.13 -68.12
C ASP E 50 55.28 28.43 -67.97
N LEU E 51 55.07 27.65 -66.92
CA LEU E 51 53.79 26.99 -66.64
C LEU E 51 53.14 27.53 -65.37
N SER E 52 53.70 28.60 -64.82
CA SER E 52 53.18 29.21 -63.59
C SER E 52 51.79 29.82 -63.68
N HIS E 53 51.44 30.39 -64.83
CA HIS E 53 50.18 31.14 -64.98
C HIS E 53 49.22 30.23 -65.69
N SER E 54 48.76 29.21 -64.96
CA SER E 54 47.93 28.14 -65.50
C SER E 54 46.65 27.96 -64.64
N ASN E 55 45.63 27.34 -65.23
CA ASN E 55 44.40 26.94 -64.51
C ASN E 55 44.12 25.49 -64.79
N LEU E 56 43.70 24.73 -63.78
CA LEU E 56 43.22 23.34 -63.99
C LEU E 56 41.73 23.42 -64.19
N LYS E 57 41.18 22.63 -65.09
CA LYS E 57 39.74 22.48 -65.12
C LYS E 57 39.32 21.05 -64.94
N LEU E 58 38.53 20.85 -63.89
CA LEU E 58 38.20 19.52 -63.40
C LEU E 58 37.20 18.89 -64.35
N ALA E 59 37.26 17.56 -64.47
CA ALA E 59 36.29 16.75 -65.23
C ALA E 59 34.88 17.21 -64.94
N ASP E 60 34.08 17.49 -65.97
CA ASP E 60 32.72 18.04 -65.72
C ASP E 60 31.68 16.91 -65.46
N SER E 61 32.12 15.89 -64.71
CA SER E 61 31.29 14.89 -64.08
C SER E 61 31.40 14.96 -62.53
N ILE E 62 31.91 16.07 -62.00
CA ILE E 62 32.12 16.24 -60.58
C ILE E 62 31.10 17.26 -60.13
N ASP E 63 30.17 16.85 -59.27
CA ASP E 63 29.25 17.81 -58.71
C ASP E 63 30.03 18.69 -57.76
N VAL E 64 30.44 19.87 -58.21
CA VAL E 64 31.18 20.77 -57.32
C VAL E 64 30.30 21.49 -56.30
N ARG E 65 28.98 21.35 -56.43
CA ARG E 65 28.03 21.94 -55.49
C ARG E 65 27.49 20.94 -54.47
N ASP E 66 27.87 19.65 -54.57
CA ASP E 66 27.53 18.65 -53.53
C ASP E 66 28.18 19.06 -52.21
N LYS E 67 27.32 19.33 -51.23
CA LYS E 67 27.77 19.87 -49.96
C LYS E 67 28.24 18.77 -49.02
N SER E 68 27.84 17.52 -49.32
CA SER E 68 28.27 16.36 -48.55
C SER E 68 29.77 16.08 -48.69
N PHE E 69 30.41 16.70 -49.69
CA PHE E 69 31.85 16.64 -49.86
C PHE E 69 32.58 17.79 -49.21
N GLN E 70 31.89 18.88 -48.90
CA GLN E 70 32.55 20.05 -48.25
C GLN E 70 33.80 20.42 -49.03
N PHE E 71 33.63 20.61 -50.33
CA PHE E 71 34.69 21.11 -51.17
C PHE E 71 35.07 22.48 -50.69
N LYS E 72 36.34 22.64 -50.37
CA LYS E 72 36.90 23.89 -49.89
C LYS E 72 38.17 24.16 -50.72
N THR E 73 38.16 25.27 -51.44
CA THR E 73 39.35 25.79 -52.10
C THR E 73 40.30 26.54 -51.14
N HIS E 74 41.53 26.69 -51.58
CA HIS E 74 42.53 27.35 -50.77
C HIS E 74 42.30 28.85 -50.84
N PRO E 75 42.62 29.60 -49.76
CA PRO E 75 42.49 31.07 -49.72
C PRO E 75 42.85 31.84 -51.02
N ASN E 76 43.90 31.39 -51.70
CA ASN E 76 44.43 32.00 -52.93
C ASN E 76 43.78 31.56 -54.22
N ILE E 77 42.80 30.67 -54.17
CA ILE E 77 42.16 30.12 -55.37
C ILE E 77 40.75 30.70 -55.44
N ASP E 78 40.35 31.23 -56.61
CA ASP E 78 38.98 31.80 -56.80
C ASP E 78 37.84 30.76 -56.67
N LYS E 79 37.10 30.82 -55.56
CA LYS E 79 36.05 29.86 -55.31
C LYS E 79 34.80 29.98 -56.21
N GLN E 80 34.45 31.18 -56.67
CA GLN E 80 33.23 31.31 -57.47
C GLN E 80 33.40 30.64 -58.83
N SER E 81 34.52 30.93 -59.50
CA SER E 81 34.84 30.27 -60.77
C SER E 81 35.02 28.74 -60.63
N PHE E 82 35.53 28.29 -59.47
CA PHE E 82 35.44 26.86 -59.12
C PHE E 82 33.99 26.32 -59.13
N LEU E 83 33.06 27.06 -58.54
CA LEU E 83 31.68 26.63 -58.50
C LEU E 83 31.02 26.72 -59.87
N SER E 84 31.15 27.87 -60.55
CA SER E 84 30.46 28.11 -61.83
C SER E 84 31.06 27.34 -63.00
N THR E 85 32.39 27.40 -63.13
CA THR E 85 33.13 26.85 -64.28
C THR E 85 33.76 25.45 -64.02
N LYS E 86 34.05 25.10 -62.76
CA LYS E 86 34.74 23.84 -62.36
C LYS E 86 36.22 23.91 -62.67
N LEU E 87 36.81 24.99 -62.20
CA LEU E 87 38.11 25.42 -62.59
C LEU E 87 38.88 25.96 -61.35
N ILE E 88 40.14 25.54 -61.24
CA ILE E 88 41.02 25.96 -60.17
C ILE E 88 41.84 27.07 -60.78
N SER E 89 41.78 28.27 -60.19
CA SER E 89 42.65 29.39 -60.59
C SER E 89 42.80 30.40 -59.49
N LEU E 90 43.68 31.35 -59.69
CA LEU E 90 44.06 32.24 -58.63
C LEU E 90 43.08 33.41 -58.40
N ARG E 91 42.99 33.82 -57.12
CA ARG E 91 42.20 34.96 -56.64
C ARG E 91 42.55 36.16 -57.48
N ASP E 92 43.86 36.44 -57.56
CA ASP E 92 44.41 37.49 -58.44
C ASP E 92 44.86 36.89 -59.78
N LYS E 93 44.26 37.38 -60.86
CA LYS E 93 44.40 36.84 -62.23
C LYS E 93 45.83 37.06 -62.77
N SER E 94 46.41 38.22 -62.42
CA SER E 94 47.74 38.63 -62.91
C SER E 94 48.90 37.87 -62.27
N LYS E 95 48.67 37.19 -61.14
CA LYS E 95 49.75 36.49 -60.39
C LYS E 95 49.93 34.98 -60.77
N ALA E 96 50.87 34.30 -60.11
CA ALA E 96 51.30 32.92 -60.48
C ALA E 96 51.49 31.94 -59.28
N PHE E 97 51.38 30.65 -59.59
CA PHE E 97 51.72 29.60 -58.62
C PHE E 97 53.22 29.55 -58.44
N PRO E 98 53.70 29.18 -57.23
CA PRO E 98 55.15 29.01 -57.10
C PRO E 98 55.68 27.89 -57.97
N ALA E 99 56.82 28.09 -58.63
CA ALA E 99 57.43 27.06 -59.51
C ALA E 99 58.74 26.48 -58.89
N ASN E 100 58.65 26.26 -57.59
CA ASN E 100 59.69 25.71 -56.76
C ASN E 100 59.46 24.22 -56.53
N ASP E 101 58.74 23.55 -57.42
CA ASP E 101 58.25 22.17 -57.18
C ASP E 101 57.56 21.85 -55.83
N GLN E 102 57.10 22.85 -55.06
CA GLN E 102 56.43 22.59 -53.77
C GLN E 102 55.01 22.05 -54.01
N SER E 103 54.54 21.19 -53.11
CA SER E 103 53.18 20.67 -53.18
C SER E 103 52.18 21.74 -52.78
N LEU E 104 51.48 22.29 -53.76
CA LEU E 104 50.51 23.37 -53.53
C LEU E 104 49.12 22.78 -53.41
N GLY E 105 48.59 22.76 -52.22
CA GLY E 105 47.23 22.31 -52.01
C GLY E 105 46.30 23.36 -52.56
N VAL E 106 45.31 22.96 -53.35
CA VAL E 106 44.36 23.89 -53.93
C VAL E 106 42.90 23.54 -53.72
N LEU E 107 42.62 22.35 -53.20
CA LEU E 107 41.25 21.90 -52.97
C LEU E 107 41.29 20.74 -52.02
N ARG E 108 40.43 20.79 -51.00
CA ARG E 108 40.21 19.68 -50.05
C ARG E 108 38.76 19.24 -50.12
N TRP E 109 38.49 18.02 -49.65
CA TRP E 109 37.13 17.57 -49.44
C TRP E 109 37.09 16.52 -48.35
N ARG E 110 35.90 16.30 -47.79
CA ARG E 110 35.67 15.27 -46.78
C ARG E 110 34.26 14.67 -46.91
N LYS E 111 34.15 13.34 -46.90
CA LYS E 111 32.82 12.71 -46.93
C LYS E 111 32.80 11.52 -46.01
N VAL E 112 31.67 11.39 -45.30
CA VAL E 112 31.45 10.43 -44.23
C VAL E 112 30.25 9.56 -44.59
N ALA E 113 30.27 8.31 -44.14
CA ALA E 113 29.21 7.38 -44.39
C ALA E 113 28.79 6.64 -43.12
N PRO E 114 27.46 6.44 -42.93
CA PRO E 114 26.86 5.82 -41.73
C PRO E 114 27.13 4.34 -41.66
N ALA E 115 26.40 3.67 -40.80
CA ALA E 115 26.49 2.23 -40.70
C ALA E 115 25.71 1.57 -41.81
N GLU E 116 26.16 0.35 -42.11
CA GLU E 116 25.64 -0.50 -43.19
C GLU E 116 25.70 0.09 -44.62
N ASP E 117 26.27 1.29 -44.78
CA ASP E 117 26.47 1.97 -46.06
C ASP E 117 27.94 1.84 -46.49
N ASP E 118 28.11 1.38 -47.73
CA ASP E 118 29.40 0.90 -48.23
C ASP E 118 29.95 1.66 -49.45
N SER E 119 29.28 2.73 -49.87
CA SER E 119 29.75 3.56 -50.99
C SER E 119 31.25 3.89 -50.99
N LEU E 120 31.81 4.18 -49.82
CA LEU E 120 33.18 4.62 -49.71
C LEU E 120 34.15 3.51 -49.33
N ILE E 121 33.73 2.25 -49.31
CA ILE E 121 34.64 1.20 -48.89
C ILE E 121 35.39 0.60 -50.08
N PRO E 122 36.72 0.80 -50.15
CA PRO E 122 37.46 0.06 -51.17
C PRO E 122 37.54 -1.44 -50.94
N LEU E 123 37.68 -1.83 -49.68
CA LEU E 123 37.98 -3.22 -49.30
C LEU E 123 37.14 -3.62 -48.10
N THR E 124 36.16 -4.51 -48.29
CA THR E 124 35.29 -4.96 -47.20
C THR E 124 35.97 -6.08 -46.43
N LEU E 125 35.70 -6.19 -45.14
CA LEU E 125 36.38 -7.15 -44.27
C LEU E 125 35.41 -7.93 -43.39
N THR E 126 35.89 -9.10 -42.97
CA THR E 126 35.15 -10.02 -42.09
C THR E 126 36.16 -10.78 -41.24
N THR E 127 35.75 -11.12 -40.00
CA THR E 127 36.52 -12.02 -39.17
C THR E 127 35.65 -13.16 -38.63
N ALA E 128 36.30 -14.31 -38.45
CA ALA E 128 35.74 -15.47 -37.80
C ALA E 128 36.82 -16.03 -36.87
N VAL E 129 36.42 -16.44 -35.66
CA VAL E 129 37.35 -17.09 -34.74
C VAL E 129 36.71 -18.32 -34.09
N SER E 130 37.49 -19.41 -34.02
CA SER E 130 37.17 -20.57 -33.17
C SER E 130 38.50 -21.16 -32.68
N PRO E 131 38.51 -21.86 -31.52
CA PRO E 131 39.79 -22.25 -30.88
C PRO E 131 40.49 -23.48 -31.52
N SER E 132 41.78 -23.62 -31.27
CA SER E 132 42.67 -24.48 -32.08
C SER E 132 43.14 -25.80 -31.47
N GLU E 133 43.33 -26.80 -32.33
CA GLU E 133 43.99 -28.07 -31.94
C GLU E 133 45.45 -27.76 -31.61
N SER E 134 46.14 -27.22 -32.60
CA SER E 134 47.60 -27.15 -32.64
C SER E 134 48.26 -26.21 -31.61
N GLN E 135 47.53 -25.27 -31.03
CA GLN E 135 48.12 -24.25 -30.14
C GLN E 135 47.23 -23.88 -28.92
N GLN E 136 47.78 -23.00 -28.08
CA GLN E 136 47.10 -22.36 -26.94
C GLN E 136 46.40 -21.05 -27.40
N GLY E 137 45.44 -21.19 -28.31
CA GLY E 137 44.79 -20.02 -28.90
C GLY E 137 43.74 -20.36 -29.94
N PHE E 138 43.73 -19.57 -31.03
CA PHE E 138 42.63 -19.58 -31.99
C PHE E 138 43.04 -19.67 -33.45
N ASP E 139 42.12 -20.22 -34.25
CA ASP E 139 42.22 -20.33 -35.71
C ASP E 139 41.45 -19.19 -36.36
N VAL E 140 42.22 -18.21 -36.85
CA VAL E 140 41.70 -16.92 -37.32
C VAL E 140 41.53 -16.96 -38.84
N ILE E 141 40.34 -16.57 -39.30
CA ILE E 141 40.01 -16.49 -40.73
C ILE E 141 39.61 -15.05 -40.98
N ILE E 142 40.44 -14.31 -41.73
CA ILE E 142 40.06 -12.99 -42.27
C ILE E 142 39.62 -13.14 -43.72
N GLU E 143 38.51 -12.50 -44.08
CA GLU E 143 37.92 -12.62 -45.40
C GLU E 143 37.67 -11.25 -45.96
N TYR E 144 38.39 -10.91 -47.02
CA TYR E 144 38.29 -9.60 -47.68
C TYR E 144 37.61 -9.70 -49.03
N GLU E 145 37.33 -8.53 -49.59
CA GLU E 145 36.77 -8.41 -50.92
C GLU E 145 37.01 -7.02 -51.42
N SER E 146 37.85 -6.91 -52.46
CA SER E 146 38.11 -5.64 -53.12
C SER E 146 36.96 -5.30 -54.05
N VAL E 147 36.63 -4.02 -54.12
CA VAL E 147 35.75 -3.49 -55.16
C VAL E 147 36.51 -2.43 -55.95
N LEU E 148 37.84 -2.56 -55.98
CA LEU E 148 38.71 -1.64 -56.71
C LEU E 148 39.05 -2.13 -58.12
N GLU E 149 39.25 -1.16 -59.01
CA GLU E 149 39.59 -1.45 -60.40
C GLU E 149 41.02 -2.00 -60.54
N THR E 150 41.96 -1.46 -59.76
CA THR E 150 43.31 -1.98 -59.72
C THR E 150 43.45 -3.07 -58.64
N GLU E 151 44.60 -3.72 -58.66
CA GLU E 151 45.05 -4.59 -57.58
C GLU E 151 45.71 -3.75 -56.46
N LEU E 152 45.65 -4.23 -55.23
CA LEU E 152 46.43 -3.64 -54.13
C LEU E 152 47.58 -4.58 -53.89
N ALA E 153 48.72 -4.06 -53.44
CA ALA E 153 49.88 -4.91 -53.19
C ALA E 153 50.47 -4.55 -51.86
N ASP E 154 51.13 -5.51 -51.21
CA ASP E 154 51.68 -5.33 -49.86
C ASP E 154 50.64 -4.75 -48.88
N VAL E 155 49.49 -5.44 -48.83
CA VAL E 155 48.41 -5.18 -47.87
C VAL E 155 48.84 -5.84 -46.58
N ILE E 156 48.73 -5.11 -45.48
CA ILE E 156 49.36 -5.51 -44.21
C ILE E 156 48.34 -5.57 -43.08
N PHE E 157 47.86 -6.78 -42.82
CA PHE E 157 46.99 -7.08 -41.67
C PHE E 157 47.81 -7.16 -40.40
N THR E 158 47.32 -6.52 -39.34
CA THR E 158 47.99 -6.47 -38.04
C THR E 158 47.07 -7.03 -36.93
N ILE E 159 47.65 -7.83 -36.04
CA ILE E 159 46.96 -8.38 -34.87
C ILE E 159 47.74 -7.87 -33.66
N PRO E 160 47.06 -7.39 -32.61
CA PRO E 160 47.81 -6.68 -31.55
C PRO E 160 48.30 -7.56 -30.38
N VAL E 161 49.00 -8.66 -30.73
CA VAL E 161 49.59 -9.60 -29.78
C VAL E 161 51.04 -9.93 -30.13
N PHE E 162 51.79 -10.42 -29.14
CA PHE E 162 53.18 -10.84 -29.30
C PHE E 162 53.33 -12.28 -28.79
N PRO E 163 52.98 -13.30 -29.63
CA PRO E 163 52.95 -14.67 -29.13
C PRO E 163 54.32 -15.26 -28.79
N GLN E 164 54.26 -16.46 -28.21
CA GLN E 164 55.44 -17.26 -27.89
C GLN E 164 55.87 -18.00 -29.17
N GLU E 165 54.97 -18.84 -29.69
CA GLU E 165 55.22 -19.58 -30.92
C GLU E 165 55.05 -18.63 -32.10
N PRO E 166 56.01 -18.64 -33.07
CA PRO E 166 55.73 -17.97 -34.34
C PRO E 166 54.41 -18.43 -35.00
N VAL E 167 53.70 -17.49 -35.62
CA VAL E 167 52.36 -17.72 -36.19
C VAL E 167 52.39 -18.77 -37.31
N ASP E 168 51.41 -19.67 -37.29
CA ASP E 168 51.24 -20.69 -38.32
C ASP E 168 50.18 -20.24 -39.34
N ILE E 169 50.62 -19.83 -40.52
CA ILE E 169 49.71 -19.45 -41.62
C ILE E 169 49.22 -20.71 -42.31
N ASN E 170 47.90 -20.84 -42.39
CA ASN E 170 47.29 -21.97 -43.08
C ASN E 170 47.59 -21.73 -44.57
N THR E 171 48.65 -22.42 -44.99
CA THR E 171 49.41 -22.09 -46.19
C THR E 171 48.65 -22.34 -47.51
N GLU E 172 47.87 -23.43 -47.56
CA GLU E 172 46.98 -23.74 -48.70
C GLU E 172 45.54 -23.20 -48.54
N SER E 173 45.17 -22.85 -47.31
CA SER E 173 43.86 -22.27 -47.02
C SER E 173 43.76 -20.83 -47.51
N SER E 174 44.80 -20.05 -47.23
CA SER E 174 44.94 -18.68 -47.73
C SER E 174 45.06 -18.67 -49.26
N THR E 175 44.33 -17.77 -49.95
CA THR E 175 44.47 -17.62 -51.41
C THR E 175 45.89 -17.13 -51.75
N CYS E 176 46.42 -16.19 -50.95
CA CYS E 176 47.84 -15.81 -51.02
C CYS E 176 48.62 -16.72 -50.04
N SER E 177 49.25 -17.73 -50.62
CA SER E 177 49.97 -18.78 -49.87
C SER E 177 51.27 -18.25 -49.29
N ASP E 178 52.09 -17.63 -50.15
CA ASP E 178 53.37 -17.03 -49.76
C ASP E 178 53.26 -15.80 -48.84
N ALA E 179 52.05 -15.27 -48.65
CA ALA E 179 51.76 -14.31 -47.59
C ALA E 179 52.42 -14.72 -46.27
N GLU E 180 53.20 -13.83 -45.67
CA GLU E 180 54.07 -14.16 -44.52
C GLU E 180 53.98 -13.13 -43.40
N VAL E 181 54.64 -13.41 -42.29
CA VAL E 181 54.86 -12.41 -41.23
C VAL E 181 55.85 -11.39 -41.80
N VAL E 182 55.79 -10.14 -41.33
CA VAL E 182 56.89 -9.17 -41.56
C VAL E 182 57.34 -8.42 -40.30
N ASN E 183 56.65 -8.60 -39.19
CA ASN E 183 56.90 -7.83 -38.00
C ASN E 183 56.31 -8.59 -36.81
N ASP E 185 56.48 -7.05 -33.27
CA ASP E 185 56.87 -6.06 -32.28
C ASP E 185 56.05 -6.27 -31.00
N GLN E 186 56.69 -6.01 -29.85
CA GLN E 186 56.01 -6.12 -28.55
C GLN E 186 55.19 -4.87 -28.23
N GLU E 187 55.38 -3.81 -29.02
CA GLU E 187 54.48 -2.64 -29.02
C GLU E 187 53.25 -2.86 -29.90
N GLY E 189 52.53 -5.54 -32.45
CA GLY E 189 52.05 -6.90 -32.53
C GLY E 189 52.48 -7.53 -33.83
N THR E 190 51.75 -8.57 -34.20
CA THR E 190 52.06 -9.35 -35.38
C THR E 190 51.50 -8.69 -36.63
N SER E 191 52.26 -8.75 -37.73
CA SER E 191 51.84 -8.22 -39.04
C SER E 191 52.01 -9.27 -40.12
N ILE E 192 50.89 -9.71 -40.70
CA ILE E 192 50.87 -10.62 -41.84
C ILE E 192 50.70 -9.79 -43.11
N LYS E 193 51.75 -9.81 -43.96
CA LYS E 193 51.74 -9.13 -45.27
C LYS E 193 51.15 -10.03 -46.35
N ILE E 194 50.04 -9.64 -46.95
CA ILE E 194 49.63 -10.25 -48.20
C ILE E 194 50.34 -9.50 -49.30
N SER E 195 50.79 -10.24 -50.32
CA SER E 195 51.49 -9.67 -51.47
C SER E 195 50.54 -8.96 -52.43
N LYS E 196 49.45 -9.61 -52.78
CA LYS E 196 48.46 -9.03 -53.70
C LYS E 196 47.04 -9.31 -53.25
N ILE E 197 46.13 -8.40 -53.61
CA ILE E 197 44.70 -8.70 -53.67
C ILE E 197 44.27 -8.29 -55.06
N ALA E 198 43.48 -9.13 -55.71
CA ALA E 198 43.03 -8.81 -57.07
C ALA E 198 41.90 -7.81 -57.04
N ALA E 199 41.86 -6.98 -58.07
CA ALA E 199 40.71 -6.17 -58.40
C ALA E 199 39.44 -7.03 -58.39
N ASN E 200 38.36 -6.45 -57.90
CA ASN E 200 37.01 -7.04 -57.96
C ASN E 200 36.95 -8.52 -57.58
N ASP E 201 37.72 -8.87 -56.55
CA ASP E 201 37.94 -10.26 -56.21
C ASP E 201 37.97 -10.45 -54.68
N ALA E 202 37.17 -11.41 -54.22
CA ALA E 202 37.16 -11.86 -52.81
C ALA E 202 38.30 -12.86 -52.51
N GLY E 203 38.75 -12.90 -51.27
CA GLY E 203 39.82 -13.83 -50.88
C GLY E 203 39.80 -14.06 -49.39
N ALA E 204 40.93 -14.54 -48.84
CA ALA E 204 41.03 -14.82 -47.40
C ALA E 204 42.46 -14.99 -46.91
N LEU E 205 42.62 -14.88 -45.59
CA LEU E 205 43.91 -15.05 -44.93
C LEU E 205 43.65 -15.83 -43.67
N ALA E 206 43.64 -17.15 -43.76
CA ALA E 206 43.51 -18.00 -42.58
C ALA E 206 44.88 -18.15 -41.91
N PHE E 207 44.88 -18.24 -40.59
CA PHE E 207 46.09 -18.56 -39.82
C PHE E 207 45.72 -19.05 -38.41
N THR E 208 46.75 -19.33 -37.61
CA THR E 208 46.58 -19.81 -36.25
C THR E 208 47.60 -19.14 -35.35
N ILE E 209 47.16 -18.64 -34.20
CA ILE E 209 47.99 -17.85 -33.29
C ILE E 209 47.63 -18.08 -31.82
N GLU E 210 48.65 -17.98 -30.95
CA GLU E 210 48.50 -18.04 -29.49
C GLU E 210 48.15 -16.69 -28.87
N ALA E 211 46.99 -16.62 -28.25
CA ALA E 211 46.56 -15.42 -27.53
C ALA E 211 45.86 -15.82 -26.24
N PRO E 212 45.90 -14.94 -25.22
CA PRO E 212 45.16 -15.19 -23.97
C PRO E 212 43.68 -15.57 -24.17
N TYR E 213 42.91 -14.73 -24.84
CA TYR E 213 41.45 -14.93 -25.04
C TYR E 213 41.07 -14.40 -26.42
N GLU E 214 39.80 -14.49 -26.78
CA GLU E 214 39.30 -13.90 -28.04
C GLU E 214 39.53 -12.38 -28.13
N ASP E 215 39.36 -11.66 -27.03
CA ASP E 215 39.34 -10.20 -27.07
C ASP E 215 40.67 -9.45 -27.16
N ALA E 216 41.79 -10.11 -26.88
CA ALA E 216 43.11 -9.48 -27.05
C ALA E 216 43.60 -9.53 -28.50
N LEU E 217 42.89 -10.31 -29.34
CA LEU E 217 43.09 -10.34 -30.80
C LEU E 217 42.63 -9.09 -31.55
N TYR E 218 41.83 -8.23 -30.90
CA TYR E 218 41.24 -7.09 -31.56
C TYR E 218 41.75 -5.78 -30.92
N PRO E 219 41.63 -4.63 -31.60
CA PRO E 219 41.14 -4.52 -32.99
C PRO E 219 42.16 -5.01 -34.04
N THR E 221 43.81 -4.54 -37.65
CA THR E 221 44.09 -3.42 -38.53
C THR E 221 44.57 -3.93 -39.88
N VAL E 222 44.07 -3.31 -40.94
CA VAL E 222 44.64 -3.49 -42.27
C VAL E 222 45.17 -2.14 -42.75
N SER E 223 46.14 -2.19 -43.64
CA SER E 223 46.66 -0.98 -44.28
C SER E 223 47.05 -1.29 -45.71
N PHE E 224 46.55 -0.47 -46.62
CA PHE E 224 46.82 -0.65 -48.04
C PHE E 224 47.09 0.68 -48.69
N GLN E 225 47.65 0.58 -49.89
CA GLN E 225 48.08 1.70 -50.69
C GLN E 225 47.71 1.43 -52.14
N GLU E 226 47.58 2.49 -52.92
CA GLU E 226 47.26 2.39 -54.33
C GLU E 226 47.61 3.71 -55.03
N SER E 227 48.13 3.59 -56.24
CA SER E 227 48.56 4.74 -57.05
C SER E 227 48.42 4.45 -58.54
N THR E 228 48.11 5.48 -59.32
CA THR E 228 48.17 5.35 -60.77
C THR E 228 48.52 6.72 -61.42
N ARG E 229 49.39 6.69 -62.44
CA ARG E 229 49.94 7.90 -63.04
C ARG E 229 49.42 8.25 -64.40
N ASP E 230 48.44 7.52 -64.92
CA ASP E 230 47.69 7.97 -66.12
C ASP E 230 47.22 9.44 -66.06
N LYS E 231 47.08 10.04 -67.22
CA LYS E 231 46.53 11.38 -67.36
C LYS E 231 44.95 11.46 -67.27
N LEU E 232 44.25 10.39 -67.63
CA LEU E 232 42.80 10.31 -67.40
C LEU E 232 42.48 9.49 -66.13
N ALA E 233 43.38 9.59 -65.17
CA ALA E 233 43.27 8.87 -63.91
C ALA E 233 42.22 9.54 -63.07
N LYS E 234 41.24 8.74 -62.62
CA LYS E 234 40.17 9.18 -61.73
C LYS E 234 40.53 8.79 -60.30
N SER E 235 40.01 9.55 -59.35
CA SER E 235 40.10 9.21 -57.93
C SER E 235 39.12 8.07 -57.59
N PHE E 236 39.09 7.66 -56.31
CA PHE E 236 38.11 6.66 -55.85
C PHE E 236 36.69 7.16 -56.00
N THR E 237 36.48 8.45 -55.70
CA THR E 237 35.16 9.08 -55.77
C THR E 237 34.80 9.66 -57.11
N GLY E 238 35.75 9.70 -58.03
CA GLY E 238 35.50 10.15 -59.39
C GLY E 238 36.18 11.45 -59.80
N ALA E 240 38.76 13.79 -61.29
CA ALA E 240 39.71 13.73 -62.38
C ALA E 240 39.90 15.16 -62.91
N ILE E 241 40.86 15.28 -63.82
CA ILE E 241 41.22 16.55 -64.43
C ILE E 241 40.89 16.46 -65.89
N GLN E 242 40.30 17.51 -66.45
CA GLN E 242 39.95 17.48 -67.87
C GLN E 242 41.06 18.09 -68.70
N SER E 243 41.50 19.26 -68.30
CA SER E 243 42.61 19.93 -68.95
C SER E 243 43.28 21.01 -68.08
N VAL E 244 44.45 21.41 -68.53
CA VAL E 244 45.24 22.48 -67.91
C VAL E 244 45.50 23.44 -69.05
N VAL E 245 45.59 24.71 -68.72
CA VAL E 245 45.36 25.74 -69.69
C VAL E 245 45.97 27.03 -69.14
N ALA E 247 46.19 30.69 -67.91
CA ALA E 247 45.31 31.73 -67.35
C ALA E 247 44.80 32.75 -68.41
N ASN E 248 45.73 33.27 -69.21
CA ASN E 248 45.49 34.39 -70.11
C ASN E 248 45.03 34.00 -71.50
N ASP E 249 44.80 32.71 -71.74
CA ASP E 249 44.17 32.25 -72.96
C ASP E 249 43.63 30.84 -72.72
N HIS E 250 42.36 30.75 -72.39
CA HIS E 250 41.77 29.43 -72.10
C HIS E 250 41.84 28.41 -73.26
N ASP E 251 42.16 28.83 -74.50
CA ASP E 251 42.32 27.91 -75.64
C ASP E 251 43.71 27.33 -75.81
N GLN E 252 44.70 27.91 -75.11
CA GLN E 252 46.07 27.36 -75.00
C GLN E 252 46.20 26.23 -73.96
N GLU E 253 46.27 24.99 -74.44
CA GLU E 253 46.43 23.82 -73.55
C GLU E 253 47.89 23.74 -73.08
N LEU E 254 48.11 23.19 -71.89
CA LEU E 254 49.47 22.92 -71.40
C LEU E 254 49.68 21.42 -71.17
N PRO E 255 50.95 21.00 -71.03
CA PRO E 255 51.20 19.61 -70.74
C PRO E 255 51.25 19.41 -69.23
N TYR E 256 50.85 18.22 -68.80
CA TYR E 256 50.68 17.89 -67.37
C TYR E 256 50.67 16.37 -67.13
N ASP E 257 51.20 15.93 -65.98
CA ASP E 257 50.92 14.58 -65.51
C ASP E 257 49.95 14.70 -64.30
N VAL E 258 49.15 13.65 -64.11
CA VAL E 258 48.33 13.47 -62.92
C VAL E 258 48.58 12.12 -62.24
N ILE E 259 48.71 12.14 -60.92
CA ILE E 259 48.72 10.92 -60.13
C ILE E 259 47.51 10.93 -59.20
N THR E 260 46.78 9.82 -59.19
CA THR E 260 45.71 9.61 -58.21
C THR E 260 46.12 8.54 -57.27
N SER E 261 45.69 8.67 -56.01
CA SER E 261 46.12 7.77 -54.97
C SER E 261 45.07 7.51 -53.90
N LEU E 262 45.28 6.42 -53.18
CA LEU E 262 44.33 5.97 -52.16
C LEU E 262 45.08 5.20 -51.07
N LYS E 263 45.10 5.78 -49.87
CA LYS E 263 45.76 5.22 -48.69
C LYS E 263 44.67 4.90 -47.69
N SER E 264 44.81 3.80 -46.99
CA SER E 264 44.03 3.55 -45.78
C SER E 264 44.61 4.41 -44.66
N ASP E 265 43.78 4.82 -43.69
CA ASP E 265 44.27 5.37 -42.39
C ASP E 265 43.81 4.48 -41.18
N GLU E 266 42.82 4.91 -40.40
CA GLU E 266 42.19 4.04 -39.40
C GLU E 266 41.19 3.12 -40.15
N TYR E 267 41.69 1.96 -40.52
CA TYR E 267 40.90 0.94 -41.17
C TYR E 267 40.99 -0.23 -40.19
N LEU E 268 39.87 -0.53 -39.52
CA LEU E 268 39.88 -1.58 -38.50
C LEU E 268 38.61 -2.42 -38.30
N VAL E 269 38.85 -3.57 -37.68
CA VAL E 269 37.82 -4.50 -37.25
C VAL E 269 37.89 -4.58 -35.73
N GLN E 270 36.74 -4.46 -35.08
CA GLN E 270 36.68 -4.31 -33.64
C GLN E 270 35.45 -4.99 -33.04
N ASP F 8 -15.76 2.09 -40.79
CA ASP F 8 -16.34 1.28 -39.68
C ASP F 8 -17.15 2.16 -38.73
N VAL F 9 -17.91 1.49 -37.89
CA VAL F 9 -18.27 1.97 -36.57
C VAL F 9 -17.67 0.92 -35.62
N PRO F 10 -16.52 1.24 -34.96
CA PRO F 10 -15.69 0.19 -34.36
C PRO F 10 -16.44 -0.79 -33.46
N GLU F 11 -16.06 -2.07 -33.55
CA GLU F 11 -16.64 -3.11 -32.73
C GLU F 11 -16.26 -2.86 -31.27
N ASN F 12 -17.23 -2.98 -30.38
CA ASN F 12 -17.04 -2.89 -28.94
C ASN F 12 -17.25 -4.27 -28.37
N ASN F 13 -16.38 -4.72 -27.48
CA ASN F 13 -16.58 -5.99 -26.75
C ASN F 13 -17.11 -5.87 -25.36
N GLY F 14 -17.19 -4.65 -24.84
CA GLY F 14 -17.78 -4.42 -23.53
C GLY F 14 -17.66 -2.98 -23.18
N ILE F 15 -16.43 -2.58 -22.87
CA ILE F 15 -16.11 -1.16 -22.74
C ILE F 15 -15.20 -0.78 -23.89
N LEU F 16 -15.64 0.21 -24.67
CA LEU F 16 -14.77 0.89 -25.63
C LEU F 16 -14.60 2.35 -25.29
N ILE F 17 -13.36 2.77 -25.07
CA ILE F 17 -13.05 4.17 -24.82
C ILE F 17 -12.40 4.81 -26.05
N SER F 18 -13.03 5.84 -26.63
CA SER F 18 -12.44 6.53 -27.76
C SER F 18 -11.88 7.86 -27.30
N ILE F 19 -10.70 8.21 -27.79
CA ILE F 19 -10.14 9.55 -27.61
C ILE F 19 -9.97 10.22 -28.96
N LYS F 20 -10.75 11.27 -29.22
CA LYS F 20 -10.85 11.78 -30.56
C LYS F 20 -10.40 13.23 -30.63
N GLU F 21 -9.16 13.42 -31.03
CA GLU F 21 -8.63 14.74 -31.19
C GLU F 21 -8.78 15.18 -32.66
N VAL F 22 -8.92 16.48 -32.88
CA VAL F 22 -9.05 17.07 -34.21
C VAL F 22 -8.21 18.34 -34.31
N ILE F 23 -7.49 18.48 -35.42
CA ILE F 23 -6.51 19.55 -35.54
C ILE F 23 -6.83 20.50 -36.68
N ASN F 24 -6.86 21.79 -36.36
CA ASN F 24 -6.92 22.87 -37.34
C ASN F 24 -5.58 23.56 -37.38
N ALA F 25 -5.16 23.94 -38.58
CA ALA F 25 -3.88 24.60 -38.77
C ALA F 25 -3.97 25.41 -40.03
N GLU F 26 -3.44 26.63 -39.98
CA GLU F 26 -3.33 27.49 -41.14
C GLU F 26 -1.85 27.84 -41.31
N PHE F 27 -1.39 27.68 -42.55
CA PHE F 27 -0.02 27.99 -42.95
C PHE F 27 0.02 29.08 -44.04
N SER F 28 1.03 29.93 -43.97
CA SER F 28 1.36 30.88 -45.06
C SER F 28 2.02 30.12 -46.23
N ARG F 29 1.89 30.64 -47.47
CA ARG F 29 2.38 29.94 -48.70
C ARG F 29 3.80 29.43 -48.60
N ASP F 30 4.71 30.29 -48.15
CA ASP F 30 6.09 29.90 -47.89
C ASP F 30 6.18 28.79 -46.84
N GLY F 31 5.26 28.79 -45.88
CA GLY F 31 5.14 27.75 -44.85
C GLY F 31 5.16 28.21 -43.42
N THR F 32 5.05 29.52 -43.18
CA THR F 32 4.98 30.07 -41.82
C THR F 32 3.66 29.66 -41.13
N ILE F 33 3.77 29.28 -39.87
CA ILE F 33 2.61 28.82 -39.11
C ILE F 33 1.81 30.06 -38.73
N HIS F 34 0.55 30.11 -39.17
CA HIS F 34 -0.37 31.20 -38.75
C HIS F 34 -1.06 30.96 -37.42
N SER F 35 -1.70 29.80 -37.32
CA SER F 35 -2.48 29.46 -36.14
C SER F 35 -2.75 27.99 -36.13
N SER F 36 -3.15 27.50 -34.96
CA SER F 36 -3.69 26.15 -34.85
C SER F 36 -4.64 26.00 -33.66
N GLU F 37 -5.49 24.99 -33.77
CA GLU F 37 -6.55 24.70 -32.78
C GLU F 37 -6.74 23.20 -32.72
N LEU F 38 -6.61 22.64 -31.52
CA LEU F 38 -6.87 21.23 -31.30
C LEU F 38 -8.08 21.02 -30.39
N LYS F 39 -9.18 20.48 -30.93
CA LYS F 39 -10.35 20.08 -30.11
C LYS F 39 -10.19 18.60 -29.85
N GLY F 40 -10.66 18.15 -28.69
CA GLY F 40 -10.60 16.73 -28.34
C GLY F 40 -11.75 16.29 -27.46
N VAL F 41 -11.97 14.98 -27.39
CA VAL F 41 -13.04 14.44 -26.55
C VAL F 41 -12.76 13.01 -26.17
N LEU F 42 -13.06 12.66 -24.92
CA LEU F 42 -13.05 11.29 -24.41
C LEU F 42 -14.47 10.76 -24.46
N GLU F 43 -14.68 9.69 -25.20
CA GLU F 43 -15.99 9.07 -25.31
C GLU F 43 -15.91 7.67 -24.79
N LEU F 44 -17.01 7.24 -24.21
CA LEU F 44 -17.13 5.94 -23.58
C LEU F 44 -18.34 5.27 -24.23
N ARG F 45 -18.18 4.02 -24.66
CA ARG F 45 -19.29 3.19 -25.12
C ARG F 45 -19.29 1.95 -24.30
N ILE F 46 -20.48 1.53 -23.88
CA ILE F 46 -20.65 0.34 -23.08
C ILE F 46 -21.82 -0.42 -23.65
N ASN F 47 -21.67 -1.73 -23.84
CA ASN F 47 -22.71 -2.60 -24.42
C ASN F 47 -23.00 -3.84 -23.58
N ASP F 48 -22.68 -3.77 -22.29
CA ASP F 48 -22.84 -4.86 -21.33
C ASP F 48 -23.17 -4.25 -19.97
N HIS F 49 -24.32 -4.63 -19.41
CA HIS F 49 -24.87 -4.03 -18.18
CA HIS F 49 -24.86 -3.99 -18.22
C HIS F 49 -24.01 -4.34 -16.97
N ASP F 50 -23.32 -5.49 -17.01
CA ASP F 50 -22.35 -5.88 -15.95
C ASP F 50 -21.16 -4.92 -15.81
N LEU F 51 -20.88 -4.09 -16.84
CA LEU F 51 -19.79 -3.09 -16.86
C LEU F 51 -20.25 -1.58 -16.77
N SER F 52 -21.55 -1.37 -16.54
CA SER F 52 -22.16 -0.05 -16.27
C SER F 52 -21.61 0.78 -15.12
N HIS F 53 -21.37 0.15 -13.96
CA HIS F 53 -21.00 0.88 -12.74
C HIS F 53 -19.52 0.90 -12.69
N SER F 54 -18.91 1.61 -13.64
CA SER F 54 -17.44 1.58 -13.84
C SER F 54 -16.86 2.98 -13.75
N ASN F 55 -15.58 3.09 -13.38
CA ASN F 55 -14.84 4.35 -13.34
C ASN F 55 -13.55 4.23 -14.16
N LEU F 56 -13.30 5.22 -15.02
CA LEU F 56 -12.04 5.29 -15.78
C LEU F 56 -11.09 6.11 -14.92
N LYS F 57 -9.85 5.64 -14.77
CA LYS F 57 -8.76 6.49 -14.25
C LYS F 57 -7.83 6.76 -15.40
N LEU F 58 -7.43 8.02 -15.54
CA LEU F 58 -6.59 8.48 -16.65
C LEU F 58 -5.15 8.41 -16.22
N ALA F 59 -4.24 8.32 -17.18
CA ALA F 59 -2.82 8.20 -16.87
C ALA F 59 -2.39 9.39 -16.03
N ASP F 60 -1.59 9.13 -15.00
CA ASP F 60 -1.14 10.22 -14.10
C ASP F 60 -0.02 11.07 -14.71
N SER F 61 0.27 10.87 -16.01
CA SER F 61 1.04 11.82 -16.80
C SER F 61 0.15 12.83 -17.58
N ILE F 62 -1.00 13.21 -17.04
CA ILE F 62 -1.89 14.19 -17.68
C ILE F 62 -2.14 15.27 -16.66
N ASP F 63 -1.73 16.50 -16.97
CA ASP F 63 -2.02 17.63 -16.09
C ASP F 63 -3.49 18.04 -16.27
N VAL F 64 -4.36 17.62 -15.36
CA VAL F 64 -5.77 17.97 -15.49
C VAL F 64 -6.03 19.40 -15.03
N ARG F 65 -5.07 20.00 -14.35
CA ARG F 65 -5.20 21.37 -13.88
C ARG F 65 -4.72 22.42 -14.90
N ASP F 66 -4.14 21.97 -16.03
CA ASP F 66 -3.69 22.88 -17.09
C ASP F 66 -4.89 23.61 -17.68
N LYS F 67 -4.90 24.92 -17.47
CA LYS F 67 -6.03 25.77 -17.82
C LYS F 67 -6.13 26.00 -19.35
N SER F 68 -5.00 25.88 -20.04
CA SER F 68 -4.96 26.04 -21.50
C SER F 68 -5.70 24.95 -22.29
N PHE F 69 -6.04 23.84 -21.64
CA PHE F 69 -6.85 22.77 -22.26
C PHE F 69 -8.37 22.96 -22.04
N GLN F 70 -8.78 23.76 -21.05
CA GLN F 70 -10.21 23.97 -20.79
C GLN F 70 -10.94 22.65 -20.64
N PHE F 71 -10.41 21.82 -19.75
CA PHE F 71 -11.01 20.54 -19.45
C PHE F 71 -12.41 20.65 -18.89
N LYS F 72 -13.37 20.13 -19.64
CA LYS F 72 -14.76 20.23 -19.33
C LYS F 72 -15.30 18.81 -19.16
N THR F 73 -15.62 18.42 -17.93
CA THR F 73 -16.30 17.16 -17.65
C THR F 73 -17.79 17.28 -18.02
N HIS F 74 -18.45 16.19 -18.34
CA HIS F 74 -19.87 16.24 -18.71
C HIS F 74 -20.61 16.46 -17.43
N PRO F 75 -21.79 17.13 -17.45
CA PRO F 75 -22.53 17.38 -16.20
C PRO F 75 -22.60 16.16 -15.25
N ASN F 76 -23.06 15.02 -15.76
CA ASN F 76 -23.13 13.75 -14.99
C ASN F 76 -21.80 13.24 -14.35
N ILE F 77 -20.65 13.74 -14.81
CA ILE F 77 -19.35 13.35 -14.26
C ILE F 77 -19.05 14.16 -13.01
N ASP F 78 -18.41 13.53 -12.02
CA ASP F 78 -17.94 14.21 -10.82
C ASP F 78 -16.69 14.98 -11.21
N LYS F 79 -16.80 16.31 -11.18
CA LYS F 79 -15.68 17.17 -11.51
C LYS F 79 -14.54 17.04 -10.49
N GLN F 80 -14.86 16.96 -9.20
CA GLN F 80 -13.83 17.13 -8.15
C GLN F 80 -12.85 15.96 -8.04
N SER F 81 -13.37 14.74 -8.11
CA SER F 81 -12.52 13.55 -8.28
C SER F 81 -11.74 13.59 -9.62
N PHE F 82 -12.31 14.19 -10.66
CA PHE F 82 -11.54 14.41 -11.90
C PHE F 82 -10.26 15.21 -11.63
N LEU F 83 -10.37 16.23 -10.79
CA LEU F 83 -9.29 17.18 -10.60
C LEU F 83 -8.24 16.65 -9.61
N SER F 84 -8.72 16.06 -8.51
CA SER F 84 -7.84 15.51 -7.49
C SER F 84 -7.22 14.19 -7.94
N THR F 85 -8.05 13.21 -8.29
CA THR F 85 -7.57 11.83 -8.58
C THR F 85 -7.41 11.44 -10.08
N LYS F 86 -7.93 12.27 -11.00
CA LYS F 86 -7.94 11.99 -12.45
C LYS F 86 -8.84 10.82 -12.73
N LEU F 87 -10.07 10.92 -12.23
CA LEU F 87 -11.07 9.86 -12.31
C LEU F 87 -12.32 10.34 -13.08
N ILE F 88 -12.72 9.61 -14.10
CA ILE F 88 -14.07 9.78 -14.63
C ILE F 88 -15.01 8.88 -13.82
N SER F 89 -15.79 9.49 -12.96
CA SER F 89 -16.84 8.77 -12.27
C SER F 89 -18.07 9.64 -12.31
N LEU F 90 -19.24 9.04 -12.12
CA LEU F 90 -20.49 9.78 -12.09
C LEU F 90 -20.63 10.57 -10.79
N ARG F 91 -21.51 11.57 -10.76
CA ARG F 91 -21.71 12.33 -9.54
C ARG F 91 -22.53 11.49 -8.56
N ASP F 92 -23.64 10.91 -9.01
CA ASP F 92 -24.47 10.07 -8.15
C ASP F 92 -23.91 8.66 -8.17
N LYS F 93 -23.41 8.23 -7.03
CA LYS F 93 -22.56 7.05 -6.94
C LYS F 93 -23.37 5.74 -7.04
N SER F 94 -24.68 5.80 -6.81
CA SER F 94 -25.56 4.64 -6.97
C SER F 94 -25.80 4.38 -8.45
N LYS F 95 -25.91 5.45 -9.24
CA LYS F 95 -26.32 5.38 -10.64
C LYS F 95 -25.22 4.82 -11.58
N ALA F 96 -25.59 4.59 -12.85
CA ALA F 96 -24.74 3.85 -13.80
C ALA F 96 -24.65 4.52 -15.16
N PHE F 97 -23.71 4.04 -15.97
CA PHE F 97 -23.58 4.52 -17.34
C PHE F 97 -24.61 3.77 -18.20
N PRO F 98 -25.24 4.48 -19.15
CA PRO F 98 -26.05 3.82 -20.16
C PRO F 98 -25.29 2.72 -20.85
N ALA F 99 -25.86 1.52 -20.87
CA ALA F 99 -25.24 0.36 -21.54
C ALA F 99 -25.96 0.00 -22.86
N ASN F 100 -26.23 1.06 -23.61
CA ASN F 100 -26.94 1.04 -24.88
CA ASN F 100 -26.92 0.87 -24.90
C ASN F 100 -25.99 1.06 -26.10
N ASP F 101 -24.67 1.01 -25.83
CA ASP F 101 -23.60 1.24 -26.82
C ASP F 101 -23.62 2.68 -27.40
N GLN F 102 -24.14 3.65 -26.64
CA GLN F 102 -24.08 5.05 -27.06
C GLN F 102 -22.72 5.65 -26.78
N SER F 103 -22.34 6.61 -27.61
CA SER F 103 -21.08 7.31 -27.41
C SER F 103 -21.25 8.36 -26.32
N LEU F 104 -20.82 8.05 -25.11
CA LEU F 104 -20.99 8.96 -23.98
C LEU F 104 -19.79 9.89 -23.86
N GLY F 105 -19.94 11.15 -24.26
CA GLY F 105 -18.89 12.12 -24.08
C GLY F 105 -18.78 12.41 -22.60
N VAL F 106 -17.62 12.19 -22.03
CA VAL F 106 -17.41 12.47 -20.63
C VAL F 106 -16.36 13.55 -20.42
N LEU F 107 -15.61 13.95 -21.43
CA LEU F 107 -14.56 14.91 -21.21
C LEU F 107 -14.16 15.61 -22.49
N ARG F 108 -14.08 16.93 -22.48
CA ARG F 108 -13.73 17.74 -23.66
C ARG F 108 -12.50 18.54 -23.44
N TRP F 109 -11.75 18.81 -24.49
CA TRP F 109 -10.67 19.76 -24.34
C TRP F 109 -10.41 20.52 -25.63
N ARG F 110 -9.78 21.68 -25.49
CA ARG F 110 -9.44 22.58 -26.60
C ARG F 110 -8.19 23.39 -26.29
N LYS F 111 -7.27 23.46 -27.23
CA LYS F 111 -6.01 24.14 -26.98
C LYS F 111 -5.64 24.85 -28.25
N VAL F 112 -5.12 26.07 -28.09
CA VAL F 112 -4.84 26.97 -29.20
C VAL F 112 -3.38 27.31 -29.17
N ALA F 113 -2.73 27.25 -30.33
CA ALA F 113 -1.33 27.67 -30.48
C ALA F 113 -1.25 28.80 -31.53
N PRO F 114 -0.52 29.90 -31.22
CA PRO F 114 -0.43 31.09 -32.08
C PRO F 114 0.54 30.92 -33.25
N ALA F 115 0.86 32.00 -33.93
CA ALA F 115 1.78 31.95 -35.08
C ALA F 115 3.21 31.60 -34.69
N GLU F 116 3.89 30.96 -35.63
CA GLU F 116 5.25 30.39 -35.43
C GLU F 116 5.32 29.62 -34.12
N ASP F 117 4.41 28.65 -33.99
CA ASP F 117 4.37 27.69 -32.89
C ASP F 117 3.77 26.40 -33.42
N ASP F 118 4.53 25.33 -33.25
CA ASP F 118 4.33 24.06 -33.93
C ASP F 118 3.89 22.92 -32.98
N SER F 119 3.66 23.24 -31.71
CA SER F 119 3.42 22.20 -30.71
C SER F 119 2.19 21.30 -31.00
N LEU F 120 1.17 21.83 -31.69
CA LEU F 120 -0.02 21.05 -32.01
C LEU F 120 -0.11 20.64 -33.47
N ILE F 121 1.00 20.74 -34.22
CA ILE F 121 0.99 20.46 -35.65
C ILE F 121 1.50 19.04 -35.91
N PRO F 122 0.60 18.11 -36.27
CA PRO F 122 1.12 16.81 -36.69
C PRO F 122 1.90 16.83 -38.01
N LEU F 123 1.61 17.78 -38.91
CA LEU F 123 2.20 17.76 -40.24
C LEU F 123 2.45 19.18 -40.71
N THR F 124 3.72 19.59 -40.74
CA THR F 124 4.11 20.93 -41.21
C THR F 124 4.18 20.94 -42.73
N LEU F 125 3.68 22.00 -43.35
CA LEU F 125 3.62 22.12 -44.81
C LEU F 125 4.36 23.35 -45.33
N THR F 126 4.83 23.24 -46.58
CA THR F 126 5.53 24.31 -47.32
C THR F 126 5.10 24.26 -48.80
N THR F 127 5.10 25.42 -49.47
CA THR F 127 4.75 25.48 -50.90
C THR F 127 5.68 26.37 -51.73
N ALA F 128 6.03 25.88 -52.92
CA ALA F 128 6.75 26.64 -53.95
C ALA F 128 5.93 26.53 -55.24
N VAL F 129 5.90 27.60 -56.00
CA VAL F 129 5.23 27.61 -57.30
C VAL F 129 6.07 28.42 -58.28
N SER F 130 6.42 27.81 -59.41
CA SER F 130 7.00 28.52 -60.55
C SER F 130 6.13 28.22 -61.79
N PRO F 131 6.22 29.07 -62.85
CA PRO F 131 5.40 28.81 -64.07
C PRO F 131 6.07 27.80 -65.00
N SER F 132 5.28 27.11 -65.82
CA SER F 132 5.75 25.91 -66.54
C SER F 132 5.94 26.08 -68.05
N GLU F 133 6.81 25.24 -68.61
CA GLU F 133 6.95 25.10 -70.07
C GLU F 133 5.79 24.19 -70.57
N SER F 134 5.80 22.94 -70.08
CA SER F 134 5.04 21.81 -70.66
C SER F 134 3.50 21.82 -70.51
N GLN F 135 2.95 22.79 -69.77
CA GLN F 135 1.50 23.05 -69.75
C GLN F 135 1.27 24.56 -69.68
N GLN F 136 0.00 24.95 -69.79
CA GLN F 136 -0.42 26.35 -69.67
C GLN F 136 -0.83 26.67 -68.22
N GLY F 137 0.16 26.62 -67.32
CA GLY F 137 -0.05 26.80 -65.89
C GLY F 137 1.24 26.75 -65.07
N PHE F 138 1.20 26.07 -63.91
CA PHE F 138 2.27 26.16 -62.90
C PHE F 138 2.80 24.82 -62.41
N ASP F 139 4.11 24.81 -62.06
CA ASP F 139 4.82 23.67 -61.43
C ASP F 139 4.85 23.84 -59.91
N VAL F 140 4.11 22.99 -59.19
CA VAL F 140 3.88 23.12 -57.75
C VAL F 140 4.81 22.18 -56.97
N ILE F 141 5.18 22.55 -55.76
CA ILE F 141 5.99 21.68 -54.87
C ILE F 141 5.49 21.82 -53.43
N ILE F 142 4.69 20.84 -52.97
CA ILE F 142 4.28 20.78 -51.57
C ILE F 142 5.30 19.97 -50.78
N GLU F 143 5.79 20.54 -49.71
CA GLU F 143 6.80 19.90 -48.91
C GLU F 143 6.26 19.75 -47.52
N TYR F 144 6.09 18.50 -47.09
CA TYR F 144 5.48 18.16 -45.81
C TYR F 144 6.49 17.46 -44.93
N GLU F 145 6.32 17.55 -43.62
CA GLU F 145 7.17 16.82 -42.67
C GLU F 145 6.40 16.38 -41.41
N SER F 146 6.13 15.08 -41.31
CA SER F 146 5.43 14.50 -40.15
C SER F 146 6.26 14.57 -38.83
N VAL F 147 5.55 14.64 -37.69
CA VAL F 147 6.15 14.39 -36.36
C VAL F 147 5.35 13.36 -35.57
N LEU F 148 4.61 12.54 -36.29
CA LEU F 148 3.78 11.52 -35.68
C LEU F 148 4.61 10.26 -35.45
N GLU F 149 4.26 9.51 -34.40
CA GLU F 149 4.95 8.25 -34.07
C GLU F 149 4.47 7.16 -35.04
N THR F 150 3.17 7.18 -35.35
CA THR F 150 2.58 6.32 -36.39
C THR F 150 2.74 6.98 -37.76
N GLU F 151 2.39 6.22 -38.79
CA GLU F 151 2.30 6.77 -40.16
C GLU F 151 0.91 7.38 -40.40
N LEU F 152 0.77 8.07 -41.52
CA LEU F 152 -0.52 8.58 -42.03
C LEU F 152 -0.80 7.94 -43.38
N ALA F 153 -2.04 7.53 -43.60
CA ALA F 153 -2.42 6.90 -44.85
C ALA F 153 -3.53 7.68 -45.51
N ASP F 154 -3.56 7.57 -46.85
CA ASP F 154 -4.55 8.22 -47.70
C ASP F 154 -4.69 9.72 -47.41
N VAL F 155 -3.54 10.37 -47.32
CA VAL F 155 -3.45 11.83 -47.16
C VAL F 155 -3.85 12.50 -48.47
N ILE F 156 -4.71 13.51 -48.41
CA ILE F 156 -5.30 14.08 -49.61
C ILE F 156 -5.07 15.57 -49.71
N PHE F 157 -4.19 15.97 -50.62
CA PHE F 157 -4.00 17.40 -50.94
C PHE F 157 -4.95 17.80 -52.03
N THR F 158 -5.56 18.97 -51.87
CA THR F 158 -6.57 19.45 -52.80
C THR F 158 -6.34 20.90 -53.20
N ILE F 159 -6.29 21.11 -54.52
CA ILE F 159 -6.10 22.41 -55.15
C ILE F 159 -7.46 22.88 -55.66
N PRO F 160 -7.81 24.18 -55.48
CA PRO F 160 -9.17 24.60 -55.85
C PRO F 160 -9.38 25.04 -57.34
N VAL F 161 -8.90 24.23 -58.28
CA VAL F 161 -9.00 24.50 -59.73
C VAL F 161 -9.41 23.23 -60.51
N PHE F 162 -10.05 23.41 -61.67
CA PHE F 162 -10.57 22.30 -62.48
C PHE F 162 -9.96 22.37 -63.90
N PRO F 163 -8.72 21.85 -64.08
CA PRO F 163 -7.98 22.07 -65.33
C PRO F 163 -8.46 21.20 -66.51
N GLN F 164 -8.09 21.62 -67.72
CA GLN F 164 -8.44 20.91 -68.96
C GLN F 164 -7.49 19.72 -69.15
N GLU F 165 -6.20 20.02 -69.14
CA GLU F 165 -5.14 19.01 -69.25
C GLU F 165 -5.08 18.23 -67.93
N PRO F 166 -5.29 16.88 -67.97
CA PRO F 166 -5.00 16.06 -66.79
C PRO F 166 -3.66 16.41 -66.10
N VAL F 167 -3.65 16.36 -64.77
CA VAL F 167 -2.55 16.90 -63.97
C VAL F 167 -1.34 15.95 -64.04
N ASP F 168 -0.19 16.51 -64.41
CA ASP F 168 1.07 15.75 -64.45
C ASP F 168 1.71 15.75 -63.06
N ILE F 169 1.84 14.56 -62.47
CA ILE F 169 2.57 14.37 -61.21
C ILE F 169 4.03 14.07 -61.55
N ASN F 170 4.95 14.94 -61.13
CA ASN F 170 6.38 14.73 -61.39
C ASN F 170 6.75 13.40 -60.70
N THR F 171 6.88 12.38 -61.54
CA THR F 171 6.68 10.97 -61.18
C THR F 171 7.79 10.43 -60.24
N GLU F 172 9.04 10.84 -60.48
CA GLU F 172 10.17 10.54 -59.56
C GLU F 172 10.54 11.70 -58.63
N SER F 173 9.96 12.89 -58.85
CA SER F 173 10.15 14.01 -57.91
C SER F 173 9.29 13.87 -56.63
N SER F 174 8.12 13.25 -56.75
CA SER F 174 7.27 12.94 -55.58
C SER F 174 7.89 11.81 -54.75
N THR F 175 7.97 11.97 -53.41
CA THR F 175 8.46 10.88 -52.53
C THR F 175 7.48 9.69 -52.49
N CYS F 176 6.22 9.93 -52.88
CA CYS F 176 5.30 8.85 -53.25
C CYS F 176 4.78 9.07 -54.67
N SER F 177 5.04 8.09 -55.53
CA SER F 177 4.75 8.14 -56.97
C SER F 177 3.43 7.44 -57.35
N ASP F 178 3.05 6.43 -56.57
CA ASP F 178 1.66 5.91 -56.57
C ASP F 178 0.63 7.02 -56.29
N ALA F 179 1.09 8.14 -55.71
CA ALA F 179 0.32 9.38 -55.58
C ALA F 179 -0.45 9.75 -56.86
N GLU F 180 -1.78 9.76 -56.77
CA GLU F 180 -2.66 9.77 -57.94
C GLU F 180 -3.85 10.71 -57.75
N VAL F 181 -4.45 11.14 -58.85
CA VAL F 181 -5.69 11.89 -58.79
C VAL F 181 -6.82 10.92 -58.44
N VAL F 182 -7.65 11.31 -57.48
CA VAL F 182 -8.87 10.56 -57.13
C VAL F 182 -10.13 11.28 -57.65
N ASN F 183 -10.18 12.61 -57.51
CA ASN F 183 -11.36 13.40 -57.86
C ASN F 183 -10.91 14.73 -58.48
N ASP F 185 -13.08 17.40 -59.24
CA ASP F 185 -14.40 17.98 -59.04
C ASP F 185 -14.38 19.39 -59.61
N GLN F 186 -15.50 19.84 -60.18
CA GLN F 186 -15.62 21.22 -60.65
C GLN F 186 -15.81 22.17 -59.46
N GLU F 187 -16.68 21.77 -58.53
CA GLU F 187 -16.95 22.53 -57.30
C GLU F 187 -15.69 22.72 -56.44
N GLY F 189 -12.37 21.13 -56.61
CA GLY F 189 -11.09 21.24 -57.32
C GLY F 189 -10.38 19.90 -57.51
N THR F 190 -9.04 19.95 -57.53
CA THR F 190 -8.20 18.79 -57.87
C THR F 190 -7.59 18.11 -56.64
N SER F 191 -7.79 16.79 -56.50
CA SER F 191 -7.34 16.02 -55.32
C SER F 191 -6.25 14.99 -55.63
N ILE F 192 -5.04 15.23 -55.14
CA ILE F 192 -3.93 14.29 -55.23
C ILE F 192 -3.83 13.47 -53.94
N LYS F 193 -4.13 12.18 -54.02
CA LYS F 193 -4.03 11.25 -52.87
C LYS F 193 -2.63 10.62 -52.73
N ILE F 194 -1.83 11.12 -51.78
CA ILE F 194 -0.66 10.37 -51.27
C ILE F 194 -1.11 9.14 -50.47
N SER F 195 -0.32 8.06 -50.50
CA SER F 195 -0.73 6.79 -49.90
C SER F 195 -0.13 6.48 -48.54
N LYS F 196 1.06 7.00 -48.26
CA LYS F 196 1.81 6.66 -47.03
C LYS F 196 2.84 7.73 -46.65
N ILE F 197 2.52 8.59 -45.69
CA ILE F 197 3.54 9.48 -45.11
C ILE F 197 4.10 8.72 -43.91
N ALA F 198 5.39 8.38 -43.98
CA ALA F 198 6.02 7.59 -42.93
C ALA F 198 6.29 8.43 -41.69
N ALA F 199 6.26 7.76 -40.54
CA ALA F 199 6.42 8.42 -39.26
C ALA F 199 7.69 9.29 -39.16
N ASN F 200 7.59 10.38 -38.42
CA ASN F 200 8.72 11.26 -38.09
C ASN F 200 9.63 11.67 -39.28
N ASP F 201 9.09 11.69 -40.49
CA ASP F 201 9.91 11.85 -41.70
C ASP F 201 9.39 12.93 -42.66
N ALA F 202 10.34 13.60 -43.32
CA ALA F 202 10.06 14.58 -44.40
C ALA F 202 9.57 13.91 -45.71
N GLY F 203 9.23 14.71 -46.72
CA GLY F 203 8.80 14.22 -48.03
C GLY F 203 8.37 15.38 -48.91
N ALA F 204 7.84 15.09 -50.10
CA ALA F 204 7.35 16.13 -51.01
C ALA F 204 6.44 15.61 -52.14
N LEU F 205 5.59 16.49 -52.63
CA LEU F 205 4.66 16.19 -53.73
C LEU F 205 4.88 17.29 -54.75
N ALA F 206 5.38 16.88 -55.92
CA ALA F 206 5.55 17.78 -57.06
C ALA F 206 4.52 17.43 -58.14
N PHE F 207 4.06 18.46 -58.83
CA PHE F 207 3.16 18.32 -59.96
C PHE F 207 3.13 19.60 -60.81
N THR F 208 2.33 19.56 -61.87
CA THR F 208 2.20 20.64 -62.82
C THR F 208 0.72 20.73 -63.16
N ILE F 209 0.16 21.95 -63.19
CA ILE F 209 -1.28 22.09 -63.38
C ILE F 209 -1.69 23.39 -64.09
N GLU F 210 -2.74 23.26 -64.90
CA GLU F 210 -3.34 24.38 -65.65
C GLU F 210 -4.09 25.31 -64.71
N ALA F 211 -3.63 26.55 -64.64
CA ALA F 211 -4.22 27.55 -63.76
C ALA F 211 -3.98 28.94 -64.30
N PRO F 212 -5.04 29.77 -64.40
CA PRO F 212 -4.94 31.20 -64.75
C PRO F 212 -3.74 32.00 -64.17
N TYR F 213 -3.66 32.16 -62.84
CA TYR F 213 -2.57 32.94 -62.18
C TYR F 213 -2.12 32.23 -60.89
N GLU F 214 -1.02 32.68 -60.28
CA GLU F 214 -0.47 32.03 -59.07
C GLU F 214 -1.45 31.95 -57.89
N ASP F 215 -2.32 32.96 -57.74
CA ASP F 215 -3.23 33.07 -56.59
C ASP F 215 -4.52 32.21 -56.68
N ALA F 216 -4.82 31.63 -57.85
CA ALA F 216 -6.01 30.76 -58.04
C ALA F 216 -5.78 29.31 -57.57
N LEU F 217 -4.52 28.96 -57.29
CA LEU F 217 -4.11 27.64 -56.79
C LEU F 217 -4.35 27.42 -55.29
N TYR F 218 -4.84 28.46 -54.62
CA TYR F 218 -4.96 28.50 -53.17
C TYR F 218 -6.43 28.82 -52.78
N PRO F 219 -6.87 28.42 -51.57
CA PRO F 219 -6.00 27.81 -50.55
C PRO F 219 -5.84 26.29 -50.75
N THR F 221 -5.61 22.61 -49.47
CA THR F 221 -6.37 22.03 -48.39
C THR F 221 -5.95 20.58 -48.27
N VAL F 222 -5.11 20.29 -47.28
CA VAL F 222 -4.78 18.88 -46.93
C VAL F 222 -5.83 18.22 -46.01
N SER F 223 -5.90 16.90 -46.08
CA SER F 223 -6.78 16.12 -45.23
C SER F 223 -6.08 14.79 -44.88
N PHE F 224 -6.23 14.35 -43.63
CA PHE F 224 -5.67 13.08 -43.20
C PHE F 224 -6.42 12.51 -42.01
N GLN F 225 -6.10 11.26 -41.68
CA GLN F 225 -6.76 10.49 -40.62
C GLN F 225 -5.73 9.73 -39.83
N GLU F 226 -6.12 9.12 -38.72
CA GLU F 226 -5.18 8.29 -37.93
C GLU F 226 -5.92 7.64 -36.79
N SER F 227 -5.76 6.34 -36.64
CA SER F 227 -6.51 5.56 -35.68
C SER F 227 -5.61 4.44 -35.16
N THR F 228 -5.56 4.25 -33.85
CA THR F 228 -4.79 3.17 -33.22
C THR F 228 -5.64 2.51 -32.09
N ARG F 229 -5.79 1.18 -32.12
CA ARG F 229 -6.67 0.44 -31.22
C ARG F 229 -6.06 -0.22 -29.99
N ASP F 230 -4.75 -0.20 -29.82
CA ASP F 230 -4.10 -0.69 -28.57
C ASP F 230 -4.66 -0.11 -27.23
N LYS F 231 -4.64 -0.93 -26.18
CA LYS F 231 -5.12 -0.54 -24.85
C LYS F 231 -4.26 0.56 -24.13
N LEU F 232 -2.98 0.67 -24.52
CA LEU F 232 -2.12 1.73 -24.00
C LEU F 232 -1.95 2.90 -24.98
N ALA F 233 -2.90 3.12 -25.89
CA ALA F 233 -2.78 4.18 -26.88
C ALA F 233 -2.84 5.55 -26.23
N LYS F 234 -1.95 6.44 -26.67
CA LYS F 234 -1.89 7.82 -26.24
C LYS F 234 -2.37 8.63 -27.41
N SER F 235 -3.19 9.64 -27.11
CA SER F 235 -3.51 10.67 -28.05
C SER F 235 -2.30 11.52 -28.38
N PHE F 236 -2.46 12.32 -29.43
CA PHE F 236 -1.46 13.27 -29.88
C PHE F 236 -0.93 14.23 -28.79
N THR F 237 -1.77 14.61 -27.84
CA THR F 237 -1.36 15.46 -26.71
C THR F 237 -0.88 14.70 -25.50
N GLY F 238 -1.09 13.37 -25.51
CA GLY F 238 -0.69 12.47 -24.41
C GLY F 238 -1.80 11.95 -23.49
N ALA F 240 -4.36 9.39 -22.12
CA ALA F 240 -4.37 7.93 -22.13
C ALA F 240 -5.08 7.38 -20.90
N ILE F 241 -5.46 6.11 -20.98
CA ILE F 241 -6.20 5.48 -19.90
C ILE F 241 -5.24 4.63 -19.11
N GLN F 242 -5.33 4.71 -17.80
CA GLN F 242 -4.52 3.85 -16.93
C GLN F 242 -5.24 2.51 -16.73
N SER F 243 -6.50 2.59 -16.27
CA SER F 243 -7.34 1.42 -16.05
C SER F 243 -8.83 1.77 -15.94
N VAL F 244 -9.68 0.79 -16.20
CA VAL F 244 -11.11 0.88 -15.91
C VAL F 244 -11.36 -0.06 -14.75
N VAL F 245 -12.42 0.20 -14.00
CA VAL F 245 -12.52 -0.25 -12.63
C VAL F 245 -13.97 -0.19 -12.15
N ALA F 247 -17.09 0.75 -9.84
CA ALA F 247 -17.42 1.88 -8.98
C ALA F 247 -17.36 1.47 -7.51
N ASN F 248 -18.06 0.39 -7.17
CA ASN F 248 -18.11 -0.12 -5.78
C ASN F 248 -16.78 -0.63 -5.23
N ASP F 249 -16.09 -1.47 -6.01
CA ASP F 249 -14.80 -2.03 -5.59
C ASP F 249 -13.67 -1.57 -6.52
N HIS F 250 -12.94 -0.56 -6.07
CA HIS F 250 -11.83 0.03 -6.86
C HIS F 250 -10.68 -0.93 -7.16
N ASP F 251 -10.62 -2.09 -6.51
CA ASP F 251 -9.61 -3.11 -6.81
C ASP F 251 -10.01 -4.04 -7.94
N GLN F 252 -11.32 -4.14 -8.21
CA GLN F 252 -11.81 -4.96 -9.31
C GLN F 252 -11.59 -4.25 -10.65
N GLU F 253 -10.62 -4.75 -11.42
CA GLU F 253 -10.36 -4.28 -12.78
C GLU F 253 -11.41 -4.79 -13.74
N LEU F 254 -11.65 -4.05 -14.80
CA LEU F 254 -12.52 -4.51 -15.88
C LEU F 254 -11.80 -4.59 -17.23
N PRO F 255 -12.38 -5.30 -18.19
CA PRO F 255 -11.81 -5.31 -19.52
C PRO F 255 -12.27 -4.11 -20.35
N TYR F 256 -11.41 -3.72 -21.30
CA TYR F 256 -11.67 -2.61 -22.24
C TYR F 256 -10.67 -2.51 -23.40
N ASP F 257 -11.08 -1.77 -24.42
CA ASP F 257 -10.16 -1.34 -25.45
C ASP F 257 -10.27 0.14 -25.51
N VAL F 258 -9.25 0.75 -26.07
CA VAL F 258 -9.25 2.17 -26.22
C VAL F 258 -8.75 2.47 -27.60
N ILE F 259 -9.48 3.34 -28.29
CA ILE F 259 -9.11 3.85 -29.60
C ILE F 259 -8.73 5.33 -29.48
N THR F 260 -7.56 5.63 -30.01
CA THR F 260 -7.07 6.97 -30.09
C THR F 260 -7.11 7.37 -31.56
N SER F 261 -7.58 8.59 -31.85
CA SER F 261 -7.62 9.09 -33.24
C SER F 261 -7.34 10.57 -33.40
N LEU F 262 -6.89 10.95 -34.59
CA LEU F 262 -6.57 12.34 -34.92
C LEU F 262 -6.93 12.66 -36.35
N LYS F 263 -7.86 13.57 -36.57
CA LYS F 263 -8.14 14.05 -37.92
C LYS F 263 -7.71 15.52 -38.15
N SER F 264 -7.39 15.84 -39.40
CA SER F 264 -7.44 17.21 -39.87
C SER F 264 -8.88 17.65 -39.92
N ASP F 265 -9.13 18.94 -39.63
CA ASP F 265 -10.38 19.61 -40.05
C ASP F 265 -10.03 20.70 -41.09
N GLU F 266 -9.85 21.96 -40.67
CA GLU F 266 -9.39 23.02 -41.56
C GLU F 266 -7.89 23.13 -41.41
N TYR F 267 -7.21 22.40 -42.30
CA TYR F 267 -5.77 22.26 -42.31
C TYR F 267 -5.38 22.74 -43.69
N LEU F 268 -4.92 24.00 -43.79
CA LEU F 268 -4.76 24.66 -45.11
C LEU F 268 -3.62 25.66 -45.23
N VAL F 269 -3.26 25.88 -46.49
CA VAL F 269 -2.25 26.84 -46.88
C VAL F 269 -2.93 27.94 -47.68
N GLN F 270 -2.50 29.19 -47.47
CA GLN F 270 -3.17 30.33 -48.05
C GLN F 270 -2.27 31.56 -48.20
N ASP G 8 35.70 21.89 -11.82
CA ASP G 8 34.95 20.99 -10.89
C ASP G 8 35.51 19.57 -10.89
N VAL G 9 35.34 18.89 -9.76
CA VAL G 9 35.41 17.42 -9.66
C VAL G 9 34.21 17.04 -8.79
N PRO G 10 33.09 16.62 -9.41
CA PRO G 10 31.82 16.53 -8.68
C PRO G 10 31.84 15.55 -7.50
N GLU G 11 31.14 15.93 -6.42
CA GLU G 11 31.12 15.19 -5.16
C GLU G 11 30.45 13.83 -5.35
N ASN G 12 31.00 12.80 -4.68
CA ASN G 12 30.52 11.41 -4.72
C ASN G 12 30.08 10.95 -3.32
N ASN G 13 28.84 10.49 -3.20
CA ASN G 13 28.34 9.97 -1.91
C ASN G 13 28.39 8.47 -1.80
N GLY G 14 29.39 7.80 -2.36
CA GLY G 14 29.40 6.35 -2.41
C GLY G 14 29.62 5.95 -3.82
N ILE G 15 28.53 5.83 -4.57
CA ILE G 15 28.57 5.51 -6.01
C ILE G 15 28.21 6.75 -6.82
N LEU G 16 28.92 6.94 -7.91
CA LEU G 16 28.61 7.98 -8.88
C LEU G 16 28.85 7.44 -10.28
N ILE G 17 27.78 7.40 -11.05
CA ILE G 17 27.82 6.95 -12.42
C ILE G 17 27.81 8.20 -13.26
N SER G 18 28.73 8.29 -14.20
CA SER G 18 28.81 9.40 -15.14
C SER G 18 28.70 8.87 -16.57
N ILE G 19 27.88 9.53 -17.37
CA ILE G 19 27.70 9.24 -18.78
C ILE G 19 28.21 10.48 -19.51
N LYS G 20 29.36 10.34 -20.16
CA LYS G 20 30.04 11.44 -20.80
C LYS G 20 30.06 11.25 -22.33
N GLU G 21 29.16 11.98 -22.99
CA GLU G 21 28.99 11.93 -24.43
C GLU G 21 29.62 13.20 -25.02
N VAL G 22 30.29 13.07 -26.17
CA VAL G 22 31.01 14.18 -26.82
C VAL G 22 30.62 14.20 -28.29
N ILE G 23 30.29 15.39 -28.81
CA ILE G 23 29.68 15.50 -30.15
C ILE G 23 30.52 16.35 -31.07
N ASN G 24 30.79 15.80 -32.26
CA ASN G 24 31.37 16.52 -33.37
C ASN G 24 30.29 16.72 -34.39
N ALA G 25 30.30 17.92 -34.99
CA ALA G 25 29.39 18.23 -36.08
C ALA G 25 29.94 19.33 -36.98
N GLU G 26 29.77 19.14 -38.30
CA GLU G 26 30.30 20.04 -39.33
C GLU G 26 29.09 20.50 -40.16
N PHE G 27 28.96 21.82 -40.29
CA PHE G 27 27.90 22.47 -41.07
C PHE G 27 28.48 23.26 -42.25
N SER G 28 27.75 23.29 -43.36
CA SER G 28 28.01 24.27 -44.45
C SER G 28 27.52 25.64 -44.02
N ARG G 29 27.83 26.71 -44.76
CA ARG G 29 27.55 28.08 -44.25
C ARG G 29 26.06 28.39 -44.15
N ASP G 30 25.28 27.89 -45.12
CA ASP G 30 23.82 28.00 -45.10
C ASP G 30 23.17 27.19 -44.00
N GLY G 31 23.86 26.15 -43.51
CA GLY G 31 23.40 25.30 -42.43
C GLY G 31 23.17 23.84 -42.79
N THR G 32 23.67 23.38 -43.93
CA THR G 32 23.51 21.96 -44.28
C THR G 32 24.43 21.10 -43.41
N ILE G 33 23.87 20.02 -42.90
CA ILE G 33 24.59 19.11 -42.05
C ILE G 33 25.47 18.26 -42.93
N HIS G 34 26.78 18.39 -42.71
CA HIS G 34 27.77 17.61 -43.45
C HIS G 34 27.93 16.26 -42.80
N SER G 35 28.16 16.27 -41.49
CA SER G 35 28.43 15.06 -40.73
C SER G 35 28.41 15.32 -39.24
N SER G 36 28.31 14.24 -38.49
CA SER G 36 28.47 14.29 -37.04
C SER G 36 28.90 12.94 -36.45
N GLU G 37 29.45 13.00 -35.23
CA GLU G 37 30.04 11.85 -34.57
C GLU G 37 29.92 12.02 -33.04
N LEU G 38 29.09 11.18 -32.44
CA LEU G 38 28.92 11.13 -30.99
C LEU G 38 29.79 10.05 -30.39
N LYS G 39 30.73 10.43 -29.52
CA LYS G 39 31.57 9.48 -28.78
C LYS G 39 31.03 9.47 -27.37
N GLY G 40 30.87 8.28 -26.80
CA GLY G 40 30.39 8.15 -25.42
C GLY G 40 31.17 7.20 -24.52
N VAL G 41 31.17 7.50 -23.21
CA VAL G 41 31.71 6.61 -22.20
C VAL G 41 30.81 6.54 -20.93
N LEU G 42 30.75 5.36 -20.29
CA LEU G 42 30.10 5.17 -18.98
C LEU G 42 31.17 4.96 -17.93
N GLU G 43 31.17 5.81 -16.90
CA GLU G 43 32.14 5.74 -15.83
C GLU G 43 31.48 5.56 -14.46
N LEU G 44 32.20 4.87 -13.61
CA LEU G 44 31.74 4.50 -12.31
C LEU G 44 32.82 5.06 -11.38
N ARG G 45 32.43 5.85 -10.38
CA ARG G 45 33.34 6.19 -9.29
C ARG G 45 32.76 5.55 -8.07
N ILE G 46 33.63 5.04 -7.20
CA ILE G 46 33.22 4.38 -5.96
C ILE G 46 34.17 4.78 -4.84
N ASN G 47 33.61 5.14 -3.69
CA ASN G 47 34.41 5.50 -2.52
C ASN G 47 33.89 4.91 -1.23
N ASP G 48 33.22 3.76 -1.31
CA ASP G 48 32.79 3.02 -0.13
C ASP G 48 32.98 1.54 -0.42
N HIS G 49 33.92 0.94 0.32
CA HIS G 49 34.30 -0.46 0.15
CA HIS G 49 34.31 -0.44 0.15
C HIS G 49 33.08 -1.37 0.27
N ASP G 50 32.02 -0.90 0.93
CA ASP G 50 30.78 -1.67 1.11
C ASP G 50 29.89 -1.71 -0.15
N LEU G 51 30.25 -0.89 -1.16
CA LEU G 51 29.53 -0.75 -2.41
C LEU G 51 30.35 -1.23 -3.59
N SER G 52 31.41 -1.98 -3.32
CA SER G 52 32.37 -2.37 -4.35
C SER G 52 31.89 -3.59 -5.10
N HIS G 53 31.02 -4.40 -4.47
CA HIS G 53 30.57 -5.66 -5.03
C HIS G 53 29.19 -5.46 -5.62
N SER G 54 29.14 -4.53 -6.59
CA SER G 54 27.89 -4.00 -7.15
C SER G 54 27.75 -4.29 -8.65
N ASN G 55 26.53 -4.18 -9.16
CA ASN G 55 26.26 -4.21 -10.61
C ASN G 55 25.40 -3.03 -11.02
N LEU G 56 25.70 -2.39 -12.16
CA LEU G 56 24.82 -1.38 -12.74
C LEU G 56 23.89 -2.10 -13.70
N LYS G 57 22.60 -1.79 -13.66
CA LYS G 57 21.64 -2.32 -14.64
C LYS G 57 21.06 -1.19 -15.45
N LEU G 58 21.40 -1.17 -16.74
CA LEU G 58 21.06 -0.06 -17.64
C LEU G 58 19.58 -0.13 -18.01
N ALA G 59 18.98 1.04 -18.21
CA ALA G 59 17.58 1.12 -18.65
C ALA G 59 17.36 0.25 -19.87
N ASP G 60 16.28 -0.52 -19.89
CA ASP G 60 16.05 -1.46 -20.99
C ASP G 60 15.46 -0.81 -22.26
N SER G 61 15.43 0.53 -22.35
CA SER G 61 15.19 1.23 -23.62
C SER G 61 16.41 1.24 -24.58
N ILE G 62 17.58 0.84 -24.08
CA ILE G 62 18.81 0.82 -24.86
C ILE G 62 18.96 -0.50 -25.60
N ASP G 63 19.13 -0.43 -26.92
CA ASP G 63 19.41 -1.63 -27.73
C ASP G 63 20.91 -1.91 -27.66
N VAL G 64 21.31 -2.77 -26.74
CA VAL G 64 22.74 -3.09 -26.60
C VAL G 64 23.29 -4.01 -27.69
N ARG G 65 22.45 -4.42 -28.64
CA ARG G 65 22.92 -5.13 -29.83
C ARG G 65 22.96 -4.22 -31.08
N ASP G 66 22.84 -2.90 -30.91
CA ASP G 66 22.98 -1.96 -32.04
C ASP G 66 24.46 -1.88 -32.37
N LYS G 67 24.85 -2.46 -33.50
CA LYS G 67 26.26 -2.52 -33.91
C LYS G 67 26.78 -1.15 -34.37
N SER G 68 25.85 -0.24 -34.71
CA SER G 68 26.17 1.15 -35.08
C SER G 68 26.55 2.05 -33.92
N PHE G 69 26.50 1.53 -32.68
CA PHE G 69 27.10 2.23 -31.53
C PHE G 69 28.49 1.70 -31.13
N GLN G 70 28.92 0.56 -31.70
CA GLN G 70 30.18 -0.11 -31.32
C GLN G 70 30.41 -0.11 -29.82
N PHE G 71 29.42 -0.67 -29.12
CA PHE G 71 29.47 -0.83 -27.68
C PHE G 71 30.67 -1.67 -27.30
N LYS G 72 31.38 -1.23 -26.28
CA LYS G 72 32.70 -1.79 -26.00
C LYS G 72 32.92 -1.77 -24.48
N THR G 73 32.74 -2.95 -23.86
CA THR G 73 32.86 -3.13 -22.42
C THR G 73 34.34 -3.23 -22.05
N HIS G 74 34.68 -2.77 -20.85
CA HIS G 74 36.06 -2.78 -20.44
C HIS G 74 36.49 -4.22 -20.21
N PRO G 75 37.70 -4.63 -20.65
CA PRO G 75 38.15 -6.02 -20.45
C PRO G 75 37.63 -6.72 -19.17
N ASN G 76 37.77 -6.05 -18.03
CA ASN G 76 37.25 -6.52 -16.72
C ASN G 76 35.71 -6.72 -16.56
N ILE G 77 34.89 -6.26 -17.50
CA ILE G 77 33.43 -6.37 -17.41
C ILE G 77 32.97 -7.61 -18.17
N ASP G 78 31.98 -8.31 -17.63
CA ASP G 78 31.39 -9.47 -18.31
C ASP G 78 30.58 -9.05 -19.54
N LYS G 79 31.08 -9.39 -20.73
CA LYS G 79 30.41 -9.01 -21.96
C LYS G 79 29.08 -9.72 -22.20
N GLN G 80 28.96 -10.99 -21.80
CA GLN G 80 27.76 -11.76 -22.17
C GLN G 80 26.54 -11.28 -21.38
N SER G 81 26.75 -10.97 -20.10
CA SER G 81 25.70 -10.42 -19.26
C SER G 81 25.36 -8.99 -19.66
N PHE G 82 26.33 -8.23 -20.20
CA PHE G 82 26.00 -6.94 -20.84
C PHE G 82 25.02 -7.12 -22.00
N LEU G 83 25.26 -8.12 -22.84
CA LEU G 83 24.50 -8.26 -24.09
C LEU G 83 23.08 -8.84 -23.95
N SER G 84 22.88 -9.79 -23.03
CA SER G 84 21.54 -10.36 -22.75
C SER G 84 20.71 -9.58 -21.70
N THR G 85 21.34 -9.24 -20.58
CA THR G 85 20.66 -8.63 -19.41
C THR G 85 20.80 -7.09 -19.28
N LYS G 86 21.72 -6.47 -20.00
CA LYS G 86 21.94 -5.00 -19.98
C LYS G 86 22.51 -4.55 -18.66
N LEU G 87 23.54 -5.26 -18.24
CA LEU G 87 24.03 -5.22 -16.87
C LEU G 87 25.52 -5.04 -16.91
N ILE G 88 26.07 -4.18 -16.04
CA ILE G 88 27.52 -4.02 -15.98
C ILE G 88 27.99 -4.72 -14.74
N SER G 89 28.64 -5.86 -14.93
CA SER G 89 29.19 -6.64 -13.83
C SER G 89 30.58 -7.13 -14.18
N LEU G 90 31.37 -7.43 -13.17
CA LEU G 90 32.71 -7.92 -13.40
C LEU G 90 32.61 -9.34 -13.96
N ARG G 91 33.64 -9.74 -14.71
CA ARG G 91 33.72 -11.11 -15.20
C ARG G 91 33.93 -12.05 -14.01
N ASP G 92 34.86 -11.68 -13.12
CA ASP G 92 35.20 -12.48 -11.93
C ASP G 92 34.23 -12.21 -10.77
N LYS G 93 33.25 -13.09 -10.61
CA LYS G 93 32.09 -12.82 -9.73
C LYS G 93 32.44 -12.50 -8.26
N SER G 94 33.53 -13.08 -7.74
CA SER G 94 33.98 -12.83 -6.35
C SER G 94 34.65 -11.47 -6.16
N LYS G 95 35.29 -10.95 -7.21
CA LYS G 95 36.15 -9.75 -7.10
C LYS G 95 35.32 -8.45 -7.03
N ALA G 96 35.98 -7.30 -6.90
CA ALA G 96 35.26 -6.03 -6.79
C ALA G 96 35.94 -4.82 -7.45
N PHE G 97 35.14 -3.82 -7.80
CA PHE G 97 35.63 -2.55 -8.35
C PHE G 97 36.50 -1.82 -7.35
N PRO G 98 37.57 -1.15 -7.83
CA PRO G 98 38.32 -0.31 -6.90
C PRO G 98 37.41 0.68 -6.19
N ALA G 99 37.69 0.95 -4.90
CA ALA G 99 36.98 1.99 -4.13
C ALA G 99 37.86 3.21 -3.82
N ASN G 100 38.91 3.36 -4.61
CA ASN G 100 39.83 4.49 -4.54
C ASN G 100 39.24 5.87 -4.82
N ASP G 101 38.01 5.91 -5.40
CA ASP G 101 37.36 7.09 -6.03
C ASP G 101 37.90 7.45 -7.43
N GLN G 102 38.57 6.49 -8.08
CA GLN G 102 39.12 6.72 -9.43
C GLN G 102 38.04 6.45 -10.43
N SER G 103 38.15 7.09 -11.58
CA SER G 103 37.14 7.00 -12.63
C SER G 103 37.32 5.70 -13.39
N LEU G 104 36.31 4.83 -13.32
CA LEU G 104 36.36 3.49 -13.90
C LEU G 104 35.51 3.44 -15.17
N GLY G 105 36.18 3.48 -16.31
CA GLY G 105 35.54 3.25 -17.58
C GLY G 105 35.06 1.82 -17.65
N VAL G 106 33.80 1.65 -17.96
CA VAL G 106 33.20 0.32 -18.08
C VAL G 106 32.50 0.06 -19.41
N LEU G 107 32.27 1.10 -20.20
CA LEU G 107 31.53 0.96 -21.44
C LEU G 107 31.80 2.18 -22.33
N ARG G 108 32.06 1.90 -23.62
CA ARG G 108 32.27 2.93 -24.64
C ARG G 108 31.31 2.79 -25.79
N TRP G 109 31.11 3.88 -26.50
CA TRP G 109 30.35 3.82 -27.73
C TRP G 109 30.71 5.01 -28.61
N ARG G 110 30.45 4.81 -29.90
CA ARG G 110 30.62 5.80 -30.93
C ARG G 110 29.60 5.56 -32.03
N LYS G 111 28.93 6.61 -32.50
CA LYS G 111 28.03 6.49 -33.62
C LYS G 111 28.16 7.73 -34.46
N VAL G 112 28.02 7.55 -35.78
CA VAL G 112 28.23 8.58 -36.79
C VAL G 112 26.95 8.83 -37.55
N ALA G 113 26.79 10.02 -38.09
CA ALA G 113 25.65 10.30 -38.93
C ALA G 113 26.05 11.05 -40.22
N PRO G 114 25.44 10.65 -41.36
CA PRO G 114 25.79 11.20 -42.66
C PRO G 114 25.33 12.63 -42.85
N ALA G 115 25.41 13.12 -44.08
CA ALA G 115 24.94 14.45 -44.45
C ALA G 115 23.44 14.48 -44.35
N GLU G 116 22.92 15.69 -44.09
CA GLU G 116 21.48 15.96 -43.88
C GLU G 116 20.75 14.92 -42.97
N ASP G 117 21.35 14.69 -41.79
CA ASP G 117 20.79 13.86 -40.72
C ASP G 117 21.10 14.63 -39.45
N ASP G 118 20.06 15.16 -38.78
CA ASP G 118 20.19 15.96 -37.53
C ASP G 118 20.01 15.16 -36.22
N SER G 119 19.87 13.84 -36.36
CA SER G 119 19.61 12.96 -35.23
C SER G 119 20.72 12.85 -34.17
N LEU G 120 21.89 13.47 -34.35
CA LEU G 120 22.86 13.54 -33.25
C LEU G 120 23.24 14.96 -32.93
N ILE G 121 22.48 15.92 -33.44
CA ILE G 121 22.83 17.33 -33.33
C ILE G 121 22.05 17.98 -32.21
N PRO G 122 22.76 18.41 -31.16
CA PRO G 122 22.04 19.13 -30.13
C PRO G 122 21.68 20.55 -30.55
N LEU G 123 22.47 21.15 -31.42
CA LEU G 123 22.43 22.59 -31.67
C LEU G 123 22.78 22.91 -33.09
N THR G 124 21.75 23.15 -33.90
CA THR G 124 21.91 23.44 -35.33
C THR G 124 22.47 24.86 -35.52
N LEU G 125 23.23 25.09 -36.60
CA LEU G 125 23.88 26.36 -36.86
C LEU G 125 23.65 26.88 -38.28
N THR G 126 23.65 28.21 -38.45
CA THR G 126 23.58 28.86 -39.78
C THR G 126 24.30 30.18 -39.74
N THR G 127 25.04 30.49 -40.80
CA THR G 127 25.59 31.83 -40.97
C THR G 127 24.97 32.50 -42.17
N ALA G 128 24.77 33.81 -42.06
CA ALA G 128 24.62 34.70 -43.21
C ALA G 128 25.62 35.85 -43.04
N VAL G 129 26.32 36.18 -44.14
CA VAL G 129 27.22 37.31 -44.20
C VAL G 129 26.76 38.25 -45.33
N SER G 130 26.83 39.56 -45.07
CA SER G 130 26.83 40.58 -46.12
C SER G 130 27.83 41.67 -45.69
N PRO G 131 28.31 42.51 -46.65
CA PRO G 131 29.34 43.48 -46.28
C PRO G 131 28.73 44.72 -45.63
N SER G 132 29.55 45.47 -44.90
CA SER G 132 29.07 46.51 -43.98
C SER G 132 28.91 47.92 -44.58
N GLU G 133 28.20 48.76 -43.84
CA GLU G 133 28.29 50.21 -43.98
C GLU G 133 29.49 50.67 -43.14
N SER G 134 29.54 50.19 -41.89
CA SER G 134 30.32 50.82 -40.79
C SER G 134 31.82 50.48 -40.62
N GLN G 135 32.34 49.42 -41.24
CA GLN G 135 33.77 49.03 -41.08
C GLN G 135 34.38 48.35 -42.30
N GLN G 136 35.71 48.26 -42.32
CA GLN G 136 36.47 47.58 -43.39
C GLN G 136 36.32 46.05 -43.27
N GLY G 137 35.15 45.53 -43.67
CA GLY G 137 34.86 44.10 -43.53
C GLY G 137 33.42 43.69 -43.77
N PHE G 138 32.90 42.80 -42.92
CA PHE G 138 31.59 42.17 -43.14
C PHE G 138 30.70 42.15 -41.90
N ASP G 139 29.42 41.86 -42.14
CA ASP G 139 28.39 41.66 -41.11
C ASP G 139 28.03 40.19 -41.00
N VAL G 140 27.70 39.74 -39.78
CA VAL G 140 27.44 38.34 -39.47
C VAL G 140 26.08 38.16 -38.78
N ILE G 141 25.41 37.07 -39.13
CA ILE G 141 24.22 36.59 -38.44
C ILE G 141 24.43 35.07 -38.25
N ILE G 142 24.73 34.63 -37.01
CA ILE G 142 24.76 33.18 -36.67
C ILE G 142 23.41 32.80 -36.07
N GLU G 143 22.69 31.86 -36.68
CA GLU G 143 21.35 31.48 -36.24
C GLU G 143 21.25 30.06 -35.71
N TYR G 144 21.29 29.94 -34.39
CA TYR G 144 21.29 28.64 -33.73
C TYR G 144 19.91 28.19 -33.28
N GLU G 145 19.77 26.90 -33.11
CA GLU G 145 18.57 26.32 -32.52
C GLU G 145 18.92 25.06 -31.72
N SER G 146 18.73 25.15 -30.39
CA SER G 146 18.81 23.99 -29.48
C SER G 146 17.60 23.02 -29.61
N VAL G 147 17.88 21.74 -29.45
CA VAL G 147 16.84 20.73 -29.23
C VAL G 147 17.13 19.97 -27.94
N LEU G 148 17.70 20.68 -26.97
CA LEU G 148 17.86 20.16 -25.62
C LEU G 148 16.68 20.50 -24.65
N GLU G 149 16.60 19.69 -23.59
CA GLU G 149 15.66 19.89 -22.50
C GLU G 149 16.24 20.95 -21.55
N THR G 150 17.55 20.84 -21.26
CA THR G 150 18.25 21.83 -20.46
C THR G 150 18.82 22.97 -21.32
N GLU G 151 19.02 24.11 -20.67
CA GLU G 151 19.62 25.30 -21.28
C GLU G 151 21.16 25.20 -21.30
N LEU G 152 21.81 25.91 -22.23
CA LEU G 152 23.28 25.92 -22.31
C LEU G 152 23.92 27.17 -21.72
N ALA G 153 25.03 26.97 -21.01
CA ALA G 153 25.70 28.05 -20.28
C ALA G 153 26.95 28.46 -21.01
N ASP G 154 27.19 29.76 -21.07
CA ASP G 154 28.47 30.31 -21.55
C ASP G 154 29.01 29.67 -22.82
N VAL G 155 28.15 29.66 -23.86
CA VAL G 155 28.49 29.13 -25.19
C VAL G 155 29.40 30.14 -25.92
N ILE G 156 30.43 29.63 -26.58
CA ILE G 156 31.52 30.43 -27.14
C ILE G 156 31.58 30.21 -28.64
N PHE G 157 31.28 31.26 -29.42
CA PHE G 157 31.51 31.26 -30.87
C PHE G 157 32.83 31.92 -31.16
N THR G 158 33.66 31.23 -31.95
CA THR G 158 35.00 31.68 -32.34
C THR G 158 35.13 31.89 -33.87
N ILE G 159 35.75 33.03 -34.23
CA ILE G 159 35.99 33.44 -35.62
C ILE G 159 37.51 33.53 -35.81
N PRO G 160 38.04 33.01 -36.94
CA PRO G 160 39.51 32.93 -37.15
C PRO G 160 40.12 34.18 -37.83
N VAL G 161 40.09 35.31 -37.11
CA VAL G 161 40.58 36.60 -37.62
C VAL G 161 41.15 37.41 -36.45
N PHE G 162 42.11 38.31 -36.73
CA PHE G 162 42.51 39.33 -35.76
C PHE G 162 42.35 40.72 -36.41
N PRO G 163 41.18 41.39 -36.19
CA PRO G 163 40.97 42.72 -36.74
C PRO G 163 41.67 43.85 -35.94
N GLN G 164 41.75 45.03 -36.55
CA GLN G 164 42.26 46.24 -35.88
C GLN G 164 41.24 46.75 -34.84
N GLU G 165 40.00 46.86 -35.28
CA GLU G 165 38.91 47.43 -34.48
C GLU G 165 38.31 46.38 -33.53
N PRO G 166 37.86 46.82 -32.32
CA PRO G 166 37.00 45.92 -31.54
C PRO G 166 35.67 45.65 -32.27
N VAL G 167 35.10 44.48 -32.03
CA VAL G 167 33.93 44.02 -32.76
C VAL G 167 32.65 44.69 -32.23
N ASP G 168 31.94 45.42 -33.09
CA ASP G 168 30.70 46.11 -32.69
C ASP G 168 29.53 45.12 -32.68
N ILE G 169 29.20 44.62 -31.49
CA ILE G 169 28.15 43.62 -31.32
C ILE G 169 26.79 44.25 -31.52
N ASN G 170 26.18 43.97 -32.68
CA ASN G 170 24.78 44.30 -32.96
C ASN G 170 23.90 43.88 -31.76
N THR G 171 23.72 44.82 -30.83
CA THR G 171 23.39 44.53 -29.43
C THR G 171 21.95 44.00 -29.16
N GLU G 172 20.88 44.74 -29.51
CA GLU G 172 19.48 44.22 -29.39
C GLU G 172 19.01 43.40 -30.61
N SER G 173 19.91 43.23 -31.59
CA SER G 173 19.75 42.26 -32.68
C SER G 173 20.15 40.86 -32.22
N SER G 174 21.31 40.76 -31.58
CA SER G 174 21.74 39.53 -30.89
C SER G 174 20.72 39.14 -29.81
N THR G 175 20.10 37.96 -29.93
CA THR G 175 19.10 37.51 -28.93
C THR G 175 19.73 37.34 -27.52
N CYS G 176 21.07 37.31 -27.44
CA CYS G 176 21.79 37.67 -26.20
C CYS G 176 22.65 38.93 -26.42
N SER G 177 22.22 40.04 -25.80
CA SER G 177 22.82 41.37 -25.98
C SER G 177 23.97 41.67 -25.03
N ASP G 178 23.90 41.13 -23.81
CA ASP G 178 25.02 41.17 -22.84
C ASP G 178 26.20 40.26 -23.27
N ALA G 179 25.92 39.28 -24.13
CA ALA G 179 26.93 38.44 -24.81
C ALA G 179 28.10 39.25 -25.36
N GLU G 180 29.32 38.92 -24.92
CA GLU G 180 30.49 39.79 -25.09
C GLU G 180 31.68 39.06 -25.70
N VAL G 181 32.71 39.82 -26.02
CA VAL G 181 33.99 39.26 -26.49
C VAL G 181 34.89 39.02 -25.28
N VAL G 182 35.26 37.77 -24.99
CA VAL G 182 36.18 37.47 -23.84
C VAL G 182 37.66 37.34 -24.21
N ASN G 183 37.96 36.97 -25.45
CA ASN G 183 39.32 36.63 -25.85
C ASN G 183 39.59 37.01 -27.31
N ASP G 185 42.78 36.83 -29.46
CA ASP G 185 44.14 36.32 -29.59
C ASP G 185 44.55 36.38 -31.05
N GLN G 186 45.85 36.57 -31.30
CA GLN G 186 46.42 36.53 -32.66
C GLN G 186 46.35 35.11 -33.21
N GLU G 187 46.66 34.14 -32.35
CA GLU G 187 46.49 32.70 -32.64
C GLU G 187 45.08 32.32 -33.11
N GLY G 189 41.79 33.88 -32.46
CA GLY G 189 41.03 34.97 -33.05
C GLY G 189 39.98 35.55 -32.13
N THR G 190 38.82 35.92 -32.70
CA THR G 190 37.73 36.57 -31.95
C THR G 190 36.84 35.51 -31.31
N SER G 191 36.61 35.61 -29.98
CA SER G 191 35.69 34.71 -29.26
C SER G 191 34.53 35.48 -28.60
N ILE G 192 33.34 35.31 -29.16
CA ILE G 192 32.11 35.90 -28.65
C ILE G 192 31.37 34.89 -27.76
N LYS G 193 31.29 35.20 -26.45
CA LYS G 193 30.62 34.39 -25.42
C LYS G 193 29.13 34.77 -25.17
N ILE G 194 28.17 34.04 -25.76
CA ILE G 194 26.78 34.09 -25.32
C ILE G 194 26.71 33.59 -23.88
N SER G 195 25.80 34.17 -23.08
CA SER G 195 25.64 33.81 -21.66
C SER G 195 24.79 32.56 -21.42
N LYS G 196 23.63 32.51 -22.10
CA LYS G 196 22.69 31.39 -21.96
C LYS G 196 21.97 31.15 -23.30
N ILE G 197 21.75 29.89 -23.68
CA ILE G 197 20.86 29.55 -24.82
C ILE G 197 19.72 28.72 -24.25
N ALA G 198 18.50 29.16 -24.50
CA ALA G 198 17.31 28.51 -23.97
C ALA G 198 17.10 27.09 -24.55
N ALA G 199 16.58 26.20 -23.72
CA ALA G 199 16.21 24.84 -24.16
C ALA G 199 15.18 24.90 -25.30
N ASN G 200 15.05 23.83 -26.10
CA ASN G 200 14.13 23.79 -27.26
C ASN G 200 13.81 25.11 -28.01
N ASP G 201 14.79 26.02 -28.13
CA ASP G 201 14.53 27.41 -28.59
C ASP G 201 15.58 27.99 -29.55
N ALA G 202 15.08 28.63 -30.62
CA ALA G 202 15.88 29.29 -31.68
C ALA G 202 16.29 30.73 -31.32
N GLY G 203 17.57 31.05 -31.46
CA GLY G 203 18.11 32.40 -31.24
C GLY G 203 18.91 32.92 -32.43
N ALA G 204 19.81 33.88 -32.16
CA ALA G 204 20.68 34.49 -33.18
C ALA G 204 21.78 35.36 -32.55
N LEU G 205 22.95 35.38 -33.16
CA LEU G 205 24.03 36.28 -32.75
C LEU G 205 24.44 37.06 -33.99
N ALA G 206 24.68 38.36 -33.83
CA ALA G 206 25.06 39.23 -34.95
C ALA G 206 26.12 40.24 -34.54
N PHE G 207 27.07 40.48 -35.43
CA PHE G 207 28.18 41.43 -35.16
C PHE G 207 28.81 41.99 -36.46
N THR G 208 29.66 43.02 -36.30
CA THR G 208 30.35 43.67 -37.41
C THR G 208 31.87 43.61 -37.17
N ILE G 209 32.59 43.06 -38.15
CA ILE G 209 34.02 42.69 -38.00
C ILE G 209 34.85 42.86 -39.28
N GLU G 210 36.12 43.27 -39.10
CA GLU G 210 37.05 43.60 -40.20
C GLU G 210 37.83 42.40 -40.74
N ALA G 211 37.65 42.12 -42.04
CA ALA G 211 38.25 40.95 -42.68
C ALA G 211 38.47 41.20 -44.17
N PRO G 212 39.55 40.61 -44.76
CA PRO G 212 39.80 40.83 -46.19
C PRO G 212 38.70 40.27 -47.13
N TYR G 213 38.29 39.01 -46.96
CA TYR G 213 37.22 38.41 -47.79
C TYR G 213 36.18 37.60 -46.96
N GLU G 214 35.11 37.18 -47.61
CA GLU G 214 34.04 36.37 -47.01
C GLU G 214 34.55 35.03 -46.47
N ASP G 215 35.54 34.46 -47.17
CA ASP G 215 36.11 33.15 -46.87
C ASP G 215 37.19 33.16 -45.76
N ALA G 216 37.40 34.30 -45.08
CA ALA G 216 38.42 34.44 -44.02
C ALA G 216 37.86 34.47 -42.61
N LEU G 217 36.53 34.38 -42.48
CA LEU G 217 35.84 34.23 -41.19
C LEU G 217 35.51 32.76 -40.83
N TYR G 218 36.01 31.82 -41.64
CA TYR G 218 35.68 30.41 -41.53
C TYR G 218 36.98 29.63 -41.37
N PRO G 219 36.96 28.47 -40.70
CA PRO G 219 35.76 27.91 -40.07
C PRO G 219 35.26 28.70 -38.81
N THR G 221 33.77 28.21 -35.08
CA THR G 221 33.73 27.21 -34.01
C THR G 221 32.70 27.63 -32.99
N VAL G 222 31.67 26.81 -32.79
CA VAL G 222 30.91 26.90 -31.55
C VAL G 222 31.46 25.88 -30.55
N SER G 223 31.35 26.23 -29.27
CA SER G 223 31.84 25.40 -28.17
C SER G 223 30.88 25.52 -26.94
N PHE G 224 30.31 24.39 -26.53
CA PHE G 224 29.34 24.35 -25.48
C PHE G 224 29.46 23.10 -24.63
N GLN G 225 28.74 23.10 -23.52
CA GLN G 225 29.03 22.25 -22.37
C GLN G 225 27.80 22.16 -21.49
N GLU G 226 27.59 21.02 -20.87
CA GLU G 226 26.28 20.73 -20.27
C GLU G 226 26.43 19.55 -19.34
N SER G 227 25.66 19.57 -18.24
CA SER G 227 25.81 18.58 -17.15
C SER G 227 24.54 18.54 -16.29
N THR G 228 23.95 17.35 -16.10
CA THR G 228 22.69 17.19 -15.34
C THR G 228 22.83 16.10 -14.29
N ARG G 229 22.48 16.41 -13.02
CA ARG G 229 22.69 15.45 -11.89
C ARG G 229 21.56 14.57 -11.45
N ASP G 230 20.29 14.89 -11.70
CA ASP G 230 19.16 13.95 -11.40
CA ASP G 230 19.18 13.97 -11.38
C ASP G 230 19.54 12.47 -11.60
N LYS G 231 19.11 11.63 -10.68
CA LYS G 231 19.34 10.18 -10.72
C LYS G 231 18.66 9.46 -11.90
N LEU G 232 17.59 10.04 -12.45
CA LEU G 232 16.91 9.46 -13.62
C LEU G 232 17.33 10.11 -14.95
N ALA G 233 18.52 10.72 -14.97
CA ALA G 233 19.03 11.46 -16.13
C ALA G 233 19.41 10.53 -17.27
N LYS G 234 18.87 10.84 -18.47
CA LYS G 234 19.23 10.21 -19.74
C LYS G 234 20.39 10.94 -20.34
N SER G 235 21.08 10.28 -21.27
CA SER G 235 22.11 10.94 -22.07
C SER G 235 21.44 11.52 -23.32
N PHE G 236 22.23 12.15 -24.21
CA PHE G 236 21.67 12.67 -25.48
C PHE G 236 21.06 11.59 -26.34
N THR G 237 21.64 10.40 -26.36
CA THR G 237 21.00 9.29 -27.09
C THR G 237 19.83 8.72 -26.29
N GLY G 238 19.96 8.67 -24.97
CA GLY G 238 19.02 7.98 -24.10
C GLY G 238 19.60 7.02 -23.06
N ALA G 240 20.56 5.60 -19.94
CA ALA G 240 20.25 5.81 -18.53
C ALA G 240 20.53 4.56 -17.68
N ILE G 241 20.60 4.79 -16.38
CA ILE G 241 20.72 3.75 -15.38
C ILE G 241 19.31 3.42 -14.90
N GLN G 242 19.03 2.14 -14.69
CA GLN G 242 17.80 1.72 -14.03
C GLN G 242 18.01 1.56 -12.51
N SER G 243 18.98 0.74 -12.15
CA SER G 243 19.32 0.54 -10.75
C SER G 243 20.75 0.04 -10.60
N VAL G 244 21.27 0.20 -9.38
CA VAL G 244 22.51 -0.42 -8.96
C VAL G 244 22.15 -1.38 -7.82
N VAL G 245 22.90 -2.45 -7.69
CA VAL G 245 22.43 -3.60 -6.95
C VAL G 245 23.66 -4.37 -6.47
N ALA G 247 26.17 -7.46 -6.12
CA ALA G 247 26.57 -8.60 -6.95
C ALA G 247 25.91 -9.91 -6.45
N ASN G 248 25.89 -10.10 -5.12
CA ASN G 248 25.46 -11.34 -4.46
C ASN G 248 23.97 -11.44 -4.34
N ASP G 249 23.36 -10.36 -3.86
CA ASP G 249 21.91 -10.27 -3.79
C ASP G 249 21.37 -9.29 -4.84
N HIS G 250 20.95 -9.84 -5.97
CA HIS G 250 20.26 -9.05 -7.01
C HIS G 250 18.98 -8.33 -6.51
N ASP G 251 18.50 -8.63 -5.32
CA ASP G 251 17.38 -7.91 -4.72
C ASP G 251 17.78 -6.72 -3.88
N GLN G 252 19.02 -6.72 -3.37
CA GLN G 252 19.52 -5.57 -2.62
C GLN G 252 19.83 -4.37 -3.53
N GLU G 253 18.94 -3.37 -3.54
CA GLU G 253 19.21 -2.11 -4.25
C GLU G 253 20.34 -1.35 -3.53
N LEU G 254 20.96 -0.38 -4.17
CA LEU G 254 22.04 0.39 -3.53
C LEU G 254 21.91 1.85 -3.85
N PRO G 255 22.40 2.73 -2.96
CA PRO G 255 22.31 4.15 -3.23
C PRO G 255 23.27 4.55 -4.32
N TYR G 256 22.86 5.49 -5.18
CA TYR G 256 23.76 6.12 -6.16
C TYR G 256 23.23 7.44 -6.69
N ASP G 257 24.12 8.17 -7.32
CA ASP G 257 23.81 9.32 -8.15
C ASP G 257 24.25 9.03 -9.59
N VAL G 258 23.70 9.74 -10.56
CA VAL G 258 24.22 9.69 -11.94
C VAL G 258 24.29 11.07 -12.58
N ILE G 259 25.43 11.35 -13.22
CA ILE G 259 25.62 12.56 -14.04
C ILE G 259 25.71 12.26 -15.54
N THR G 260 24.77 12.78 -16.32
CA THR G 260 24.91 12.79 -17.77
C THR G 260 25.42 14.18 -18.19
N SER G 261 26.30 14.16 -19.22
CA SER G 261 26.99 15.34 -19.74
C SER G 261 27.16 15.23 -21.26
N LEU G 262 27.12 16.40 -21.93
CA LEU G 262 27.33 16.54 -23.39
C LEU G 262 28.28 17.69 -23.66
N LYS G 263 29.29 17.44 -24.50
CA LYS G 263 30.33 18.42 -24.85
C LYS G 263 30.53 18.43 -26.37
N SER G 264 30.60 19.63 -26.93
CA SER G 264 31.05 19.81 -28.30
C SER G 264 32.59 19.68 -28.32
N ASP G 265 33.15 19.04 -29.37
CA ASP G 265 34.61 18.99 -29.60
C ASP G 265 35.00 19.69 -30.92
N GLU G 266 34.89 19.02 -32.04
CA GLU G 266 34.98 19.66 -33.36
C GLU G 266 33.54 19.96 -33.82
N TYR G 267 33.07 21.14 -33.41
CA TYR G 267 31.72 21.58 -33.74
C TYR G 267 31.86 22.86 -34.54
N LEU G 268 31.58 22.80 -35.86
CA LEU G 268 31.87 23.95 -36.74
C LEU G 268 31.06 24.18 -38.03
N VAL G 269 31.00 25.48 -38.40
CA VAL G 269 30.43 25.94 -39.66
C VAL G 269 31.56 26.36 -40.61
N GLN G 270 31.51 25.86 -41.84
CA GLN G 270 32.64 25.90 -42.78
C GLN G 270 32.16 25.83 -44.22
N ASP H 8 -29.43 51.56 -37.42
CA ASP H 8 -29.26 52.00 -38.85
C ASP H 8 -28.40 51.02 -39.66
N VAL H 9 -28.32 51.31 -40.95
CA VAL H 9 -27.31 50.74 -41.82
C VAL H 9 -26.70 52.02 -42.40
N PRO H 10 -25.60 52.50 -41.78
CA PRO H 10 -25.19 53.92 -41.69
C PRO H 10 -25.21 54.76 -42.98
N GLU H 11 -25.41 56.07 -42.79
CA GLU H 11 -25.51 57.05 -43.87
C GLU H 11 -24.21 57.15 -44.67
N ASN H 12 -24.36 57.21 -45.98
CA ASN H 12 -23.26 57.37 -46.92
C ASN H 12 -23.40 58.70 -47.68
N ASN H 13 -22.36 59.52 -47.60
CA ASN H 13 -22.24 60.75 -48.40
C ASN H 13 -21.15 60.59 -49.43
N GLY H 14 -21.25 59.56 -50.27
CA GLY H 14 -20.26 59.33 -51.33
C GLY H 14 -19.45 58.08 -51.10
N ILE H 15 -18.41 58.19 -50.28
CA ILE H 15 -17.57 57.06 -49.87
C ILE H 15 -17.78 56.78 -48.38
N LEU H 16 -18.06 55.51 -48.03
CA LEU H 16 -18.05 55.02 -46.62
C LEU H 16 -17.15 53.80 -46.40
N ILE H 17 -15.93 54.04 -45.94
CA ILE H 17 -15.01 52.95 -45.62
C ILE H 17 -15.37 52.37 -44.25
N SER H 18 -15.68 51.08 -44.15
CA SER H 18 -15.90 50.41 -42.83
C SER H 18 -14.79 49.42 -42.42
N ILE H 19 -14.17 49.62 -41.25
CA ILE H 19 -13.29 48.59 -40.66
C ILE H 19 -14.01 47.79 -39.54
N LYS H 20 -14.30 46.51 -39.80
CA LYS H 20 -15.18 45.74 -38.90
C LYS H 20 -14.51 44.46 -38.39
N GLU H 21 -13.98 44.59 -37.17
CA GLU H 21 -13.29 43.54 -36.48
C GLU H 21 -14.26 42.83 -35.48
N VAL H 22 -14.05 41.53 -35.28
CA VAL H 22 -14.88 40.69 -34.43
C VAL H 22 -14.04 39.81 -33.51
N ILE H 23 -14.22 39.95 -32.20
CA ILE H 23 -13.36 39.28 -31.23
C ILE H 23 -14.02 38.07 -30.54
N ASN H 24 -13.27 36.97 -30.52
CA ASN H 24 -13.65 35.76 -29.84
C ASN H 24 -12.70 35.58 -28.69
N ALA H 25 -13.24 35.33 -27.52
CA ALA H 25 -12.39 35.07 -26.35
C ALA H 25 -13.04 34.06 -25.38
N GLU H 26 -12.18 33.28 -24.72
CA GLU H 26 -12.61 32.26 -23.77
C GLU H 26 -11.83 32.49 -22.46
N PHE H 27 -12.59 32.52 -21.36
CA PHE H 27 -12.06 32.72 -20.01
C PHE H 27 -12.37 31.55 -19.04
N SER H 28 -11.40 31.22 -18.19
CA SER H 28 -11.63 30.28 -17.09
C SER H 28 -12.55 30.90 -16.06
N ARG H 29 -12.97 30.14 -15.06
CA ARG H 29 -13.93 30.64 -14.06
C ARG H 29 -13.39 31.88 -13.33
N ASP H 30 -12.18 31.75 -12.79
CA ASP H 30 -11.48 32.86 -12.16
C ASP H 30 -11.27 34.00 -13.13
N GLY H 31 -11.01 33.68 -14.39
CA GLY H 31 -10.70 34.66 -15.43
C GLY H 31 -9.29 34.56 -16.00
N THR H 32 -8.73 33.35 -16.07
CA THR H 32 -7.56 33.09 -16.90
C THR H 32 -7.99 33.15 -18.38
N ILE H 33 -7.07 33.63 -19.22
CA ILE H 33 -7.33 33.81 -20.63
C ILE H 33 -6.97 32.48 -21.29
N HIS H 34 -7.94 31.83 -21.93
CA HIS H 34 -7.67 30.56 -22.59
C HIS H 34 -7.17 30.76 -24.02
N SER H 35 -7.88 31.60 -24.75
CA SER H 35 -7.64 31.79 -26.17
C SER H 35 -8.44 32.98 -26.66
N SER H 36 -8.07 33.44 -27.85
CA SER H 36 -8.82 34.47 -28.53
C SER H 36 -8.48 34.51 -30.01
N GLU H 37 -9.41 35.05 -30.78
CA GLU H 37 -9.28 35.16 -32.21
C GLU H 37 -9.99 36.41 -32.64
N LEU H 38 -9.30 37.21 -33.45
CA LEU H 38 -9.82 38.46 -33.96
C LEU H 38 -9.85 38.35 -35.46
N LYS H 39 -11.05 38.44 -36.06
CA LYS H 39 -11.25 38.47 -37.52
C LYS H 39 -11.70 39.87 -37.93
N GLY H 40 -11.02 40.50 -38.88
CA GLY H 40 -11.38 41.85 -39.34
C GLY H 40 -11.53 41.93 -40.85
N VAL H 41 -12.51 42.69 -41.31
CA VAL H 41 -12.70 42.94 -42.76
C VAL H 41 -12.76 44.45 -43.01
N LEU H 42 -12.30 44.87 -44.18
CA LEU H 42 -12.32 46.27 -44.59
C LEU H 42 -13.30 46.41 -45.74
N GLU H 43 -14.41 47.07 -45.48
CA GLU H 43 -15.48 47.26 -46.45
C GLU H 43 -15.45 48.66 -47.03
N LEU H 44 -16.03 48.76 -48.23
CA LEU H 44 -16.07 49.99 -49.00
C LEU H 44 -17.47 50.13 -49.57
N ARG H 45 -18.08 51.28 -49.34
CA ARG H 45 -19.42 51.56 -49.85
C ARG H 45 -19.35 52.86 -50.64
N ILE H 46 -19.78 52.81 -51.92
CA ILE H 46 -19.79 54.00 -52.78
C ILE H 46 -21.16 54.18 -53.44
N ASN H 47 -21.68 55.41 -53.41
CA ASN H 47 -23.00 55.75 -54.00
C ASN H 47 -22.99 56.87 -55.05
N ASP H 48 -21.79 57.32 -55.45
CA ASP H 48 -21.59 58.38 -56.43
C ASP H 48 -20.55 57.95 -57.46
N HIS H 49 -20.99 57.76 -58.71
CA HIS H 49 -20.13 57.28 -59.79
CA HIS H 49 -20.11 57.28 -59.80
C HIS H 49 -18.83 58.11 -59.95
N ASP H 50 -18.86 59.39 -59.57
CA ASP H 50 -17.65 60.24 -59.64
C ASP H 50 -16.55 59.79 -58.66
N LEU H 51 -16.94 58.99 -57.67
CA LEU H 51 -16.02 58.48 -56.66
C LEU H 51 -15.71 56.98 -56.84
N SER H 52 -16.04 56.40 -58.00
CA SER H 52 -15.73 54.99 -58.32
C SER H 52 -14.25 54.72 -58.61
N HIS H 53 -13.56 55.68 -59.24
CA HIS H 53 -12.18 55.47 -59.69
CA HIS H 53 -12.18 55.44 -59.67
C HIS H 53 -11.18 55.92 -58.62
N SER H 54 -11.39 55.44 -57.38
CA SER H 54 -10.61 55.84 -56.21
C SER H 54 -9.76 54.71 -55.62
N ASN H 55 -8.71 55.11 -54.90
CA ASN H 55 -7.74 54.25 -54.23
C ASN H 55 -7.63 54.65 -52.74
N LEU H 56 -8.01 53.74 -51.84
CA LEU H 56 -7.79 53.97 -50.39
C LEU H 56 -6.32 53.72 -50.15
N LYS H 57 -5.67 54.54 -49.33
CA LYS H 57 -4.34 54.20 -48.82
C LYS H 57 -4.34 54.20 -47.31
N LEU H 58 -3.76 53.14 -46.75
CA LEU H 58 -3.88 52.81 -45.34
C LEU H 58 -2.80 53.49 -44.53
N ALA H 59 -3.10 53.76 -43.25
CA ALA H 59 -2.20 54.49 -42.37
C ALA H 59 -0.85 53.77 -42.26
N ASP H 60 0.22 54.52 -42.54
CA ASP H 60 1.58 53.94 -42.63
C ASP H 60 2.04 53.14 -41.40
N SER H 61 1.31 53.23 -40.30
CA SER H 61 1.54 52.41 -39.11
C SER H 61 0.91 50.97 -39.12
N ILE H 62 0.69 50.41 -40.31
CA ILE H 62 0.18 49.04 -40.49
C ILE H 62 1.26 48.17 -41.13
N ASP H 63 1.85 47.28 -40.33
CA ASP H 63 2.81 46.31 -40.82
C ASP H 63 2.08 45.24 -41.66
N VAL H 64 1.99 45.47 -42.96
CA VAL H 64 1.32 44.52 -43.89
C VAL H 64 2.13 43.27 -44.22
N ARG H 65 3.41 43.26 -43.86
CA ARG H 65 4.25 42.09 -44.05
C ARG H 65 4.01 41.01 -42.98
N ASP H 66 3.33 41.37 -41.89
CA ASP H 66 2.90 40.45 -40.81
C ASP H 66 2.00 39.32 -41.37
N LYS H 67 2.54 38.10 -41.40
CA LYS H 67 1.83 36.91 -41.88
C LYS H 67 1.00 36.30 -40.75
N SER H 68 1.26 36.75 -39.52
CA SER H 68 0.44 36.39 -38.35
C SER H 68 -0.95 36.99 -38.44
N PHE H 69 -1.15 37.98 -39.32
CA PHE H 69 -2.49 38.55 -39.62
C PHE H 69 -3.19 37.99 -40.88
N GLN H 70 -2.54 37.06 -41.61
CA GLN H 70 -3.06 36.51 -42.88
C GLN H 70 -3.89 37.50 -43.68
N PHE H 71 -3.27 38.63 -44.00
CA PHE H 71 -3.91 39.64 -44.83
C PHE H 71 -4.20 39.04 -46.20
N LYS H 72 -5.47 39.00 -46.53
CA LYS H 72 -5.90 38.42 -47.78
C LYS H 72 -6.73 39.49 -48.49
N THR H 73 -6.27 39.93 -49.65
CA THR H 73 -6.98 40.95 -50.43
C THR H 73 -8.11 40.28 -51.21
N HIS H 74 -8.99 41.06 -51.84
CA HIS H 74 -10.00 40.47 -52.72
C HIS H 74 -9.28 39.98 -53.99
N PRO H 75 -9.87 38.98 -54.67
CA PRO H 75 -9.47 38.63 -56.03
C PRO H 75 -9.35 39.83 -57.00
N ASN H 76 -10.32 40.75 -56.93
CA ASN H 76 -10.33 41.97 -57.76
C ASN H 76 -9.37 43.09 -57.30
N ILE H 77 -8.49 42.83 -56.31
CA ILE H 77 -7.60 43.86 -55.76
C ILE H 77 -6.14 43.52 -56.01
N ASP H 78 -5.40 44.55 -56.44
CA ASP H 78 -3.96 44.47 -56.69
C ASP H 78 -3.19 44.29 -55.40
N LYS H 79 -2.42 43.19 -55.35
CA LYS H 79 -1.77 42.75 -54.12
C LYS H 79 -0.34 43.29 -53.92
N GLN H 80 0.38 43.63 -55.00
CA GLN H 80 1.75 44.16 -54.85
C GLN H 80 1.74 45.64 -54.45
N SER H 81 0.73 46.36 -54.93
CA SER H 81 0.42 47.72 -54.43
C SER H 81 0.05 47.70 -52.93
N PHE H 82 -0.72 46.69 -52.51
CA PHE H 82 -1.00 46.50 -51.09
C PHE H 82 0.28 46.26 -50.27
N LEU H 83 1.20 45.43 -50.76
CA LEU H 83 2.37 45.02 -49.97
C LEU H 83 3.40 46.14 -49.76
N SER H 84 3.85 46.75 -50.85
CA SER H 84 4.89 47.78 -50.76
C SER H 84 4.28 49.15 -50.43
N THR H 85 3.24 49.51 -51.20
CA THR H 85 2.62 50.83 -51.06
C THR H 85 1.77 50.99 -49.79
N LYS H 86 0.95 49.98 -49.49
CA LYS H 86 -0.13 50.01 -48.47
C LYS H 86 -1.33 50.73 -49.04
N LEU H 87 -1.77 50.24 -50.19
CA LEU H 87 -2.73 50.93 -51.01
C LEU H 87 -3.74 49.93 -51.49
N ILE H 88 -5.00 50.13 -51.13
CA ILE H 88 -6.07 49.32 -51.70
C ILE H 88 -6.46 49.98 -53.02
N SER H 89 -6.04 49.33 -54.11
CA SER H 89 -6.22 49.83 -55.47
C SER H 89 -6.63 48.66 -56.34
N LEU H 90 -7.42 48.92 -57.37
CA LEU H 90 -7.94 47.84 -58.22
C LEU H 90 -6.84 47.14 -59.05
N ARG H 91 -7.14 45.91 -59.47
CA ARG H 91 -6.24 45.10 -60.29
C ARG H 91 -6.27 45.49 -61.78
N ASP H 92 -7.38 46.05 -62.26
CA ASP H 92 -7.47 46.61 -63.61
C ASP H 92 -7.56 48.13 -63.47
N LYS H 93 -6.43 48.83 -63.64
CA LYS H 93 -6.29 50.28 -63.32
C LYS H 93 -7.38 51.19 -63.90
N SER H 94 -7.86 50.84 -65.11
CA SER H 94 -8.90 51.60 -65.81
C SER H 94 -10.28 51.42 -65.17
N LYS H 95 -10.65 50.17 -64.92
CA LYS H 95 -11.97 49.83 -64.34
C LYS H 95 -12.16 50.37 -62.91
N ALA H 96 -13.39 50.25 -62.37
CA ALA H 96 -13.78 50.96 -61.13
C ALA H 96 -14.67 50.14 -60.18
N PHE H 97 -14.83 50.62 -58.94
CA PHE H 97 -15.69 49.99 -57.91
C PHE H 97 -17.15 50.31 -58.15
N PRO H 98 -18.06 49.36 -57.87
CA PRO H 98 -19.52 49.61 -57.97
C PRO H 98 -20.01 50.80 -57.16
N ALA H 99 -20.92 51.59 -57.73
CA ALA H 99 -21.45 52.79 -57.08
C ALA H 99 -22.91 52.61 -56.64
N ASN H 100 -23.24 51.40 -56.20
CA ASN H 100 -24.61 51.02 -55.82
C ASN H 100 -24.80 50.99 -54.29
N ASP H 101 -23.91 51.68 -53.57
CA ASP H 101 -23.90 51.72 -52.11
C ASP H 101 -23.72 50.33 -51.47
N GLN H 102 -23.10 49.40 -52.20
CA GLN H 102 -22.97 48.01 -51.76
C GLN H 102 -21.69 47.81 -50.99
N SER H 103 -21.78 46.98 -49.97
CA SER H 103 -20.64 46.73 -49.10
C SER H 103 -19.68 45.84 -49.86
N LEU H 104 -18.50 46.38 -50.16
CA LEU H 104 -17.43 45.69 -50.89
C LEU H 104 -16.25 45.38 -49.97
N GLY H 105 -16.10 44.12 -49.59
CA GLY H 105 -14.94 43.69 -48.84
C GLY H 105 -13.73 43.74 -49.75
N VAL H 106 -12.68 44.38 -49.27
CA VAL H 106 -11.44 44.53 -50.01
C VAL H 106 -10.19 44.06 -49.23
N LEU H 107 -10.36 43.58 -48.00
CA LEU H 107 -9.22 43.17 -47.16
C LEU H 107 -9.73 42.43 -45.94
N ARG H 108 -9.20 41.24 -45.73
CA ARG H 108 -9.57 40.36 -44.63
C ARG H 108 -8.31 40.12 -43.84
N TRP H 109 -8.47 39.99 -42.53
CA TRP H 109 -7.41 39.47 -41.67
C TRP H 109 -7.97 38.51 -40.62
N ARG H 110 -7.07 37.84 -39.93
CA ARG H 110 -7.41 37.00 -38.77
C ARG H 110 -6.19 36.97 -37.87
N LYS H 111 -6.35 37.07 -36.55
CA LYS H 111 -5.22 36.89 -35.63
C LYS H 111 -5.59 36.17 -34.37
N VAL H 112 -4.63 35.38 -33.89
CA VAL H 112 -4.86 34.37 -32.85
C VAL H 112 -3.90 34.60 -31.69
N ALA H 113 -4.43 34.52 -30.48
CA ALA H 113 -3.66 34.67 -29.24
C ALA H 113 -3.85 33.45 -28.32
N PRO H 114 -2.74 32.93 -27.72
CA PRO H 114 -2.80 31.73 -26.89
C PRO H 114 -3.21 32.03 -25.44
N ALA H 115 -3.06 31.04 -24.56
CA ALA H 115 -3.50 31.18 -23.19
C ALA H 115 -2.62 32.20 -22.43
N GLU H 116 -3.28 32.96 -21.55
CA GLU H 116 -2.70 34.07 -20.77
C GLU H 116 -2.28 35.34 -21.58
N ASP H 117 -2.36 35.32 -22.92
CA ASP H 117 -2.12 36.51 -23.73
C ASP H 117 -3.39 37.36 -23.75
N ASP H 118 -3.27 38.65 -23.42
CA ASP H 118 -4.40 39.60 -23.45
C ASP H 118 -4.32 40.66 -24.57
N SER H 119 -3.38 40.49 -25.50
CA SER H 119 -3.15 41.45 -26.59
C SER H 119 -4.35 41.67 -27.52
N LEU H 120 -5.30 40.71 -27.59
CA LEU H 120 -6.50 40.89 -28.39
C LEU H 120 -7.75 41.05 -27.56
N ILE H 121 -7.61 41.26 -26.25
CA ILE H 121 -8.80 41.30 -25.36
C ILE H 121 -9.28 42.71 -25.05
N PRO H 122 -10.45 43.11 -25.57
CA PRO H 122 -11.02 44.38 -25.16
C PRO H 122 -11.61 44.42 -23.74
N LEU H 123 -12.15 43.30 -23.24
CA LEU H 123 -12.87 43.27 -21.95
C LEU H 123 -12.53 42.06 -21.09
N THR H 124 -11.43 42.12 -20.31
CA THR H 124 -11.03 41.04 -19.35
C THR H 124 -12.14 40.71 -18.36
N LEU H 125 -12.45 39.42 -18.22
CA LEU H 125 -13.54 38.94 -17.36
C LEU H 125 -13.03 38.01 -16.27
N THR H 126 -13.77 37.99 -15.17
CA THR H 126 -13.51 37.18 -13.97
C THR H 126 -14.85 36.87 -13.34
N THR H 127 -14.99 35.66 -12.81
CA THR H 127 -16.07 35.38 -11.86
C THR H 127 -15.52 34.80 -10.58
N ALA H 128 -16.23 35.11 -9.50
CA ALA H 128 -16.20 34.33 -8.28
C ALA H 128 -17.68 34.04 -7.96
N VAL H 129 -17.90 32.89 -7.32
CA VAL H 129 -19.22 32.47 -6.85
C VAL H 129 -19.02 31.74 -5.50
N SER H 130 -19.71 32.23 -4.46
CA SER H 130 -19.87 31.50 -3.19
C SER H 130 -21.38 31.45 -2.83
N PRO H 131 -21.78 30.49 -1.94
CA PRO H 131 -23.23 30.19 -1.80
C PRO H 131 -24.06 31.21 -0.99
N SER H 132 -25.38 31.13 -1.16
CA SER H 132 -26.34 32.17 -0.71
C SER H 132 -27.09 31.84 0.59
N GLU H 133 -28.00 32.73 0.98
CA GLU H 133 -29.06 32.45 1.97
C GLU H 133 -30.44 33.02 1.60
N SER H 134 -30.48 34.19 0.94
CA SER H 134 -31.75 34.81 0.48
C SER H 134 -32.54 34.00 -0.55
N GLN H 135 -31.85 33.12 -1.30
CA GLN H 135 -32.50 32.20 -2.26
C GLN H 135 -31.76 30.85 -2.28
N GLN H 136 -32.36 29.87 -2.97
CA GLN H 136 -31.70 28.58 -3.24
C GLN H 136 -30.70 28.72 -4.39
N GLY H 137 -29.52 29.29 -4.11
CA GLY H 137 -28.50 29.43 -5.15
C GLY H 137 -27.17 30.02 -4.68
N PHE H 138 -26.55 30.83 -5.55
CA PHE H 138 -25.22 31.41 -5.28
C PHE H 138 -25.18 32.94 -5.46
N ASP H 139 -24.09 33.52 -4.95
CA ASP H 139 -23.80 34.95 -5.05
C ASP H 139 -22.65 35.18 -6.02
N VAL H 140 -22.93 35.90 -7.10
CA VAL H 140 -22.10 35.96 -8.32
C VAL H 140 -21.44 37.35 -8.49
N ILE H 141 -20.11 37.41 -8.57
CA ILE H 141 -19.38 38.68 -8.79
C ILE H 141 -18.53 38.61 -10.09
N ILE H 142 -19.06 39.22 -11.16
CA ILE H 142 -18.42 39.24 -12.49
C ILE H 142 -17.56 40.49 -12.58
N GLU H 143 -16.25 40.32 -12.51
CA GLU H 143 -15.35 41.47 -12.47
C GLU H 143 -14.80 41.84 -13.86
N TYR H 144 -15.55 42.68 -14.59
CA TYR H 144 -15.11 43.18 -15.90
C TYR H 144 -14.20 44.38 -15.80
N GLU H 145 -13.34 44.54 -16.80
CA GLU H 145 -12.43 45.68 -16.91
C GLU H 145 -12.12 46.00 -18.37
N SER H 146 -12.58 47.15 -18.87
CA SER H 146 -12.33 47.56 -20.26
C SER H 146 -10.93 48.19 -20.46
N VAL H 147 -10.28 47.90 -21.59
CA VAL H 147 -9.08 48.62 -22.01
C VAL H 147 -9.30 49.27 -23.39
N LEU H 148 -10.57 49.49 -23.74
CA LEU H 148 -10.95 50.19 -24.96
C LEU H 148 -10.87 51.72 -24.75
N GLU H 149 -10.63 52.44 -25.85
CA GLU H 149 -10.52 53.90 -25.82
C GLU H 149 -11.88 54.60 -25.68
N THR H 150 -12.94 53.97 -26.16
CA THR H 150 -14.30 54.50 -26.02
C THR H 150 -15.08 53.67 -25.01
N GLU H 151 -16.33 54.05 -24.81
CA GLU H 151 -17.25 53.30 -23.97
C GLU H 151 -17.96 52.19 -24.76
N LEU H 152 -18.46 51.21 -24.02
CA LEU H 152 -19.24 50.08 -24.55
C LEU H 152 -20.70 50.24 -24.13
N ALA H 153 -21.62 50.26 -25.09
CA ALA H 153 -23.04 50.48 -24.83
C ALA H 153 -23.81 49.18 -24.94
N ASP H 154 -24.72 48.95 -24.00
CA ASP H 154 -25.60 47.76 -23.98
C ASP H 154 -24.85 46.42 -24.01
N VAL H 155 -24.00 46.25 -23.01
CA VAL H 155 -23.24 45.02 -22.79
C VAL H 155 -24.14 43.99 -22.10
N ILE H 156 -24.46 42.89 -22.77
CA ILE H 156 -25.35 41.83 -22.23
C ILE H 156 -24.56 40.65 -21.63
N PHE H 157 -24.69 40.42 -20.32
CA PHE H 157 -24.26 39.14 -19.69
C PHE H 157 -25.41 38.13 -19.64
N THR H 158 -25.18 36.92 -20.15
CA THR H 158 -26.19 35.85 -20.18
C THR H 158 -25.78 34.65 -19.31
N ILE H 159 -26.72 34.16 -18.51
CA ILE H 159 -26.54 33.00 -17.63
C ILE H 159 -27.48 31.90 -18.15
N PRO H 160 -26.96 30.68 -18.39
CA PRO H 160 -27.70 29.66 -19.15
C PRO H 160 -28.61 28.73 -18.28
N VAL H 161 -29.67 29.30 -17.70
CA VAL H 161 -30.57 28.59 -16.76
C VAL H 161 -32.06 28.94 -17.06
N PHE H 162 -32.95 28.73 -16.08
CA PHE H 162 -34.27 29.40 -16.03
C PHE H 162 -34.79 29.45 -14.58
N PRO H 163 -34.35 30.46 -13.78
CA PRO H 163 -34.64 30.39 -12.34
C PRO H 163 -36.10 30.62 -12.04
N GLN H 164 -36.56 30.08 -10.92
CA GLN H 164 -37.93 30.26 -10.51
C GLN H 164 -38.13 31.66 -9.91
N GLU H 165 -37.19 32.07 -9.06
CA GLU H 165 -37.21 33.40 -8.43
C GLU H 165 -36.74 34.48 -9.43
N PRO H 166 -37.38 35.70 -9.40
CA PRO H 166 -36.84 36.82 -10.20
C PRO H 166 -35.48 37.27 -9.66
N VAL H 167 -34.52 37.45 -10.56
CA VAL H 167 -33.12 37.57 -10.18
C VAL H 167 -32.85 38.90 -9.46
N ASP H 168 -32.27 38.82 -8.26
CA ASP H 168 -31.97 40.01 -7.43
C ASP H 168 -30.62 40.64 -7.82
N ILE H 169 -30.69 41.82 -8.46
CA ILE H 169 -29.51 42.53 -8.96
C ILE H 169 -28.91 43.38 -7.85
N ASN H 170 -27.89 42.83 -7.19
CA ASN H 170 -27.13 43.52 -6.14
C ASN H 170 -26.84 44.96 -6.57
N THR H 171 -27.68 45.87 -6.09
CA THR H 171 -27.90 47.17 -6.71
C THR H 171 -26.76 48.18 -6.38
N GLU H 172 -26.34 48.27 -5.11
CA GLU H 172 -25.23 49.18 -4.70
C GLU H 172 -23.83 48.51 -4.74
N SER H 173 -23.78 47.18 -4.81
CA SER H 173 -22.52 46.43 -4.92
C SER H 173 -21.84 46.55 -6.30
N SER H 174 -22.67 46.64 -7.36
CA SER H 174 -22.20 46.84 -8.75
C SER H 174 -21.55 48.21 -8.99
N THR H 175 -21.16 48.47 -10.24
CA THR H 175 -20.91 49.85 -10.72
C THR H 175 -22.03 50.33 -11.65
N CYS H 176 -22.90 49.43 -12.15
CA CYS H 176 -24.16 49.84 -12.79
C CYS H 176 -25.33 49.14 -12.09
N SER H 177 -26.24 49.97 -11.54
CA SER H 177 -27.39 49.54 -10.74
C SER H 177 -28.71 49.54 -11.53
N ASP H 178 -28.84 50.47 -12.47
CA ASP H 178 -29.93 50.42 -13.47
C ASP H 178 -29.90 49.10 -14.28
N ALA H 179 -28.75 48.42 -14.27
CA ALA H 179 -28.63 46.98 -14.58
C ALA H 179 -29.95 46.23 -14.41
N GLU H 180 -30.54 45.83 -15.53
CA GLU H 180 -31.92 45.35 -15.56
C GLU H 180 -32.02 44.08 -16.39
N VAL H 181 -32.67 43.05 -15.84
CA VAL H 181 -32.87 41.77 -16.53
C VAL H 181 -33.80 41.92 -17.74
N VAL H 182 -33.25 41.83 -18.95
CA VAL H 182 -33.95 42.25 -20.17
C VAL H 182 -34.40 41.11 -21.09
N ASN H 183 -34.21 39.87 -20.65
CA ASN H 183 -34.69 38.71 -21.41
C ASN H 183 -34.75 37.47 -20.55
N ASP H 185 -35.98 33.28 -21.10
CA ASP H 185 -36.08 32.32 -22.19
C ASP H 185 -35.53 31.02 -21.60
N GLN H 186 -36.39 30.01 -21.42
CA GLN H 186 -35.93 28.73 -20.85
C GLN H 186 -34.96 28.01 -21.78
N GLU H 187 -35.07 28.30 -23.08
CA GLU H 187 -34.09 27.85 -24.08
C GLU H 187 -32.69 28.44 -23.88
N GLY H 189 -31.52 31.53 -21.73
CA GLY H 189 -31.10 31.89 -20.38
C GLY H 189 -31.61 33.23 -19.89
N THR H 190 -31.03 33.68 -18.78
CA THR H 190 -31.35 34.97 -18.15
C THR H 190 -30.29 36.01 -18.53
N SER H 191 -30.74 37.12 -19.12
CA SER H 191 -29.85 38.14 -19.71
C SER H 191 -29.84 39.46 -18.91
N ILE H 192 -28.70 39.76 -18.26
CA ILE H 192 -28.50 40.98 -17.47
C ILE H 192 -27.80 42.05 -18.31
N LYS H 193 -28.58 42.97 -18.87
CA LYS H 193 -28.05 44.11 -19.66
C LYS H 193 -27.47 45.24 -18.80
N ILE H 194 -26.17 45.50 -18.95
CA ILE H 194 -25.57 46.74 -18.42
C ILE H 194 -25.84 47.89 -19.41
N SER H 195 -25.85 49.13 -18.90
CA SER H 195 -26.05 50.34 -19.72
C SER H 195 -24.80 50.76 -20.49
N LYS H 196 -23.69 50.90 -19.75
CA LYS H 196 -22.44 51.49 -20.24
C LYS H 196 -21.25 50.91 -19.46
N ILE H 197 -20.11 50.72 -20.13
CA ILE H 197 -18.82 50.49 -19.43
C ILE H 197 -17.86 51.59 -19.91
N ALA H 198 -17.26 52.31 -18.97
CA ALA H 198 -16.41 53.45 -19.32
C ALA H 198 -15.08 52.97 -19.89
N ALA H 199 -14.50 53.78 -20.76
CA ALA H 199 -13.17 53.53 -21.31
C ALA H 199 -12.10 53.34 -20.23
N ASN H 200 -11.26 52.33 -20.42
CA ASN H 200 -10.14 52.04 -19.53
C ASN H 200 -10.48 51.83 -18.04
N ASP H 201 -11.77 51.61 -17.76
CA ASP H 201 -12.30 51.63 -16.40
C ASP H 201 -12.75 50.21 -16.05
N ALA H 202 -12.22 49.73 -14.92
CA ALA H 202 -12.74 48.54 -14.20
C ALA H 202 -14.26 48.63 -13.92
N GLY H 203 -14.81 47.57 -13.34
CA GLY H 203 -16.23 47.55 -12.95
C GLY H 203 -16.59 46.20 -12.38
N ALA H 204 -17.89 46.00 -12.14
CA ALA H 204 -18.37 44.75 -11.54
C ALA H 204 -19.89 44.64 -11.66
N LEU H 205 -20.38 43.42 -11.88
CA LEU H 205 -21.81 43.10 -11.75
C LEU H 205 -21.87 42.09 -10.61
N ALA H 206 -22.86 42.28 -9.73
CA ALA H 206 -23.16 41.35 -8.63
C ALA H 206 -24.65 40.97 -8.64
N PHE H 207 -24.93 39.72 -8.30
CA PHE H 207 -26.31 39.20 -8.28
C PHE H 207 -26.46 37.84 -7.56
N THR H 208 -27.68 37.59 -7.10
CA THR H 208 -28.09 36.31 -6.50
C THR H 208 -29.09 35.64 -7.44
N ILE H 209 -28.85 34.37 -7.76
CA ILE H 209 -29.72 33.60 -8.66
C ILE H 209 -29.76 32.13 -8.26
N GLU H 210 -30.93 31.50 -8.46
CA GLU H 210 -31.13 30.09 -8.12
C GLU H 210 -30.48 29.14 -9.12
N ALA H 211 -29.69 28.19 -8.62
CA ALA H 211 -28.99 27.24 -9.48
C ALA H 211 -28.87 25.86 -8.84
N PRO H 212 -29.33 24.78 -9.54
CA PRO H 212 -29.15 23.41 -9.06
C PRO H 212 -27.78 23.13 -8.41
N TYR H 213 -26.70 23.45 -9.10
CA TYR H 213 -25.34 23.31 -8.56
C TYR H 213 -24.48 24.43 -9.16
N GLU H 214 -23.20 24.48 -8.79
CA GLU H 214 -22.29 25.54 -9.24
C GLU H 214 -22.03 25.55 -10.77
N ASP H 215 -22.16 24.40 -11.44
CA ASP H 215 -21.82 24.26 -12.87
C ASP H 215 -23.00 24.36 -13.88
N ALA H 216 -24.16 24.86 -13.43
CA ALA H 216 -25.29 25.20 -14.33
C ALA H 216 -25.37 26.72 -14.64
N LEU H 217 -24.64 27.52 -13.84
CA LEU H 217 -24.43 28.97 -14.09
C LEU H 217 -23.49 29.29 -15.29
N TYR H 218 -22.56 28.39 -15.59
CA TYR H 218 -21.58 28.55 -16.65
C TYR H 218 -22.11 27.72 -17.84
N PRO H 219 -21.70 27.99 -19.10
CA PRO H 219 -20.79 29.07 -19.49
C PRO H 219 -21.50 30.42 -19.52
N THR H 221 -21.93 33.93 -20.91
CA THR H 221 -21.71 34.70 -22.11
C THR H 221 -21.71 36.18 -21.78
N VAL H 222 -20.88 36.92 -22.52
CA VAL H 222 -20.97 38.36 -22.65
C VAL H 222 -21.19 38.65 -24.12
N SER H 223 -21.78 39.79 -24.41
CA SER H 223 -22.22 40.12 -25.74
C SER H 223 -22.29 41.64 -25.91
N PHE H 224 -21.16 42.22 -26.32
CA PHE H 224 -21.02 43.66 -26.53
C PHE H 224 -20.85 44.02 -28.02
N GLN H 225 -20.60 45.28 -28.28
CA GLN H 225 -20.62 45.84 -29.62
C GLN H 225 -20.15 47.27 -29.47
N GLU H 226 -19.50 47.82 -30.49
CA GLU H 226 -19.00 49.20 -30.42
C GLU H 226 -18.70 49.71 -31.84
N SER H 227 -18.85 51.02 -32.05
CA SER H 227 -18.77 51.66 -33.38
C SER H 227 -18.40 53.14 -33.32
N THR H 228 -17.46 53.58 -34.12
CA THR H 228 -16.92 54.97 -34.03
C THR H 228 -16.80 55.62 -35.41
N ARG H 229 -17.37 56.82 -35.58
CA ARG H 229 -17.41 57.50 -36.91
C ARG H 229 -16.38 58.59 -37.25
N ASP H 230 -15.48 58.96 -36.34
CA ASP H 230 -14.27 59.77 -36.65
C ASP H 230 -13.53 59.31 -37.95
N LYS H 231 -12.84 60.26 -38.59
CA LYS H 231 -12.06 60.03 -39.81
C LYS H 231 -10.60 59.61 -39.53
N LEU H 232 -10.08 59.98 -38.35
CA LEU H 232 -8.80 59.45 -37.88
C LEU H 232 -8.96 58.14 -37.10
N ALA H 233 -10.17 57.57 -37.12
CA ALA H 233 -10.51 56.39 -36.34
C ALA H 233 -9.63 55.20 -36.68
N LYS H 234 -8.99 54.65 -35.63
CA LYS H 234 -8.30 53.37 -35.66
C LYS H 234 -9.18 52.18 -35.19
N SER H 235 -8.92 51.01 -35.77
CA SER H 235 -9.47 49.74 -35.28
C SER H 235 -8.72 49.30 -34.02
N PHE H 236 -9.19 48.23 -33.38
CA PHE H 236 -8.52 47.67 -32.18
C PHE H 236 -7.01 47.37 -32.36
N THR H 237 -6.63 46.83 -33.52
CA THR H 237 -5.22 46.51 -33.81
C THR H 237 -4.35 47.67 -34.32
N GLY H 238 -4.90 48.87 -34.41
CA GLY H 238 -4.21 50.02 -35.02
C GLY H 238 -4.44 50.28 -36.52
N ALA H 240 -5.96 52.01 -39.60
CA ALA H 240 -6.64 53.26 -40.00
C ALA H 240 -6.42 53.54 -41.48
N ILE H 241 -7.27 54.42 -42.02
CA ILE H 241 -7.10 54.95 -43.36
C ILE H 241 -6.25 56.21 -43.26
N GLN H 242 -5.48 56.51 -44.30
CA GLN H 242 -4.68 57.75 -44.38
C GLN H 242 -5.32 58.78 -45.33
N SER H 243 -5.81 58.30 -46.47
CA SER H 243 -6.50 59.14 -47.46
C SER H 243 -7.06 58.31 -48.60
N VAL H 244 -8.21 58.73 -49.09
CA VAL H 244 -8.75 58.23 -50.34
C VAL H 244 -8.27 59.23 -51.39
N VAL H 245 -8.10 58.71 -52.60
CA VAL H 245 -7.35 59.38 -53.66
C VAL H 245 -7.93 58.88 -54.99
N ALA H 247 -7.61 57.25 -58.56
CA ALA H 247 -6.66 56.27 -59.17
C ALA H 247 -5.57 56.95 -60.02
N ASN H 248 -6.03 57.79 -60.95
CA ASN H 248 -5.17 58.48 -61.94
C ASN H 248 -4.28 59.52 -61.25
N ASP H 249 -4.91 60.54 -60.67
CA ASP H 249 -4.19 61.61 -59.97
C ASP H 249 -3.98 61.22 -58.48
N HIS H 250 -2.76 60.78 -58.17
CA HIS H 250 -2.41 60.44 -56.78
C HIS H 250 -2.30 61.65 -55.83
N ASP H 251 -2.21 62.86 -56.38
CA ASP H 251 -2.24 64.09 -55.56
C ASP H 251 -3.65 64.69 -55.38
N GLN H 252 -4.63 64.08 -56.05
CA GLN H 252 -6.05 64.45 -55.90
C GLN H 252 -6.71 63.70 -54.71
N GLU H 253 -7.03 64.46 -53.65
CA GLU H 253 -7.71 63.94 -52.45
C GLU H 253 -9.18 63.66 -52.77
N LEU H 254 -9.89 63.05 -51.83
CA LEU H 254 -11.33 62.79 -51.98
C LEU H 254 -12.07 62.86 -50.64
N PRO H 255 -13.41 62.98 -50.67
CA PRO H 255 -14.18 62.97 -49.41
C PRO H 255 -14.58 61.54 -48.99
N TYR H 256 -14.57 61.28 -47.67
CA TYR H 256 -14.97 59.98 -47.10
C TYR H 256 -15.13 60.04 -45.57
N ASP H 257 -15.99 59.17 -45.07
CA ASP H 257 -16.06 58.87 -43.64
C ASP H 257 -15.55 57.43 -43.45
N VAL H 258 -14.88 57.18 -42.34
CA VAL H 258 -14.53 55.83 -41.93
C VAL H 258 -15.34 55.44 -40.68
N ILE H 259 -15.94 54.25 -40.68
CA ILE H 259 -16.48 53.62 -39.46
C ILE H 259 -15.65 52.41 -39.00
N THR H 260 -14.86 52.62 -37.96
CA THR H 260 -14.26 51.54 -37.19
C THR H 260 -15.34 50.88 -36.32
N SER H 261 -15.24 49.55 -36.13
CA SER H 261 -16.23 48.81 -35.26
C SER H 261 -15.68 47.49 -34.69
N LEU H 262 -16.03 47.18 -33.43
CA LEU H 262 -15.65 45.92 -32.78
C LEU H 262 -16.81 45.26 -32.10
N LYS H 263 -17.25 44.12 -32.65
CA LYS H 263 -18.24 43.24 -32.03
C LYS H 263 -17.60 42.05 -31.30
N SER H 264 -18.18 41.66 -30.17
CA SER H 264 -17.97 40.31 -29.63
C SER H 264 -18.71 39.25 -30.47
N ASP H 265 -18.12 38.05 -30.61
CA ASP H 265 -18.89 36.88 -31.06
C ASP H 265 -18.92 35.84 -29.93
N GLU H 266 -18.06 34.83 -29.97
CA GLU H 266 -17.96 33.83 -28.90
C GLU H 266 -16.97 34.29 -27.83
N TYR H 267 -17.54 35.03 -26.90
CA TYR H 267 -16.82 35.69 -25.83
C TYR H 267 -17.48 35.09 -24.61
N LEU H 268 -16.72 34.40 -23.75
CA LEU H 268 -17.34 33.62 -22.67
C LEU H 268 -16.44 33.15 -21.53
N VAL H 269 -17.08 32.88 -20.38
CA VAL H 269 -16.42 32.37 -19.19
C VAL H 269 -16.95 30.96 -18.88
N GLN H 270 -16.04 30.00 -18.69
CA GLN H 270 -16.39 28.56 -18.68
C GLN H 270 -15.38 27.76 -17.86
N ASP I 1 -17.02 -29.83 75.63
CA ASP I 1 -15.87 -29.45 76.47
C ASP I 1 -14.72 -30.47 76.34
N ASP I 2 -13.64 -30.06 75.67
CA ASP I 2 -12.39 -30.86 75.64
C ASP I 2 -11.74 -31.02 77.05
N TRP I 3 -12.15 -30.15 77.98
CA TRP I 3 -11.57 -30.05 79.31
C TRP I 3 -12.37 -30.80 80.40
N ASN I 4 -13.32 -31.64 80.00
CA ASN I 4 -13.91 -32.62 80.92
C ASN I 4 -13.80 -34.03 80.33
N TRP I 5 -13.02 -34.85 81.00
CA TRP I 5 -12.83 -36.25 80.61
C TRP I 5 -12.38 -36.96 81.89
N GLU I 6 -12.66 -38.26 82.05
CA GLU I 6 -12.33 -38.91 83.34
C GLU I 6 -11.24 -39.91 83.14
N GLU I 8 -9.68 -43.34 83.44
CA GLU I 8 -10.30 -44.65 83.40
C GLU I 8 -9.45 -45.66 84.18
N ASP I 9 -9.81 -46.96 84.10
CA ASP I 9 -9.27 -48.05 84.96
C ASP I 9 -9.59 -47.84 86.47
N ASP J 1 -6.02 -13.10 -4.80
CA ASP J 1 -7.30 -12.87 -5.52
C ASP J 1 -7.29 -13.54 -6.90
N ASP J 2 -7.89 -14.73 -6.95
CA ASP J 2 -8.11 -15.46 -8.21
C ASP J 2 -9.13 -14.78 -9.17
N TRP J 3 -9.73 -13.66 -8.76
CA TRP J 3 -10.68 -12.93 -9.62
C TRP J 3 -10.09 -11.68 -10.30
N ASN J 4 -8.80 -11.38 -10.09
CA ASN J 4 -8.15 -10.29 -10.81
C ASN J 4 -7.04 -10.83 -11.71
N TRP J 5 -7.42 -11.03 -12.97
CA TRP J 5 -6.51 -11.40 -14.06
C TRP J 5 -6.95 -10.68 -15.32
N GLU J 6 -6.05 -10.49 -16.29
CA GLU J 6 -6.35 -9.71 -17.52
C GLU J 6 -6.07 -10.52 -18.77
N GLU J 8 -4.72 -11.55 -22.47
CA GLU J 8 -3.44 -11.33 -23.13
C GLU J 8 -3.53 -11.40 -24.65
N ASP J 9 -2.42 -10.99 -25.27
CA ASP J 9 -2.32 -10.48 -26.67
C ASP J 9 -2.56 -8.95 -26.64
N ASP K 1 -34.92 -32.16 70.05
CA ASP K 1 -36.16 -32.37 69.26
C ASP K 1 -37.39 -31.98 70.10
N ASP K 2 -38.19 -31.08 69.54
CA ASP K 2 -39.53 -30.79 70.07
C ASP K 2 -40.44 -32.03 70.24
N TRP K 3 -40.09 -33.15 69.60
CA TRP K 3 -40.81 -34.43 69.73
C TRP K 3 -40.37 -35.29 70.97
N ASN K 4 -39.28 -34.89 71.64
CA ASN K 4 -38.76 -35.52 72.87
C ASN K 4 -39.24 -34.86 74.18
N TRP K 5 -40.39 -35.29 74.66
CA TRP K 5 -40.97 -34.75 75.91
C TRP K 5 -41.88 -35.78 76.56
N GLU K 6 -42.03 -35.71 77.90
CA GLU K 6 -42.78 -36.73 78.66
C GLU K 6 -43.79 -36.13 79.64
N GLU K 8 -46.00 -35.19 82.65
CA GLU K 8 -45.67 -34.95 84.08
C GLU K 8 -46.86 -35.18 85.03
N ASP K 9 -46.62 -35.03 86.34
CA ASP K 9 -47.64 -35.19 87.42
C ASP K 9 -48.17 -36.64 87.54
N ASP L 1 9.77 -6.27 2.89
CA ASP L 1 11.22 -6.25 3.26
C ASP L 1 11.67 -4.88 3.79
N ASP L 2 11.92 -4.85 5.10
CA ASP L 2 12.29 -3.63 5.79
C ASP L 2 13.65 -3.09 5.35
N TRP L 3 14.50 -3.92 4.76
CA TRP L 3 15.88 -3.49 4.43
C TRP L 3 16.02 -2.94 2.99
N ASN L 4 14.89 -2.78 2.28
CA ASN L 4 14.84 -2.05 1.00
C ASN L 4 13.95 -0.82 1.04
N TRP L 5 14.58 0.33 0.87
CA TRP L 5 13.93 1.62 0.87
C TRP L 5 14.86 2.65 0.25
N GLU L 6 14.30 3.59 -0.52
CA GLU L 6 15.07 4.54 -1.33
C GLU L 6 15.01 5.89 -0.65
N GLU L 8 14.84 9.73 -0.22
CA GLU L 8 13.83 10.49 -0.99
C GLU L 8 14.16 11.98 -1.23
N ASP L 9 13.22 12.65 -1.92
CA ASP L 9 13.29 14.01 -2.54
C ASP L 9 14.63 14.52 -3.12
N ASP M 1 54.25 22.90 -46.49
CA ASP M 1 52.95 22.24 -46.14
C ASP M 1 51.93 22.42 -47.29
N ASP M 2 51.39 21.31 -47.78
CA ASP M 2 50.09 21.27 -48.44
C ASP M 2 49.47 22.68 -48.58
N TRP M 3 49.06 23.26 -47.45
CA TRP M 3 48.13 24.39 -47.44
C TRP M 3 48.72 25.78 -47.17
N ASN M 4 50.04 25.91 -47.01
CA ASN M 4 50.64 27.22 -46.67
C ASN M 4 51.51 27.66 -47.79
N TRP M 5 50.89 28.22 -48.82
CA TRP M 5 51.63 28.77 -49.94
C TRP M 5 51.07 30.13 -50.31
N GLU M 6 51.98 30.98 -50.81
CA GLU M 6 51.71 32.36 -51.17
C GLU M 6 51.77 32.44 -52.68
N GLU M 8 52.77 34.51 -56.29
CA GLU M 8 54.09 35.06 -56.64
C GLU M 8 54.02 36.05 -57.82
N ASP M 9 54.97 37.01 -57.79
CA ASP M 9 55.07 38.24 -58.66
C ASP M 9 54.46 39.47 -57.99
N ASP N 1 -25.29 13.53 -31.20
CA ASP N 1 -24.54 14.38 -30.22
C ASP N 1 -24.04 13.49 -29.08
N ASP N 2 -22.72 13.27 -29.04
CA ASP N 2 -22.08 12.52 -27.95
C ASP N 2 -22.30 13.09 -26.52
N TRP N 3 -22.79 14.33 -26.40
CA TRP N 3 -22.90 15.03 -25.10
C TRP N 3 -24.30 15.05 -24.48
N ASN N 4 -25.14 14.07 -24.83
CA ASN N 4 -26.58 14.26 -24.79
C ASN N 4 -27.27 13.08 -24.10
N TRP N 5 -26.75 12.72 -22.94
CA TRP N 5 -27.07 11.43 -22.33
C TRP N 5 -27.32 11.55 -20.84
N GLU N 6 -28.12 10.61 -20.33
CA GLU N 6 -28.61 10.61 -18.95
C GLU N 6 -28.09 9.42 -18.12
N GLU N 8 -28.44 6.33 -15.48
CA GLU N 8 -29.42 5.23 -15.45
C GLU N 8 -29.51 4.63 -14.04
N ASP N 9 -30.24 3.53 -13.86
CA ASP N 9 -30.51 2.94 -12.53
C ASP N 9 -31.37 3.92 -11.69
N ASP O 1 44.00 7.83 -17.30
CA ASP O 1 43.11 7.03 -18.19
C ASP O 1 42.01 6.30 -17.39
N ASP O 2 40.77 6.64 -17.70
CA ASP O 2 39.63 5.93 -17.13
C ASP O 2 39.62 4.42 -17.45
N TRP O 3 40.33 4.00 -18.50
CA TRP O 3 40.34 2.62 -19.01
C TRP O 3 41.48 1.75 -18.45
N ASN O 4 42.31 2.33 -17.59
CA ASN O 4 43.30 1.56 -16.84
C ASN O 4 42.85 1.39 -15.41
N TRP O 5 42.29 0.23 -15.13
CA TRP O 5 41.95 -0.12 -13.75
C TRP O 5 41.85 -1.63 -13.67
N GLU O 6 42.24 -2.17 -12.51
CA GLU O 6 42.16 -3.60 -12.24
C GLU O 6 41.22 -3.90 -11.08
N GLU O 8 39.84 -6.33 -7.77
CA GLU O 8 40.43 -6.41 -6.44
C GLU O 8 39.87 -7.60 -5.63
N ASP O 9 40.41 -7.80 -4.43
CA ASP O 9 40.35 -9.02 -3.58
C ASP O 9 41.61 -9.83 -3.88
N ASP P 1 -23.38 39.44 -48.14
CA ASP P 1 -22.07 38.84 -48.56
C ASP P 1 -21.15 39.90 -49.19
N ASP P 2 -20.20 40.37 -48.36
CA ASP P 2 -19.24 41.39 -48.78
C ASP P 2 -18.18 40.94 -49.81
N TRP P 3 -17.98 39.63 -50.02
CA TRP P 3 -16.89 39.14 -50.90
C TRP P 3 -17.33 38.85 -52.36
N ASN P 4 -18.65 38.90 -52.63
CA ASN P 4 -19.20 38.83 -53.98
C ASN P 4 -19.47 40.21 -54.59
N TRP P 5 -18.48 40.74 -55.31
CA TRP P 5 -18.64 41.94 -56.11
C TRP P 5 -17.78 41.87 -57.37
N GLU P 6 -18.34 42.41 -58.46
CA GLU P 6 -17.72 42.42 -59.80
C GLU P 6 -17.04 43.76 -60.09
N GLU P 8 -16.38 46.85 -61.84
CA GLU P 8 -17.38 47.62 -62.62
C GLU P 8 -16.62 48.47 -63.66
N ASP P 9 -17.38 49.04 -64.61
CA ASP P 9 -16.88 49.98 -65.64
C ASP P 9 -16.31 49.22 -66.86
#